data_3CF1
#
_entry.id   3CF1
#
_cell.length_a   162.660
_cell.length_b   178.020
_cell.length_c   321.140
_cell.angle_alpha   90.00
_cell.angle_beta   90.00
_cell.angle_gamma   90.00
#
_symmetry.space_group_name_H-M   'I 2 2 2'
#
loop_
_entity.id
_entity.type
_entity.pdbx_description
1 polymer 'Transitional endoplasmic reticulum ATPase'
2 non-polymer "ADENOSINE-5'-DIPHOSPHATE"
3 non-polymer 'ALUMINUM FLUORIDE'
#
_entity_poly.entity_id   1
_entity_poly.type   'polypeptide(L)'
_entity_poly.pdbx_seq_one_letter_code
;MASGADSKGDDLSTAILKQKNRPNRLIVDEAINEDNSVVSLSQPKMDELQLFRGDTVLLKGKKRREAVCIVLSDDTCSDE
KIRMNRVVRNNLRVRLGDVISIQPCPDVKYGKRIHVLPIDDTVEGITGNLFEVYLKPYFLEAYRPIRKGDIFLVRGGMRA
VEFKVVETDPSPYCIVAPDTVIHCEGEPIKREDEEESLNEVGYDDIGGCRKQLAQIKEMVELPLRHPALFKAIGVKPPRG
ILLYGPPGTGKTLIARAVANETGAFFFLINGPEIMSKLAGESESNLRKAFEEAEKNAPAIIFIDELDAIAPKREKTHGEV
ERRIVSQLLTLMDGLKQRAHVIVMAATNRPNSIDPALRRFGRFDREVDIGIPDATGRLEILQIHTKNMKLADDVDLEQVA
NETHGHVGADLAALCSEAALQAIRKKMDLIDLEDETIDAEVMNSLAVTMDDFRWALSQSNPSALRETVVEVPQVTWEDIG
GLEDVKRELQELVQYPVEHPDKFLKFGMTPSKGVLFYGPPGCGKTLLAKAIANECQANFISIKGPELLTMWFGESEANVR
EIFDKARQAAPCVLFFDELDSIAKARGGNIGDGGGAADRVINQILTEMDGMSTKKNVFIIGATNRPDIIDPAILRPGRLD
QLIYIPLPDEKSRVAILKANLRKSPVAKDVDLEFLAKMTNGFSGADLTEICQRACKLAIRESIESEIRRERERQTNPSAM
EVEEDDPVPEIRRDHFEEAMRFARRSVSDNDIRKYEMFAQTLQQSRGFGSFRFPSGNQGGAGPSQGSGGGTGGSVYTEDN
DDDLYG
;
_entity_poly.pdbx_strand_id   A,B,C
#
loop_
_chem_comp.id
_chem_comp.type
_chem_comp.name
_chem_comp.formula
ADP non-polymer ADENOSINE-5'-DIPHOSPHATE 'C10 H15 N5 O10 P2'
AF3 non-polymer 'ALUMINUM FLUORIDE' 'Al F3'
#
# COMPACT_ATOMS: atom_id res chain seq x y z
N ASN A 21 -14.29 -47.32 -13.89
CA ASN A 21 -14.24 -47.62 -15.35
C ASN A 21 -13.11 -48.58 -15.72
N ARG A 22 -13.40 -49.89 -15.69
CA ARG A 22 -12.43 -50.93 -16.01
C ARG A 22 -11.29 -51.01 -14.98
N PRO A 23 -11.29 -52.07 -14.14
CA PRO A 23 -10.24 -52.20 -13.12
C PRO A 23 -8.96 -52.61 -13.82
N ASN A 24 -8.79 -52.08 -15.03
CA ASN A 24 -7.61 -52.38 -15.82
C ASN A 24 -6.64 -51.21 -15.87
N ARG A 25 -7.16 -49.99 -15.79
CA ARG A 25 -6.31 -48.79 -15.82
C ARG A 25 -6.14 -48.13 -14.46
N LEU A 26 -4.94 -47.61 -14.20
CA LEU A 26 -4.61 -46.94 -12.94
C LEU A 26 -3.59 -45.82 -13.19
N ILE A 27 -2.91 -45.41 -12.13
CA ILE A 27 -1.90 -44.35 -12.22
C ILE A 27 -0.61 -44.78 -11.52
N VAL A 28 0.52 -44.51 -12.17
CA VAL A 28 1.81 -44.86 -11.61
C VAL A 28 2.27 -43.81 -10.60
N ASP A 29 2.50 -44.24 -9.36
CA ASP A 29 2.92 -43.36 -8.28
C ASP A 29 4.36 -43.71 -7.87
N GLU A 30 4.79 -43.24 -6.71
CA GLU A 30 6.13 -43.53 -6.23
C GLU A 30 6.27 -45.03 -6.03
N ALA A 31 7.37 -45.45 -5.41
CA ALA A 31 7.60 -46.87 -5.16
C ALA A 31 8.05 -47.15 -3.73
N ILE A 32 7.15 -47.66 -2.91
CA ILE A 32 7.46 -47.97 -1.52
C ILE A 32 8.35 -49.19 -1.45
N ASN A 33 8.42 -49.90 -2.56
CA ASN A 33 9.23 -51.09 -2.63
C ASN A 33 10.23 -50.90 -3.75
N GLU A 34 11.51 -50.86 -3.40
CA GLU A 34 12.55 -50.66 -4.40
C GLU A 34 13.04 -51.97 -5.01
N ASP A 35 12.21 -52.61 -5.82
CA ASP A 35 12.57 -53.86 -6.47
C ASP A 35 12.31 -53.78 -7.98
N ASN A 36 13.30 -54.17 -8.77
CA ASN A 36 13.19 -54.13 -10.23
C ASN A 36 12.13 -55.09 -10.75
N SER A 37 11.27 -55.58 -9.87
CA SER A 37 10.23 -56.52 -10.27
C SER A 37 9.05 -56.52 -9.32
N VAL A 38 8.31 -55.42 -9.29
CA VAL A 38 7.15 -55.33 -8.41
C VAL A 38 6.32 -54.08 -8.70
N VAL A 39 5.02 -54.18 -8.42
CA VAL A 39 4.10 -53.07 -8.63
C VAL A 39 3.11 -53.01 -7.49
N SER A 40 3.64 -52.75 -6.29
CA SER A 40 2.84 -52.67 -5.08
C SER A 40 1.47 -52.00 -5.27
N LEU A 41 0.41 -52.72 -4.90
CA LEU A 41 -0.96 -52.22 -5.00
C LEU A 41 -1.61 -52.31 -3.62
N SER A 42 -2.76 -51.66 -3.47
CA SER A 42 -3.48 -51.69 -2.21
C SER A 42 -4.19 -53.04 -2.03
N GLN A 43 -4.39 -53.43 -0.78
CA GLN A 43 -5.05 -54.70 -0.46
C GLN A 43 -6.44 -54.76 -1.08
N PRO A 44 -7.28 -53.75 -0.82
CA PRO A 44 -8.64 -53.75 -1.38
C PRO A 44 -8.66 -53.65 -2.90
N LYS A 45 -7.49 -53.45 -3.49
CA LYS A 45 -7.37 -53.34 -4.93
C LYS A 45 -7.20 -54.73 -5.54
N MET A 46 -6.31 -55.51 -4.94
CA MET A 46 -6.04 -56.87 -5.39
C MET A 46 -7.34 -57.64 -5.45
N ASP A 47 -8.11 -57.54 -4.37
CA ASP A 47 -9.39 -58.22 -4.26
C ASP A 47 -10.29 -57.87 -5.44
N GLU A 48 -10.15 -56.67 -5.96
CA GLU A 48 -10.95 -56.23 -7.08
C GLU A 48 -10.51 -56.95 -8.36
N LEU A 49 -9.22 -57.23 -8.45
CA LEU A 49 -8.65 -57.88 -9.61
C LEU A 49 -8.16 -59.30 -9.37
N GLN A 50 -8.66 -59.92 -8.30
CA GLN A 50 -8.31 -61.30 -7.96
C GLN A 50 -6.84 -61.66 -8.09
N LEU A 51 -6.00 -60.98 -7.32
CA LEU A 51 -4.56 -61.24 -7.37
C LEU A 51 -4.02 -61.65 -6.01
N PHE A 52 -3.25 -62.74 -6.00
CA PHE A 52 -2.65 -63.28 -4.78
C PHE A 52 -1.38 -62.48 -4.42
N ARG A 53 -0.67 -62.91 -3.37
CA ARG A 53 0.54 -62.25 -2.93
C ARG A 53 1.66 -62.45 -3.95
N GLY A 54 1.82 -63.70 -4.39
CA GLY A 54 2.86 -64.03 -5.35
C GLY A 54 2.35 -64.29 -6.75
N ASP A 55 1.25 -63.63 -7.10
CA ASP A 55 0.67 -63.75 -8.43
C ASP A 55 1.52 -62.84 -9.31
N THR A 56 2.21 -63.43 -10.28
CA THR A 56 3.03 -62.64 -11.18
C THR A 56 2.05 -61.87 -12.07
N VAL A 57 2.43 -60.67 -12.49
CA VAL A 57 1.56 -59.84 -13.31
C VAL A 57 2.12 -59.40 -14.65
N LEU A 58 1.23 -59.08 -15.58
CA LEU A 58 1.62 -58.62 -16.92
C LEU A 58 1.28 -57.13 -17.08
N LEU A 59 2.31 -56.30 -17.18
CA LEU A 59 2.11 -54.86 -17.35
C LEU A 59 2.27 -54.49 -18.81
N LYS A 60 1.69 -53.36 -19.18
CA LYS A 60 1.74 -52.88 -20.55
C LYS A 60 1.91 -51.35 -20.55
N GLY A 61 2.12 -50.77 -21.73
CA GLY A 61 2.30 -49.34 -21.81
C GLY A 61 1.67 -48.68 -23.03
N LYS A 62 1.59 -47.37 -23.00
CA LYS A 62 0.98 -46.66 -24.10
C LYS A 62 1.92 -46.50 -25.31
N LYS A 63 3.19 -46.86 -25.15
CA LYS A 63 4.17 -46.78 -26.25
C LYS A 63 4.23 -48.21 -26.73
N ARG A 64 3.34 -49.01 -26.14
CA ARG A 64 3.20 -50.40 -26.50
C ARG A 64 4.35 -51.34 -26.21
N ARG A 65 4.69 -51.46 -24.93
CA ARG A 65 5.73 -52.37 -24.46
C ARG A 65 5.25 -53.07 -23.22
N GLU A 66 5.47 -54.38 -23.14
CA GLU A 66 5.02 -55.14 -21.98
C GLU A 66 6.17 -55.56 -21.05
N ALA A 67 5.85 -55.71 -19.77
CA ALA A 67 6.81 -56.13 -18.75
C ALA A 67 6.13 -57.17 -17.86
N VAL A 68 6.87 -57.76 -16.93
CA VAL A 68 6.31 -58.78 -16.05
C VAL A 68 6.77 -58.64 -14.59
N CYS A 69 6.10 -57.79 -13.82
CA CYS A 69 6.48 -57.60 -12.43
C CYS A 69 5.68 -58.50 -11.50
N ILE A 70 5.64 -58.12 -10.22
CA ILE A 70 4.91 -58.88 -9.22
C ILE A 70 4.07 -57.92 -8.39
N VAL A 71 2.83 -58.31 -8.11
CA VAL A 71 1.91 -57.48 -7.35
C VAL A 71 2.00 -57.76 -5.86
N LEU A 72 1.85 -56.72 -5.04
CA LEU A 72 1.90 -56.83 -3.60
C LEU A 72 0.84 -55.97 -2.94
N SER A 73 0.78 -56.03 -1.62
CA SER A 73 -0.19 -55.25 -0.88
C SER A 73 0.50 -54.09 -0.16
N ASP A 74 -0.14 -52.93 -0.19
CA ASP A 74 0.39 -51.75 0.45
C ASP A 74 -0.73 -50.94 1.11
N ASP A 75 -0.80 -50.99 2.43
CA ASP A 75 -1.84 -50.28 3.17
C ASP A 75 -1.78 -48.79 2.96
N THR A 76 -0.57 -48.28 2.72
CA THR A 76 -0.36 -46.85 2.51
C THR A 76 -0.38 -46.51 1.02
N CYS A 77 -1.35 -47.05 0.30
CA CYS A 77 -1.48 -46.79 -1.13
C CYS A 77 -2.95 -46.79 -1.55
N SER A 78 -3.40 -45.67 -2.11
CA SER A 78 -4.79 -45.57 -2.54
C SER A 78 -5.04 -46.53 -3.69
N ASP A 79 -6.22 -47.14 -3.69
CA ASP A 79 -6.59 -48.10 -4.72
C ASP A 79 -6.35 -47.55 -6.12
N GLU A 80 -6.48 -46.23 -6.26
CA GLU A 80 -6.29 -45.58 -7.54
C GLU A 80 -4.81 -45.35 -7.86
N LYS A 81 -3.98 -46.33 -7.49
CA LYS A 81 -2.55 -46.23 -7.73
C LYS A 81 -1.85 -47.58 -7.88
N ILE A 82 -0.68 -47.54 -8.52
CA ILE A 82 0.16 -48.72 -8.74
C ILE A 82 1.62 -48.29 -8.61
N ARG A 83 2.17 -48.44 -7.40
CA ARG A 83 3.55 -48.05 -7.13
C ARG A 83 4.59 -48.86 -7.93
N MET A 84 5.65 -48.18 -8.35
CA MET A 84 6.74 -48.82 -9.11
C MET A 84 7.93 -47.86 -9.24
N ASN A 85 9.13 -48.39 -9.03
CA ASN A 85 10.35 -47.60 -9.11
C ASN A 85 10.64 -47.22 -10.56
N ARG A 86 11.66 -46.40 -10.77
CA ARG A 86 12.02 -45.96 -12.12
C ARG A 86 12.27 -47.09 -13.11
N VAL A 87 12.88 -48.19 -12.65
CA VAL A 87 13.17 -49.33 -13.53
C VAL A 87 11.89 -49.82 -14.18
N VAL A 88 10.92 -50.18 -13.34
CA VAL A 88 9.63 -50.65 -13.81
C VAL A 88 8.99 -49.53 -14.61
N ARG A 89 9.36 -48.29 -14.28
CA ARG A 89 8.82 -47.12 -14.97
C ARG A 89 9.36 -47.05 -16.39
N ASN A 90 10.67 -46.83 -16.51
CA ASN A 90 11.29 -46.73 -17.82
C ASN A 90 10.93 -47.88 -18.75
N ASN A 91 11.10 -49.11 -18.30
CA ASN A 91 10.77 -50.25 -19.16
C ASN A 91 9.35 -50.18 -19.72
N LEU A 92 8.48 -49.44 -19.04
CA LEU A 92 7.10 -49.31 -19.49
C LEU A 92 6.89 -48.03 -20.29
N ARG A 93 7.94 -47.23 -20.38
CA ARG A 93 7.87 -45.96 -21.12
C ARG A 93 6.75 -45.09 -20.58
N VAL A 94 6.44 -45.24 -19.30
CA VAL A 94 5.39 -44.47 -18.66
C VAL A 94 5.89 -43.65 -17.49
N ARG A 95 5.89 -42.33 -17.65
CA ARG A 95 6.32 -41.45 -16.59
C ARG A 95 5.31 -41.56 -15.47
N LEU A 96 5.49 -40.75 -14.43
CA LEU A 96 4.56 -40.77 -13.33
C LEU A 96 3.29 -40.00 -13.72
N GLY A 97 2.20 -40.73 -13.84
CA GLY A 97 0.93 -40.13 -14.20
C GLY A 97 0.22 -40.96 -15.25
N ASP A 98 0.89 -41.22 -16.37
CA ASP A 98 0.33 -41.99 -17.47
C ASP A 98 -0.42 -43.26 -17.05
N VAL A 99 -1.22 -43.82 -17.95
CA VAL A 99 -2.00 -45.02 -17.67
C VAL A 99 -1.40 -46.31 -18.19
N ILE A 100 -1.43 -47.31 -17.33
CA ILE A 100 -0.91 -48.65 -17.63
C ILE A 100 -2.08 -49.63 -17.52
N SER A 101 -1.78 -50.93 -17.55
CA SER A 101 -2.81 -51.96 -17.44
C SER A 101 -2.25 -53.27 -16.89
N ILE A 102 -2.33 -53.43 -15.57
CA ILE A 102 -1.84 -54.64 -14.91
C ILE A 102 -2.65 -55.82 -15.47
N GLN A 103 -2.19 -57.05 -15.21
CA GLN A 103 -2.88 -58.23 -15.71
C GLN A 103 -2.33 -59.53 -15.12
N PRO A 104 -3.21 -60.38 -14.56
CA PRO A 104 -2.75 -61.64 -13.98
C PRO A 104 -2.25 -62.53 -15.11
N CYS A 105 -1.10 -63.16 -14.90
CA CYS A 105 -0.55 -64.03 -15.92
C CYS A 105 0.13 -65.24 -15.30
N PRO A 106 -0.65 -66.12 -14.64
CA PRO A 106 -0.12 -67.33 -13.99
C PRO A 106 0.21 -68.50 -14.93
N ASP A 107 0.70 -68.19 -16.13
CA ASP A 107 1.07 -69.21 -17.12
C ASP A 107 2.51 -69.05 -17.56
N VAL A 108 3.21 -68.09 -16.97
CA VAL A 108 4.61 -67.84 -17.31
C VAL A 108 5.48 -68.92 -16.68
N LYS A 109 5.47 -70.10 -17.28
CA LYS A 109 6.28 -71.20 -16.78
C LYS A 109 7.74 -70.78 -16.76
N TYR A 110 8.50 -71.33 -15.82
CA TYR A 110 9.92 -71.01 -15.67
C TYR A 110 10.66 -71.02 -17.00
N GLY A 111 11.65 -70.15 -17.10
CA GLY A 111 12.42 -70.05 -18.32
C GLY A 111 13.57 -71.04 -18.42
N LYS A 112 14.07 -71.18 -19.63
CA LYS A 112 15.18 -72.07 -19.91
C LYS A 112 16.48 -71.30 -20.11
N ARG A 113 16.52 -70.41 -21.11
CA ARG A 113 17.72 -69.62 -21.37
C ARG A 113 17.51 -68.12 -21.21
N ILE A 114 18.58 -67.41 -20.85
CA ILE A 114 18.52 -65.97 -20.66
C ILE A 114 19.82 -65.32 -21.15
N HIS A 115 19.70 -64.41 -22.12
CA HIS A 115 20.85 -63.72 -22.67
C HIS A 115 20.81 -62.24 -22.26
N VAL A 116 21.55 -61.92 -21.20
CA VAL A 116 21.63 -60.55 -20.68
C VAL A 116 23.02 -59.96 -20.89
N LEU A 117 23.08 -58.75 -21.43
CA LEU A 117 24.35 -58.07 -21.70
C LEU A 117 24.42 -56.67 -21.11
N PRO A 118 25.52 -56.35 -20.42
CA PRO A 118 25.67 -55.03 -19.81
C PRO A 118 25.78 -53.95 -20.88
N ILE A 119 25.67 -52.70 -20.44
CA ILE A 119 25.78 -51.57 -21.35
C ILE A 119 27.18 -50.98 -21.29
N ASP A 120 27.71 -50.63 -22.45
CA ASP A 120 29.05 -50.07 -22.53
C ASP A 120 29.23 -48.86 -21.63
N ASP A 121 28.19 -48.04 -21.50
CA ASP A 121 28.24 -46.84 -20.67
C ASP A 121 27.89 -47.06 -19.20
N THR A 122 28.06 -48.29 -18.74
CA THR A 122 27.76 -48.63 -17.35
C THR A 122 28.70 -49.71 -16.86
N VAL A 123 29.87 -49.79 -17.47
CA VAL A 123 30.84 -50.79 -17.06
C VAL A 123 32.27 -50.34 -17.31
N GLU A 124 32.44 -49.14 -17.85
CA GLU A 124 33.76 -48.60 -18.15
C GLU A 124 34.70 -48.66 -16.95
N GLY A 125 35.66 -49.57 -16.98
CA GLY A 125 36.60 -49.66 -15.87
C GLY A 125 36.64 -51.01 -15.18
N ILE A 126 35.45 -51.58 -14.93
CA ILE A 126 35.37 -52.88 -14.28
C ILE A 126 35.60 -54.01 -15.27
N THR A 127 36.08 -55.14 -14.78
CA THR A 127 36.35 -56.27 -15.63
C THR A 127 36.33 -57.55 -14.83
N GLY A 128 35.84 -58.61 -15.45
CA GLY A 128 35.81 -59.86 -14.74
C GLY A 128 34.49 -60.59 -14.88
N ASN A 129 34.26 -61.47 -13.90
CA ASN A 129 33.07 -62.30 -13.85
C ASN A 129 31.83 -61.50 -13.49
N LEU A 130 31.12 -61.07 -14.52
CA LEU A 130 29.90 -60.31 -14.33
C LEU A 130 28.77 -61.25 -13.85
N PHE A 131 28.85 -62.53 -14.23
CA PHE A 131 27.84 -63.53 -13.85
C PHE A 131 27.87 -63.83 -12.35
N GLU A 132 29.00 -63.56 -11.70
CA GLU A 132 29.13 -63.81 -10.28
C GLU A 132 28.95 -62.54 -9.45
N VAL A 133 29.34 -61.41 -10.03
CA VAL A 133 29.23 -60.14 -9.32
C VAL A 133 27.81 -59.64 -9.23
N TYR A 134 27.23 -59.34 -10.39
CA TYR A 134 25.91 -58.78 -10.45
C TYR A 134 24.74 -59.72 -10.67
N LEU A 135 24.83 -60.56 -11.70
CA LEU A 135 23.73 -61.47 -11.98
C LEU A 135 23.51 -62.55 -10.93
N LYS A 136 24.59 -63.17 -10.46
CA LYS A 136 24.45 -64.22 -9.46
C LYS A 136 23.67 -63.76 -8.22
N PRO A 137 24.16 -62.71 -7.53
CA PRO A 137 23.46 -62.22 -6.33
C PRO A 137 22.07 -61.70 -6.60
N TYR A 138 21.77 -61.44 -7.87
CA TYR A 138 20.46 -60.92 -8.24
C TYR A 138 19.41 -62.01 -8.35
N PHE A 139 19.68 -63.01 -9.19
CA PHE A 139 18.74 -64.10 -9.38
C PHE A 139 18.97 -65.18 -8.31
N LEU A 140 19.28 -64.76 -7.08
CA LEU A 140 19.52 -65.70 -5.99
C LEU A 140 18.19 -66.29 -5.54
N GLU A 141 17.75 -67.31 -6.25
CA GLU A 141 16.49 -67.96 -5.94
C GLU A 141 15.44 -66.92 -5.63
N ALA A 142 15.47 -65.83 -6.38
CA ALA A 142 14.49 -64.77 -6.19
C ALA A 142 13.30 -65.01 -7.11
N TYR A 143 13.49 -65.84 -8.15
CA TYR A 143 12.44 -66.16 -9.11
C TYR A 143 11.93 -64.93 -9.85
N ARG A 144 12.78 -63.91 -9.93
CA ARG A 144 12.42 -62.68 -10.60
C ARG A 144 12.03 -62.98 -12.04
N PRO A 145 10.76 -62.73 -12.40
CA PRO A 145 10.25 -62.99 -13.76
C PRO A 145 10.61 -61.87 -14.74
N ILE A 146 11.66 -62.08 -15.54
CA ILE A 146 12.09 -61.09 -16.52
C ILE A 146 11.32 -61.23 -17.84
N ARG A 147 11.81 -60.56 -18.87
CA ARG A 147 11.22 -60.62 -20.19
C ARG A 147 12.09 -59.96 -21.24
N LYS A 148 11.75 -60.23 -22.51
CA LYS A 148 12.47 -59.66 -23.62
C LYS A 148 12.18 -58.17 -23.59
N GLY A 149 13.25 -57.37 -23.56
CA GLY A 149 13.09 -55.93 -23.55
C GLY A 149 13.40 -55.24 -22.23
N ASP A 150 13.04 -55.86 -21.12
CA ASP A 150 13.29 -55.26 -19.82
C ASP A 150 14.74 -54.85 -19.66
N ILE A 151 14.99 -53.96 -18.72
CA ILE A 151 16.33 -53.47 -18.48
C ILE A 151 16.58 -53.37 -16.99
N PHE A 152 16.64 -54.50 -16.30
CA PHE A 152 16.87 -54.50 -14.86
C PHE A 152 18.24 -53.93 -14.51
N LEU A 153 18.33 -53.27 -13.37
CA LEU A 153 19.57 -52.67 -12.89
C LEU A 153 20.00 -53.32 -11.59
N VAL A 154 21.28 -53.61 -11.45
CA VAL A 154 21.79 -54.22 -10.24
C VAL A 154 22.94 -53.41 -9.67
N ARG A 155 22.85 -53.11 -8.38
CA ARG A 155 23.86 -52.33 -7.71
C ARG A 155 24.86 -53.20 -6.95
N GLY A 156 26.13 -52.81 -7.07
CA GLY A 156 27.22 -53.52 -6.43
C GLY A 156 28.54 -52.92 -6.91
N GLY A 157 29.63 -53.26 -6.25
CA GLY A 157 30.92 -52.75 -6.65
C GLY A 157 31.00 -51.23 -6.71
N MET A 158 30.30 -50.58 -5.78
CA MET A 158 30.30 -49.12 -5.72
C MET A 158 29.92 -48.53 -7.06
N ARG A 159 28.87 -49.04 -7.68
CA ARG A 159 28.44 -48.50 -8.95
C ARG A 159 27.14 -49.12 -9.42
N ALA A 160 26.64 -48.66 -10.55
CA ALA A 160 25.38 -49.14 -11.11
C ALA A 160 25.58 -49.75 -12.49
N VAL A 161 25.15 -50.99 -12.67
CA VAL A 161 25.29 -51.64 -13.97
C VAL A 161 23.94 -52.00 -14.54
N GLU A 162 23.64 -51.45 -15.72
CA GLU A 162 22.36 -51.72 -16.38
C GLU A 162 22.47 -52.84 -17.41
N PHE A 163 21.60 -53.84 -17.28
CA PHE A 163 21.60 -54.98 -18.19
C PHE A 163 20.38 -54.98 -19.11
N LYS A 164 20.49 -55.69 -20.22
CA LYS A 164 19.41 -55.77 -21.21
C LYS A 164 19.10 -57.21 -21.58
N VAL A 165 17.87 -57.63 -21.35
CA VAL A 165 17.47 -58.98 -21.67
C VAL A 165 17.30 -59.06 -23.18
N VAL A 166 18.36 -59.45 -23.88
CA VAL A 166 18.31 -59.56 -25.34
C VAL A 166 17.36 -60.64 -25.84
N GLU A 167 17.61 -61.88 -25.42
CA GLU A 167 16.75 -62.99 -25.84
C GLU A 167 16.73 -64.12 -24.81
N THR A 168 15.55 -64.69 -24.57
CA THR A 168 15.39 -65.80 -23.63
C THR A 168 14.60 -66.94 -24.28
N ASP A 169 15.06 -68.17 -24.07
CA ASP A 169 14.41 -69.33 -24.65
C ASP A 169 12.88 -69.26 -24.54
N PRO A 170 12.34 -69.23 -23.31
CA PRO A 170 10.88 -69.16 -23.20
C PRO A 170 10.34 -67.76 -23.49
N SER A 171 10.72 -67.20 -24.62
CA SER A 171 10.27 -65.87 -24.99
C SER A 171 8.74 -65.82 -25.06
N PRO A 172 8.17 -64.64 -24.79
CA PRO A 172 8.92 -63.42 -24.44
C PRO A 172 9.28 -63.37 -22.96
N TYR A 173 8.32 -63.71 -22.10
CA TYR A 173 8.54 -63.65 -20.65
C TYR A 173 8.66 -65.02 -19.98
N CYS A 174 9.72 -65.21 -19.21
CA CYS A 174 9.96 -66.47 -18.51
C CYS A 174 10.58 -66.29 -17.13
N ILE A 175 9.91 -66.80 -16.10
CA ILE A 175 10.40 -66.70 -14.74
C ILE A 175 11.79 -67.31 -14.60
N VAL A 176 12.60 -66.73 -13.72
CA VAL A 176 13.96 -67.20 -13.50
C VAL A 176 14.05 -68.02 -12.22
N ALA A 177 14.29 -69.32 -12.36
CA ALA A 177 14.41 -70.23 -11.23
C ALA A 177 15.87 -70.62 -11.02
N PRO A 178 16.23 -71.12 -9.82
CA PRO A 178 17.60 -71.52 -9.53
C PRO A 178 18.12 -72.60 -10.47
N ASP A 179 17.42 -72.77 -11.59
CA ASP A 179 17.81 -73.76 -12.57
C ASP A 179 18.04 -73.06 -13.90
N THR A 180 17.23 -72.05 -14.18
CA THR A 180 17.34 -71.30 -15.43
C THR A 180 18.79 -70.94 -15.76
N VAL A 181 19.22 -71.29 -16.98
CA VAL A 181 20.58 -71.00 -17.43
C VAL A 181 20.72 -69.54 -17.80
N ILE A 182 21.85 -68.97 -17.42
CA ILE A 182 22.08 -67.58 -17.74
C ILE A 182 23.33 -67.42 -18.58
N HIS A 183 23.20 -66.66 -19.66
CA HIS A 183 24.30 -66.40 -20.56
C HIS A 183 24.76 -64.96 -20.51
N CYS A 184 26.04 -64.76 -20.80
CA CYS A 184 26.63 -63.44 -20.80
C CYS A 184 27.75 -63.41 -21.82
N GLU A 185 27.37 -63.21 -23.07
CA GLU A 185 28.30 -63.18 -24.19
C GLU A 185 29.49 -62.23 -23.94
N GLY A 186 29.48 -61.57 -22.79
CA GLY A 186 30.57 -60.67 -22.45
C GLY A 186 30.80 -59.62 -23.51
N GLU A 187 29.71 -59.00 -23.96
CA GLU A 187 29.79 -57.97 -24.99
C GLU A 187 28.71 -56.91 -24.77
N PRO A 188 29.15 -55.68 -24.46
CA PRO A 188 28.31 -54.50 -24.21
C PRO A 188 27.31 -54.24 -25.33
N ILE A 189 26.46 -53.23 -25.15
CA ILE A 189 25.47 -52.86 -26.16
C ILE A 189 25.19 -51.36 -26.15
N LYS A 190 25.23 -50.74 -27.34
CA LYS A 190 24.98 -49.30 -27.48
C LYS A 190 23.59 -48.94 -26.96
N ARG A 191 23.53 -48.05 -25.99
CA ARG A 191 22.26 -47.64 -25.41
C ARG A 191 21.30 -47.08 -26.46
N GLU A 192 20.05 -47.57 -26.45
CA GLU A 192 19.04 -47.12 -27.40
C GLU A 192 18.60 -45.69 -27.06
N ASP A 193 17.67 -45.15 -27.84
CA ASP A 193 17.19 -43.80 -27.62
C ASP A 193 16.02 -43.82 -26.65
N GLU A 194 14.96 -44.54 -26.99
CA GLU A 194 13.79 -44.63 -26.12
C GLU A 194 14.17 -45.06 -24.71
N GLU A 195 15.38 -45.58 -24.55
CA GLU A 195 15.86 -46.06 -23.26
C GLU A 195 16.75 -45.06 -22.52
N GLU A 196 16.19 -44.41 -21.51
CA GLU A 196 16.94 -43.44 -20.72
C GLU A 196 17.87 -44.15 -19.76
N SER A 197 19.00 -43.53 -19.48
CA SER A 197 19.96 -44.12 -18.57
C SER A 197 19.45 -44.04 -17.15
N LEU A 198 19.24 -45.20 -16.54
CA LEU A 198 18.77 -45.26 -15.15
C LEU A 198 19.78 -44.59 -14.23
N ASN A 199 20.87 -44.12 -14.80
CA ASN A 199 21.89 -43.46 -14.01
C ASN A 199 21.55 -41.97 -13.92
N GLU A 200 20.50 -41.55 -14.62
CA GLU A 200 20.06 -40.16 -14.61
C GLU A 200 19.47 -39.81 -13.27
N VAL A 201 19.06 -38.57 -13.13
CA VAL A 201 18.50 -38.15 -11.85
C VAL A 201 17.00 -38.35 -11.76
N GLY A 202 16.49 -38.41 -10.53
CA GLY A 202 15.07 -38.60 -10.29
C GLY A 202 14.68 -38.41 -8.84
N TYR A 203 13.41 -38.64 -8.50
CA TYR A 203 12.98 -38.47 -7.12
C TYR A 203 13.60 -39.51 -6.19
N ASP A 204 13.79 -40.74 -6.69
CA ASP A 204 14.37 -41.81 -5.88
C ASP A 204 15.81 -41.49 -5.45
N ASP A 205 16.22 -40.25 -5.65
CA ASP A 205 17.56 -39.80 -5.28
C ASP A 205 17.44 -38.52 -4.47
N ILE A 206 16.42 -38.52 -3.64
CA ILE A 206 16.14 -37.35 -2.80
C ILE A 206 15.70 -37.78 -1.40
N GLY A 207 16.38 -37.28 -0.39
CA GLY A 207 16.01 -37.65 0.95
C GLY A 207 15.50 -36.50 1.80
N GLY A 208 14.56 -36.81 2.69
CA GLY A 208 13.99 -35.81 3.59
C GLY A 208 13.13 -34.72 2.97
N CYS A 209 12.20 -35.10 2.12
CA CYS A 209 11.37 -34.11 1.47
C CYS A 209 9.98 -34.60 1.18
N ARG A 210 9.30 -34.99 2.24
CA ARG A 210 7.94 -35.45 2.08
C ARG A 210 7.10 -34.21 1.76
N LYS A 211 7.07 -33.25 2.69
CA LYS A 211 6.30 -32.03 2.51
C LYS A 211 6.84 -31.24 1.33
N GLN A 212 8.10 -31.48 1.02
CA GLN A 212 8.77 -30.78 -0.05
C GLN A 212 8.31 -31.17 -1.46
N LEU A 213 8.56 -32.43 -1.84
CA LEU A 213 8.18 -32.89 -3.17
C LEU A 213 6.74 -32.54 -3.50
N ALA A 214 5.84 -32.85 -2.58
CA ALA A 214 4.42 -32.57 -2.75
C ALA A 214 4.25 -31.20 -3.39
N GLN A 215 4.82 -30.20 -2.72
CA GLN A 215 4.76 -28.83 -3.18
C GLN A 215 4.99 -28.72 -4.67
N ILE A 216 6.23 -28.92 -5.11
CA ILE A 216 6.56 -28.81 -6.52
C ILE A 216 5.81 -29.76 -7.44
N LYS A 217 5.77 -31.04 -7.09
CA LYS A 217 5.12 -32.06 -7.93
C LYS A 217 3.80 -31.63 -8.55
N GLU A 218 2.79 -31.43 -7.73
CA GLU A 218 1.48 -31.04 -8.24
C GLU A 218 1.44 -29.67 -8.91
N MET A 219 2.48 -28.86 -8.71
CA MET A 219 2.53 -27.53 -9.32
C MET A 219 2.90 -27.59 -10.78
N VAL A 220 3.47 -28.71 -11.20
CA VAL A 220 3.88 -28.84 -12.58
C VAL A 220 3.22 -30.05 -13.24
N GLU A 221 2.40 -30.74 -12.46
CA GLU A 221 1.70 -31.92 -12.96
C GLU A 221 0.90 -31.63 -14.22
N LEU A 222 0.36 -30.42 -14.32
CA LEU A 222 -0.45 -30.06 -15.47
C LEU A 222 0.26 -29.20 -16.51
N PRO A 223 0.94 -28.14 -16.08
CA PRO A 223 1.63 -27.27 -17.04
C PRO A 223 2.84 -27.92 -17.67
N LEU A 224 3.22 -29.09 -17.15
CA LEU A 224 4.39 -29.77 -17.67
C LEU A 224 4.07 -31.17 -18.15
N ARG A 225 2.91 -31.70 -17.76
CA ARG A 225 2.52 -33.05 -18.17
C ARG A 225 1.45 -33.04 -19.25
N HIS A 226 0.49 -32.13 -19.12
CA HIS A 226 -0.60 -32.03 -20.07
C HIS A 226 -0.65 -30.65 -20.71
N PRO A 227 0.42 -30.27 -21.43
CA PRO A 227 0.46 -28.96 -22.09
C PRO A 227 -0.81 -28.71 -22.87
N ALA A 228 -1.56 -29.77 -23.13
CA ALA A 228 -2.79 -29.63 -23.88
C ALA A 228 -3.93 -29.12 -22.99
N LEU A 229 -3.90 -29.45 -21.70
CA LEU A 229 -4.96 -29.01 -20.79
C LEU A 229 -5.17 -27.50 -20.74
N PHE A 230 -4.08 -26.76 -20.84
CA PHE A 230 -4.15 -25.31 -20.80
C PHE A 230 -4.42 -24.73 -22.19
N LYS A 231 -4.38 -25.60 -23.21
CA LYS A 231 -4.66 -25.16 -24.59
C LYS A 231 -6.09 -24.64 -24.59
N ALA A 232 -6.93 -25.24 -23.76
CA ALA A 232 -8.34 -24.88 -23.67
C ALA A 232 -8.78 -24.74 -22.21
N ILE A 233 -8.55 -23.57 -21.63
CA ILE A 233 -8.92 -23.32 -20.25
C ILE A 233 -8.40 -21.93 -19.86
N GLY A 234 -9.13 -21.24 -19.00
CA GLY A 234 -8.72 -19.91 -18.58
C GLY A 234 -7.91 -19.92 -17.29
N VAL A 235 -7.31 -21.06 -16.97
CA VAL A 235 -6.51 -21.20 -15.76
C VAL A 235 -5.10 -20.65 -15.98
N LYS A 236 -4.48 -20.17 -14.92
CA LYS A 236 -3.13 -19.61 -14.99
C LYS A 236 -2.08 -20.70 -14.77
N PRO A 237 -1.22 -20.93 -15.78
CA PRO A 237 -0.18 -21.95 -15.63
C PRO A 237 0.92 -21.40 -14.73
N PRO A 238 0.90 -21.78 -13.45
CA PRO A 238 1.94 -21.28 -12.55
C PRO A 238 3.30 -21.38 -13.22
N ARG A 239 3.91 -20.23 -13.53
CA ARG A 239 5.20 -20.21 -14.21
C ARG A 239 6.40 -19.96 -13.33
N GLY A 240 6.23 -19.19 -12.27
CA GLY A 240 7.34 -18.90 -11.39
C GLY A 240 7.44 -19.75 -10.14
N ILE A 241 8.64 -20.26 -9.87
CA ILE A 241 8.89 -21.09 -8.69
C ILE A 241 10.22 -20.68 -8.07
N LEU A 242 10.24 -20.50 -6.75
CA LEU A 242 11.46 -20.10 -6.04
C LEU A 242 11.83 -21.15 -4.97
N LEU A 243 13.13 -21.35 -4.75
CA LEU A 243 13.60 -22.32 -3.76
C LEU A 243 14.56 -21.75 -2.74
N TYR A 244 14.10 -21.58 -1.49
CA TYR A 244 14.95 -21.06 -0.43
C TYR A 244 15.76 -22.18 0.18
N GLY A 245 16.58 -21.84 1.18
CA GLY A 245 17.38 -22.86 1.83
C GLY A 245 18.86 -22.54 1.79
N PRO A 246 19.63 -23.09 2.72
CA PRO A 246 21.08 -22.87 2.79
C PRO A 246 21.81 -23.69 1.73
N PRO A 247 22.69 -23.04 0.95
CA PRO A 247 23.44 -23.77 -0.08
C PRO A 247 23.94 -25.13 0.41
N GLY A 248 23.67 -26.15 -0.40
CA GLY A 248 24.08 -27.49 -0.03
C GLY A 248 22.87 -28.37 0.19
N THR A 249 21.74 -27.73 0.45
CA THR A 249 20.51 -28.46 0.67
C THR A 249 20.08 -29.16 -0.61
N GLY A 250 20.98 -29.17 -1.61
CA GLY A 250 20.67 -29.81 -2.88
C GLY A 250 19.53 -29.21 -3.66
N LYS A 251 19.48 -27.89 -3.73
CA LYS A 251 18.39 -27.23 -4.46
C LYS A 251 18.34 -27.69 -5.90
N THR A 252 19.42 -27.41 -6.63
CA THR A 252 19.53 -27.77 -8.02
C THR A 252 19.08 -29.19 -8.28
N LEU A 253 19.56 -30.11 -7.45
CA LEU A 253 19.24 -31.53 -7.56
C LEU A 253 17.78 -31.75 -7.85
N ILE A 254 16.94 -31.12 -7.04
CA ILE A 254 15.51 -31.24 -7.22
C ILE A 254 15.09 -30.88 -8.63
N ALA A 255 15.33 -29.62 -8.99
CA ALA A 255 14.99 -29.09 -10.30
C ALA A 255 15.23 -30.11 -11.38
N ARG A 256 16.48 -30.53 -11.51
CA ARG A 256 16.85 -31.49 -12.53
C ARG A 256 15.96 -32.73 -12.42
N ALA A 257 15.83 -33.28 -11.21
CA ALA A 257 15.03 -34.47 -11.00
C ALA A 257 13.62 -34.34 -11.56
N VAL A 258 13.00 -33.20 -11.32
CA VAL A 258 11.65 -32.96 -11.81
C VAL A 258 11.57 -33.12 -13.32
N ALA A 259 12.49 -32.49 -14.02
CA ALA A 259 12.52 -32.56 -15.47
C ALA A 259 12.72 -34.00 -15.94
N ASN A 260 13.84 -34.61 -15.53
CA ASN A 260 14.14 -35.99 -15.92
C ASN A 260 13.02 -36.95 -15.49
N GLU A 261 12.02 -36.44 -14.76
CA GLU A 261 10.92 -37.28 -14.30
C GLU A 261 9.70 -37.21 -15.19
N THR A 262 9.51 -36.04 -15.78
CA THR A 262 8.39 -35.80 -16.67
C THR A 262 8.89 -35.92 -18.09
N GLY A 263 10.18 -35.65 -18.27
CA GLY A 263 10.79 -35.73 -19.59
C GLY A 263 10.93 -34.38 -20.26
N ALA A 264 10.71 -33.31 -19.51
CA ALA A 264 10.82 -31.97 -20.06
C ALA A 264 12.27 -31.55 -20.23
N PHE A 265 12.53 -30.77 -21.26
CA PHE A 265 13.88 -30.27 -21.53
C PHE A 265 14.39 -29.58 -20.25
N PHE A 266 15.72 -29.50 -20.12
CA PHE A 266 16.30 -28.85 -18.95
C PHE A 266 17.47 -27.97 -19.34
N PHE A 267 17.32 -26.67 -19.13
CA PHE A 267 18.35 -25.70 -19.45
C PHE A 267 18.86 -25.12 -18.14
N LEU A 268 20.13 -25.35 -17.86
CA LEU A 268 20.75 -24.90 -16.63
C LEU A 268 21.52 -23.58 -16.76
N ILE A 269 21.45 -22.73 -15.74
CA ILE A 269 22.16 -21.44 -15.75
C ILE A 269 22.90 -21.22 -14.42
N ASN A 270 24.17 -20.85 -14.49
CA ASN A 270 24.97 -20.61 -13.28
C ASN A 270 25.08 -19.15 -12.93
N GLY A 271 24.93 -18.87 -11.65
CA GLY A 271 24.96 -17.50 -11.17
C GLY A 271 26.01 -16.61 -11.78
N PRO A 272 27.26 -16.88 -11.50
CA PRO A 272 28.30 -16.03 -12.06
C PRO A 272 28.52 -16.33 -13.55
N GLU A 273 28.00 -17.47 -14.00
CA GLU A 273 28.15 -17.86 -15.39
C GLU A 273 27.68 -16.76 -16.34
N ILE A 274 26.61 -16.07 -15.97
CA ILE A 274 26.05 -15.02 -16.80
C ILE A 274 26.62 -13.64 -16.48
N MET A 275 27.46 -13.59 -15.46
CA MET A 275 28.07 -12.34 -15.06
C MET A 275 29.48 -12.26 -15.62
N SER A 276 30.11 -13.42 -15.77
CA SER A 276 31.46 -13.48 -16.32
C SER A 276 31.47 -12.95 -17.75
N LYS A 277 30.56 -13.47 -18.56
CA LYS A 277 30.45 -13.06 -19.96
C LYS A 277 30.48 -11.55 -20.09
N LEU A 278 31.06 -11.07 -21.18
CA LEU A 278 31.17 -9.64 -21.45
C LEU A 278 29.82 -8.97 -21.22
N ALA A 279 29.83 -7.75 -20.72
CA ALA A 279 28.60 -7.01 -20.47
C ALA A 279 27.80 -6.95 -21.77
N GLY A 280 26.52 -6.63 -21.66
CA GLY A 280 25.68 -6.54 -22.84
C GLY A 280 25.34 -7.92 -23.39
N GLU A 281 26.38 -8.75 -23.55
CA GLU A 281 26.18 -10.11 -24.05
C GLU A 281 25.36 -10.90 -23.04
N SER A 282 25.42 -10.47 -21.79
CA SER A 282 24.68 -11.14 -20.73
C SER A 282 23.19 -11.15 -21.06
N GLU A 283 22.74 -10.10 -21.73
CA GLU A 283 21.34 -9.97 -22.14
C GLU A 283 21.06 -10.89 -23.30
N SER A 284 22.07 -11.11 -24.14
CA SER A 284 21.92 -11.99 -25.28
C SER A 284 22.03 -13.43 -24.81
N ASN A 285 22.90 -13.67 -23.82
CA ASN A 285 23.07 -15.02 -23.27
C ASN A 285 21.72 -15.51 -22.80
N LEU A 286 21.04 -14.66 -22.04
CA LEU A 286 19.72 -15.01 -21.56
C LEU A 286 18.80 -14.99 -22.76
N ARG A 287 19.00 -13.99 -23.61
CA ARG A 287 18.20 -13.84 -24.81
C ARG A 287 18.10 -15.19 -25.56
N LYS A 288 19.24 -15.83 -25.76
CA LYS A 288 19.29 -17.12 -26.45
C LYS A 288 18.89 -18.25 -25.51
N ALA A 289 19.11 -18.01 -24.22
CA ALA A 289 18.80 -18.98 -23.18
C ALA A 289 17.33 -19.34 -23.23
N PHE A 290 16.51 -18.40 -22.76
CA PHE A 290 15.08 -18.62 -22.76
C PHE A 290 14.66 -18.90 -24.21
N GLU A 291 15.48 -18.51 -25.17
CA GLU A 291 15.12 -18.75 -26.56
C GLU A 291 15.31 -20.20 -26.94
N GLU A 292 16.52 -20.69 -26.78
CA GLU A 292 16.80 -22.07 -27.12
C GLU A 292 16.13 -23.05 -26.17
N ALA A 293 15.69 -22.54 -25.03
CA ALA A 293 15.03 -23.40 -24.07
C ALA A 293 13.53 -23.53 -24.38
N GLU A 294 12.95 -22.51 -25.02
CA GLU A 294 11.53 -22.53 -25.37
C GLU A 294 11.27 -23.41 -26.59
N LYS A 295 12.32 -23.66 -27.38
CA LYS A 295 12.20 -24.48 -28.57
C LYS A 295 11.79 -25.89 -28.15
N ASN A 296 12.49 -26.42 -27.16
CA ASN A 296 12.24 -27.78 -26.66
C ASN A 296 11.11 -27.85 -25.63
N ALA A 297 10.41 -26.73 -25.44
CA ALA A 297 9.31 -26.68 -24.48
C ALA A 297 8.29 -27.77 -24.81
N PRO A 298 7.57 -28.28 -23.79
CA PRO A 298 7.65 -27.90 -22.38
C PRO A 298 9.06 -28.06 -21.86
N ALA A 299 9.53 -27.08 -21.11
CA ALA A 299 10.87 -27.12 -20.55
C ALA A 299 10.90 -26.63 -19.10
N ILE A 300 12.09 -26.62 -18.51
CA ILE A 300 12.26 -26.19 -17.12
C ILE A 300 13.56 -25.40 -16.94
N ILE A 301 13.54 -24.10 -17.28
CA ILE A 301 14.71 -23.24 -17.16
C ILE A 301 15.15 -23.05 -15.72
N PHE A 302 16.13 -23.82 -15.27
CA PHE A 302 16.59 -23.69 -13.89
C PHE A 302 17.76 -22.74 -13.77
N ILE A 303 17.74 -21.96 -12.70
CA ILE A 303 18.79 -21.00 -12.49
C ILE A 303 19.34 -21.08 -11.08
N ASP A 304 20.58 -21.54 -11.00
CA ASP A 304 21.26 -21.69 -9.73
C ASP A 304 21.87 -20.34 -9.35
N GLU A 305 21.65 -19.91 -8.11
CA GLU A 305 22.19 -18.65 -7.59
C GLU A 305 21.52 -17.38 -8.15
N LEU A 306 20.19 -17.32 -8.16
CA LEU A 306 19.51 -16.14 -8.69
C LEU A 306 20.02 -14.84 -8.10
N ASP A 307 20.12 -14.80 -6.78
CA ASP A 307 20.59 -13.61 -6.08
C ASP A 307 21.92 -13.10 -6.63
N ALA A 308 22.65 -13.96 -7.34
CA ALA A 308 23.94 -13.54 -7.89
C ALA A 308 23.75 -12.46 -8.94
N ILE A 309 22.50 -12.25 -9.33
CA ILE A 309 22.16 -11.24 -10.32
C ILE A 309 20.82 -10.61 -9.97
N ALA A 310 20.30 -10.96 -8.79
CA ALA A 310 18.98 -10.47 -8.37
C ALA A 310 18.94 -9.34 -7.34
N PRO A 311 20.10 -8.84 -6.92
CA PRO A 311 19.88 -7.77 -5.97
C PRO A 311 19.59 -6.45 -6.68
N LYS A 312 18.39 -6.30 -7.25
CA LYS A 312 18.04 -5.04 -7.93
C LYS A 312 18.05 -4.01 -6.80
N ARG A 313 18.46 -4.50 -5.64
CA ARG A 313 18.57 -3.72 -4.43
C ARG A 313 19.57 -2.58 -4.61
N GLU A 314 19.87 -1.89 -3.54
CA GLU A 314 20.82 -0.79 -3.61
C GLU A 314 22.22 -1.33 -3.88
N LYS A 315 22.38 -2.65 -3.94
CA LYS A 315 23.72 -3.21 -4.17
C LYS A 315 24.19 -3.16 -5.61
N THR A 316 23.62 -2.20 -6.34
CA THR A 316 23.96 -1.96 -7.74
C THR A 316 24.58 -0.56 -7.88
N HIS A 317 25.83 -0.40 -7.43
CA HIS A 317 26.56 0.89 -7.50
C HIS A 317 27.09 0.96 -8.95
N GLY A 318 26.54 0.10 -9.80
CA GLY A 318 26.93 0.04 -11.21
C GLY A 318 25.79 -0.01 -12.23
N GLU A 319 26.14 0.28 -13.49
CA GLU A 319 25.22 0.34 -14.65
C GLU A 319 24.74 -0.98 -15.28
N VAL A 320 25.67 -1.83 -15.72
CA VAL A 320 25.30 -3.11 -16.34
C VAL A 320 24.62 -3.97 -15.28
N GLU A 321 25.16 -3.92 -14.05
CA GLU A 321 24.59 -4.67 -12.94
C GLU A 321 23.06 -4.58 -13.02
N ARG A 322 22.54 -3.40 -13.31
CA ARG A 322 21.09 -3.20 -13.39
C ARG A 322 20.52 -3.73 -14.69
N ARG A 323 21.16 -3.39 -15.80
CA ARG A 323 20.69 -3.82 -17.11
C ARG A 323 20.42 -5.32 -17.19
N ILE A 324 21.27 -6.12 -16.56
CA ILE A 324 21.09 -7.56 -16.59
C ILE A 324 19.77 -7.93 -15.95
N VAL A 325 19.54 -7.39 -14.76
CA VAL A 325 18.32 -7.63 -14.02
C VAL A 325 17.07 -7.42 -14.88
N SER A 326 17.03 -6.27 -15.53
CA SER A 326 15.89 -5.94 -16.38
C SER A 326 15.63 -7.05 -17.40
N GLN A 327 16.66 -7.43 -18.14
CA GLN A 327 16.53 -8.47 -19.16
C GLN A 327 15.67 -9.62 -18.65
N LEU A 328 15.97 -10.14 -17.46
CA LEU A 328 15.19 -11.25 -16.91
C LEU A 328 13.80 -10.78 -16.54
N LEU A 329 13.76 -9.73 -15.72
CA LEU A 329 12.49 -9.20 -15.27
C LEU A 329 11.48 -9.21 -16.42
N THR A 330 11.95 -8.96 -17.64
CA THR A 330 11.08 -8.95 -18.81
C THR A 330 10.79 -10.34 -19.37
N LEU A 331 11.84 -11.08 -19.65
CA LEU A 331 11.69 -12.42 -20.19
C LEU A 331 10.72 -13.22 -19.34
N MET A 332 10.65 -12.89 -18.06
CA MET A 332 9.75 -13.58 -17.16
C MET A 332 8.31 -13.27 -17.55
N ASP A 333 7.99 -11.99 -17.72
CA ASP A 333 6.63 -11.61 -18.11
C ASP A 333 6.40 -12.02 -19.55
N GLY A 334 7.35 -12.77 -20.10
CA GLY A 334 7.24 -13.25 -21.45
C GLY A 334 6.98 -14.76 -21.41
N LEU A 335 6.76 -15.27 -20.21
CA LEU A 335 6.50 -16.69 -20.04
C LEU A 335 5.02 -16.93 -20.30
N LYS A 336 4.31 -15.86 -20.65
CA LYS A 336 2.89 -15.98 -20.96
C LYS A 336 2.84 -16.33 -22.43
N GLN A 337 4.02 -16.62 -23.00
CA GLN A 337 4.09 -17.02 -24.40
C GLN A 337 3.47 -18.40 -24.24
N ARG A 338 2.62 -18.81 -25.17
CA ARG A 338 1.94 -20.11 -25.09
C ARG A 338 2.82 -21.35 -25.25
N ALA A 339 3.97 -21.36 -24.59
CA ALA A 339 4.86 -22.53 -24.70
C ALA A 339 4.88 -23.40 -23.45
N HIS A 340 4.27 -22.95 -22.37
CA HIS A 340 4.22 -23.71 -21.14
C HIS A 340 5.58 -24.14 -20.62
N VAL A 341 6.38 -23.17 -20.21
CA VAL A 341 7.71 -23.44 -19.67
C VAL A 341 7.71 -22.96 -18.23
N ILE A 342 8.50 -23.62 -17.39
CA ILE A 342 8.55 -23.29 -15.99
C ILE A 342 9.93 -22.78 -15.57
N VAL A 343 9.99 -21.57 -15.03
CA VAL A 343 11.26 -20.99 -14.60
C VAL A 343 11.54 -21.24 -13.12
N MET A 344 12.59 -22.00 -12.81
CA MET A 344 12.94 -22.31 -11.42
C MET A 344 14.19 -21.57 -10.95
N ALA A 345 14.05 -20.84 -9.86
CA ALA A 345 15.15 -20.09 -9.30
C ALA A 345 15.38 -20.49 -7.86
N ALA A 346 16.60 -20.84 -7.53
CA ALA A 346 16.91 -21.22 -6.17
C ALA A 346 17.87 -20.16 -5.62
N THR A 347 17.87 -19.98 -4.30
CA THR A 347 18.75 -18.99 -3.67
C THR A 347 19.01 -19.23 -2.19
N ASN A 348 19.88 -18.41 -1.62
CA ASN A 348 20.25 -18.49 -0.22
C ASN A 348 19.10 -18.08 0.66
N ARG A 349 18.54 -16.91 0.40
CA ARG A 349 17.45 -16.43 1.22
C ARG A 349 16.56 -15.42 0.50
N PRO A 350 15.35 -15.21 1.04
CA PRO A 350 14.39 -14.26 0.48
C PRO A 350 14.82 -12.80 0.53
N ASN A 351 15.81 -12.49 1.35
CA ASN A 351 16.27 -11.11 1.49
C ASN A 351 17.32 -10.73 0.46
N SER A 352 18.06 -11.73 0.00
CA SER A 352 19.10 -11.52 -0.99
C SER A 352 18.50 -10.98 -2.29
N ILE A 353 17.46 -11.66 -2.77
CA ILE A 353 16.80 -11.28 -4.01
C ILE A 353 16.23 -9.87 -3.94
N ASP A 354 15.37 -9.54 -4.91
CA ASP A 354 14.71 -8.24 -4.99
C ASP A 354 13.21 -8.41 -5.29
N PRO A 355 12.33 -7.80 -4.48
CA PRO A 355 10.87 -7.89 -4.65
C PRO A 355 10.37 -7.72 -6.08
N ALA A 356 11.22 -7.20 -6.95
CA ALA A 356 10.83 -7.00 -8.33
C ALA A 356 10.40 -8.30 -9.01
N LEU A 357 10.84 -9.42 -8.46
CA LEU A 357 10.49 -10.73 -9.02
C LEU A 357 9.32 -11.38 -8.27
N ARG A 358 8.77 -10.67 -7.29
CA ARG A 358 7.64 -11.20 -6.52
C ARG A 358 6.34 -10.82 -7.22
N ARG A 359 6.47 -10.22 -8.40
CA ARG A 359 5.31 -9.83 -9.20
C ARG A 359 4.51 -11.09 -9.39
N PHE A 360 3.23 -11.01 -9.06
CA PHE A 360 2.35 -12.15 -9.15
C PHE A 360 2.26 -12.79 -10.54
N GLY A 361 3.19 -12.44 -11.42
CA GLY A 361 3.19 -13.03 -12.74
C GLY A 361 4.48 -13.76 -13.01
N ARG A 362 5.50 -13.43 -12.25
CA ARG A 362 6.82 -14.03 -12.44
C ARG A 362 7.17 -15.18 -11.49
N PHE A 363 7.64 -14.85 -10.29
CA PHE A 363 8.00 -15.87 -9.31
C PHE A 363 6.97 -15.79 -8.18
N ASP A 364 5.71 -15.93 -8.56
CA ASP A 364 4.62 -15.85 -7.60
C ASP A 364 4.58 -16.97 -6.57
N ARG A 365 5.10 -18.14 -6.93
CA ARG A 365 5.09 -19.26 -5.99
C ARG A 365 6.46 -19.38 -5.31
N GLU A 366 6.44 -19.84 -4.05
CA GLU A 366 7.66 -19.99 -3.25
C GLU A 366 7.62 -21.26 -2.40
N VAL A 367 8.79 -21.86 -2.18
CA VAL A 367 8.88 -23.07 -1.38
C VAL A 367 10.24 -23.14 -0.69
N ASP A 368 10.20 -23.28 0.62
CA ASP A 368 11.41 -23.37 1.42
C ASP A 368 11.97 -24.79 1.39
N ILE A 369 13.29 -24.90 1.52
CA ILE A 369 13.95 -26.20 1.50
C ILE A 369 14.74 -26.37 2.78
N GLY A 370 14.02 -26.49 3.89
CA GLY A 370 14.67 -26.66 5.18
C GLY A 370 15.80 -27.68 5.13
N ILE A 371 16.71 -27.61 6.11
CA ILE A 371 17.84 -28.54 6.20
C ILE A 371 17.38 -29.91 6.64
N PRO A 372 18.12 -30.97 6.29
CA PRO A 372 17.75 -32.34 6.68
C PRO A 372 17.57 -32.52 8.18
N ASP A 373 16.64 -33.38 8.58
CA ASP A 373 16.38 -33.64 9.99
C ASP A 373 16.69 -35.08 10.39
N ALA A 374 16.08 -35.52 11.50
CA ALA A 374 16.31 -36.88 12.01
C ALA A 374 16.08 -37.99 10.99
N THR A 375 14.84 -38.16 10.57
CA THR A 375 14.51 -39.20 9.61
C THR A 375 15.09 -38.88 8.23
N GLY A 376 15.21 -37.60 7.94
CA GLY A 376 15.74 -37.21 6.64
C GLY A 376 17.15 -37.70 6.40
N ARG A 377 18.09 -37.12 7.13
CA ARG A 377 19.50 -37.49 6.99
C ARG A 377 19.70 -38.99 6.81
N LEU A 378 19.28 -39.75 7.81
CA LEU A 378 19.42 -41.20 7.78
C LEU A 378 19.04 -41.73 6.40
N GLU A 379 17.86 -41.35 5.94
CA GLU A 379 17.37 -41.80 4.65
C GLU A 379 18.28 -41.34 3.52
N ILE A 380 18.81 -40.13 3.66
CA ILE A 380 19.69 -39.58 2.63
C ILE A 380 20.86 -40.52 2.39
N LEU A 381 21.58 -40.84 3.45
CA LEU A 381 22.73 -41.72 3.36
C LEU A 381 22.41 -42.99 2.57
N GLN A 382 21.23 -43.54 2.80
CA GLN A 382 20.83 -44.76 2.11
C GLN A 382 20.80 -44.53 0.62
N ILE A 383 20.94 -43.28 0.23
CA ILE A 383 20.91 -42.96 -1.18
C ILE A 383 22.31 -42.85 -1.75
N HIS A 384 23.31 -42.61 -0.92
CA HIS A 384 24.68 -42.51 -1.40
C HIS A 384 25.56 -43.69 -0.97
N THR A 385 24.99 -44.63 -0.23
CA THR A 385 25.74 -45.79 0.19
C THR A 385 25.07 -47.01 -0.41
N LYS A 386 24.13 -46.76 -1.32
CA LYS A 386 23.39 -47.82 -1.98
C LYS A 386 24.17 -48.50 -3.10
N ASN A 387 25.50 -48.38 -3.06
CA ASN A 387 26.33 -48.99 -4.10
C ASN A 387 27.60 -49.61 -3.50
N MET A 388 27.94 -49.22 -2.29
CA MET A 388 29.12 -49.75 -1.62
C MET A 388 28.74 -50.74 -0.54
N LYS A 389 29.37 -51.92 -0.60
CA LYS A 389 29.12 -52.98 0.35
C LYS A 389 29.48 -52.47 1.75
N LEU A 390 28.50 -52.44 2.65
CA LEU A 390 28.72 -51.98 4.01
C LEU A 390 28.69 -53.16 4.99
N ALA A 391 29.74 -53.32 5.79
CA ALA A 391 29.78 -54.43 6.75
C ALA A 391 28.62 -54.34 7.75
N ASP A 392 28.35 -55.44 8.44
CA ASP A 392 27.26 -55.49 9.41
C ASP A 392 27.44 -54.49 10.55
N ASP A 393 28.69 -54.26 10.95
CA ASP A 393 28.98 -53.34 12.03
C ASP A 393 28.65 -51.90 11.64
N VAL A 394 28.42 -51.68 10.35
CA VAL A 394 28.08 -50.35 9.86
C VAL A 394 26.74 -49.91 10.44
N ASP A 395 26.78 -48.96 11.37
CA ASP A 395 25.57 -48.46 11.99
C ASP A 395 25.12 -47.17 11.31
N LEU A 396 24.59 -47.30 10.10
CA LEU A 396 24.14 -46.12 9.34
C LEU A 396 23.29 -45.15 10.16
N GLU A 397 22.46 -45.70 11.04
CA GLU A 397 21.60 -44.87 11.88
C GLU A 397 22.41 -43.85 12.68
N GLN A 398 23.36 -44.36 13.48
CA GLN A 398 24.22 -43.52 14.30
C GLN A 398 24.62 -42.22 13.60
N VAL A 399 24.89 -42.28 12.30
CA VAL A 399 25.32 -41.12 11.54
C VAL A 399 24.37 -39.96 11.70
N ALA A 400 23.20 -40.11 11.09
CA ALA A 400 22.18 -39.09 11.13
C ALA A 400 21.81 -38.77 12.56
N ASN A 401 22.41 -39.49 13.50
CA ASN A 401 22.11 -39.25 14.91
C ASN A 401 23.12 -38.35 15.58
N GLU A 402 24.13 -37.90 14.83
CA GLU A 402 25.14 -37.02 15.39
C GLU A 402 25.41 -35.79 14.54
N THR A 403 24.95 -35.82 13.30
CA THR A 403 25.15 -34.67 12.41
C THR A 403 24.00 -33.69 12.69
N HIS A 404 24.24 -32.77 13.63
CA HIS A 404 23.23 -31.80 14.04
C HIS A 404 22.79 -30.77 13.01
N GLY A 405 23.74 -30.04 12.41
CA GLY A 405 23.36 -29.05 11.41
C GLY A 405 23.83 -29.35 10.00
N HIS A 406 23.68 -30.62 9.58
CA HIS A 406 24.09 -31.07 8.23
C HIS A 406 23.04 -30.99 7.14
N VAL A 407 23.54 -30.81 5.92
CA VAL A 407 22.69 -30.73 4.73
C VAL A 407 22.96 -31.88 3.77
N GLY A 408 22.03 -32.10 2.85
CA GLY A 408 22.17 -33.17 1.88
C GLY A 408 23.54 -33.16 1.20
N ALA A 409 24.13 -31.97 1.13
CA ALA A 409 25.45 -31.83 0.51
C ALA A 409 26.51 -32.29 1.49
N ASP A 410 26.46 -31.76 2.71
CA ASP A 410 27.45 -32.14 3.71
C ASP A 410 27.54 -33.66 3.80
N LEU A 411 26.43 -34.30 4.08
CA LEU A 411 26.42 -35.75 4.20
C LEU A 411 26.94 -36.42 2.95
N ALA A 412 26.94 -35.69 1.83
CA ALA A 412 27.40 -36.27 0.57
C ALA A 412 28.85 -36.71 0.62
N ALA A 413 29.77 -35.76 0.50
CA ALA A 413 31.18 -36.11 0.53
C ALA A 413 31.48 -36.98 1.75
N LEU A 414 30.61 -36.95 2.76
CA LEU A 414 30.82 -37.75 3.97
C LEU A 414 31.10 -39.18 3.53
N CYS A 415 30.23 -39.70 2.67
CA CYS A 415 30.41 -41.04 2.17
C CYS A 415 31.68 -41.03 1.34
N SER A 416 31.80 -40.01 0.51
CA SER A 416 32.96 -39.86 -0.37
C SER A 416 34.24 -40.14 0.39
N GLU A 417 34.50 -39.40 1.45
CA GLU A 417 35.71 -39.59 2.23
C GLU A 417 35.67 -40.95 2.92
N ALA A 418 34.50 -41.33 3.41
CA ALA A 418 34.37 -42.61 4.12
C ALA A 418 34.82 -43.80 3.28
N ALA A 419 34.30 -43.90 2.06
CA ALA A 419 34.68 -44.99 1.19
C ALA A 419 36.15 -44.91 0.88
N LEU A 420 36.62 -43.71 0.52
CA LEU A 420 38.04 -43.52 0.20
C LEU A 420 38.93 -43.98 1.34
N GLN A 421 38.38 -44.01 2.56
CA GLN A 421 39.15 -44.46 3.72
C GLN A 421 39.33 -45.96 3.64
N ALA A 422 38.23 -46.67 3.42
CA ALA A 422 38.27 -48.12 3.30
C ALA A 422 39.01 -48.50 2.04
N ILE A 423 39.25 -47.51 1.19
CA ILE A 423 39.94 -47.72 -0.09
C ILE A 423 41.46 -47.60 0.06
N ARG A 424 41.93 -46.46 0.51
CA ARG A 424 43.37 -46.28 0.64
C ARG A 424 44.06 -47.40 1.40
N LYS A 425 43.28 -48.27 2.05
CA LYS A 425 43.86 -49.35 2.82
C LYS A 425 43.96 -50.72 2.15
N LYS A 426 42.83 -51.20 1.64
CA LYS A 426 42.72 -52.53 1.02
C LYS A 426 43.49 -52.82 -0.30
N MET A 427 42.96 -52.33 -1.43
CA MET A 427 43.56 -52.54 -2.76
C MET A 427 44.72 -51.58 -2.99
N ASP A 428 44.69 -50.47 -2.26
CA ASP A 428 45.73 -49.46 -2.38
C ASP A 428 47.07 -50.11 -2.00
N LEU A 429 47.23 -50.44 -0.72
CA LEU A 429 48.47 -51.08 -0.27
C LEU A 429 48.66 -52.43 -0.94
N ILE A 430 47.57 -53.17 -1.12
CA ILE A 430 47.70 -54.49 -1.70
C ILE A 430 47.54 -54.65 -3.23
N ASP A 431 46.51 -54.04 -3.79
CA ASP A 431 46.12 -54.35 -5.18
C ASP A 431 46.60 -53.84 -6.52
N LEU A 432 45.84 -54.29 -7.51
CA LEU A 432 46.03 -54.04 -8.94
C LEU A 432 45.05 -53.08 -9.57
N GLU A 433 45.59 -52.29 -10.47
CA GLU A 433 44.85 -51.29 -11.21
C GLU A 433 45.80 -51.06 -12.38
CA ASP A 434 46.99 -52.49 -14.21
C ASP A 434 46.85 -51.61 -15.45
N GLU A 435 45.94 -51.98 -16.34
CA GLU A 435 45.39 -51.04 -17.31
C GLU A 435 44.10 -50.41 -16.80
N THR A 436 43.26 -51.21 -16.16
CA THR A 436 42.12 -50.69 -15.42
C THR A 436 41.78 -51.59 -14.23
N ILE A 437 40.87 -51.13 -13.39
CA ILE A 437 40.53 -51.85 -12.16
C ILE A 437 39.81 -53.16 -12.46
N ASP A 438 39.58 -53.96 -11.42
CA ASP A 438 38.92 -55.23 -11.58
C ASP A 438 37.52 -55.21 -10.97
N ALA A 439 36.60 -55.94 -11.58
CA ALA A 439 35.22 -56.01 -11.10
C ALA A 439 35.14 -56.72 -9.76
N GLU A 440 35.68 -57.93 -9.71
CA GLU A 440 35.67 -58.71 -8.48
C GLU A 440 36.06 -57.84 -7.29
N VAL A 441 37.24 -57.37 -7.32
CA VAL A 441 37.78 -56.58 -6.22
C VAL A 441 36.76 -55.65 -5.56
N MET A 442 36.25 -54.71 -6.35
CA MET A 442 35.27 -53.75 -5.86
C MET A 442 34.18 -54.42 -5.04
N ASN A 443 33.44 -55.34 -5.65
CA ASN A 443 32.32 -56.02 -4.97
C ASN A 443 32.68 -56.63 -3.62
N SER A 444 33.95 -56.99 -3.44
CA SER A 444 34.39 -57.60 -2.20
C SER A 444 34.74 -56.54 -1.16
N LEU A 445 35.15 -55.37 -1.65
CA LEU A 445 35.52 -54.26 -0.79
C LEU A 445 34.48 -54.07 0.30
N ALA A 446 34.96 -53.72 1.50
CA ALA A 446 34.06 -53.49 2.61
C ALA A 446 34.35 -52.15 3.26
N VAL A 447 33.33 -51.56 3.88
CA VAL A 447 33.45 -50.28 4.55
C VAL A 447 32.74 -50.32 5.89
N THR A 448 33.48 -50.68 6.93
CA THR A 448 32.94 -50.77 8.29
C THR A 448 32.57 -49.40 8.84
N MET A 449 31.98 -49.40 10.03
CA MET A 449 31.56 -48.17 10.68
C MET A 449 32.79 -47.36 11.07
N ASP A 450 33.84 -48.03 11.51
CA ASP A 450 35.04 -47.32 11.92
C ASP A 450 35.57 -46.41 10.82
N ASP A 451 35.27 -46.74 9.57
CA ASP A 451 35.71 -45.92 8.44
C ASP A 451 35.03 -44.56 8.50
N PHE A 452 33.71 -44.57 8.49
CA PHE A 452 32.93 -43.34 8.55
C PHE A 452 33.36 -42.53 9.79
N ARG A 453 33.56 -43.22 10.92
CA ARG A 453 33.96 -42.56 12.16
C ARG A 453 35.06 -41.58 11.84
N TRP A 454 35.94 -42.00 10.94
CA TRP A 454 37.04 -41.16 10.52
C TRP A 454 36.43 -39.95 9.82
N ALA A 455 35.62 -40.22 8.79
CA ALA A 455 34.98 -39.16 8.02
C ALA A 455 34.41 -38.07 8.90
N LEU A 456 33.65 -38.45 9.91
CA LEU A 456 33.07 -37.46 10.79
C LEU A 456 34.15 -36.62 11.45
N SER A 457 35.07 -37.29 12.12
CA SER A 457 36.17 -36.63 12.80
C SER A 457 37.09 -35.92 11.80
N GLN A 458 36.89 -36.22 10.52
CA GLN A 458 37.71 -35.65 9.45
C GLN A 458 37.36 -34.22 9.05
N SER A 459 36.20 -34.07 8.42
CA SER A 459 35.76 -32.75 7.98
C SER A 459 34.44 -32.41 8.62
N ASN A 460 34.49 -31.46 9.55
CA ASN A 460 33.29 -31.05 10.23
C ASN A 460 32.80 -29.68 9.78
N PRO A 461 33.32 -29.10 8.67
CA PRO A 461 32.79 -27.78 8.32
C PRO A 461 31.36 -27.82 7.79
N SER A 462 30.42 -28.21 8.65
CA SER A 462 29.00 -28.27 8.30
C SER A 462 28.59 -26.95 7.72
N ALA A 463 27.86 -27.01 6.62
CA ALA A 463 27.40 -25.82 5.92
C ALA A 463 26.74 -24.84 6.91
N LEU A 464 25.77 -25.30 7.67
CA LEU A 464 25.11 -24.38 8.59
C LEU A 464 24.60 -24.96 9.91
N ARG A 465 24.35 -24.08 10.86
CA ARG A 465 23.76 -24.49 12.14
C ARG A 465 23.13 -23.25 12.69
N GLU A 466 22.35 -22.65 11.82
CA GLU A 466 21.66 -21.41 12.10
C GLU A 466 20.35 -21.56 12.85
N THR A 467 19.36 -22.15 12.19
CA THR A 467 18.05 -22.34 12.81
C THR A 467 17.49 -23.72 12.47
N VAL A 468 16.52 -24.19 13.24
CA VAL A 468 15.94 -25.51 13.02
C VAL A 468 14.43 -25.57 12.95
N VAL A 469 13.90 -26.28 11.96
CA VAL A 469 12.45 -26.41 11.84
C VAL A 469 12.10 -27.90 11.77
N GLU A 470 12.73 -28.69 12.64
CA GLU A 470 12.50 -30.12 12.65
C GLU A 470 11.24 -30.53 13.41
N VAL A 471 10.99 -31.84 13.46
CA VAL A 471 9.85 -32.40 14.15
C VAL A 471 10.36 -33.17 15.37
N PRO A 472 9.72 -33.01 16.53
CA PRO A 472 10.07 -33.68 17.79
C PRO A 472 10.22 -35.19 17.69
N GLN A 473 11.29 -35.71 18.26
CA GLN A 473 11.51 -37.15 18.24
C GLN A 473 11.18 -37.72 19.61
N VAL A 474 10.21 -37.09 20.28
CA VAL A 474 9.80 -37.56 21.61
C VAL A 474 8.28 -37.51 21.78
N THR A 475 7.70 -38.65 22.19
CA THR A 475 6.26 -38.77 22.42
C THR A 475 5.97 -38.50 23.89
N TRP A 476 4.84 -38.98 24.37
CA TRP A 476 4.50 -38.78 25.77
C TRP A 476 5.12 -39.86 26.64
N GLU A 477 5.97 -40.68 26.04
CA GLU A 477 6.63 -41.78 26.75
C GLU A 477 7.80 -41.32 27.60
N ASP A 478 8.09 -40.03 27.54
CA ASP A 478 9.19 -39.47 28.31
C ASP A 478 8.66 -38.47 29.35
N ILE A 479 7.43 -38.05 29.17
CA ILE A 479 6.82 -37.09 30.07
C ILE A 479 6.48 -37.73 31.41
N GLY A 480 5.56 -38.69 31.39
CA GLY A 480 5.16 -39.40 32.60
C GLY A 480 4.81 -38.55 33.82
N GLY A 481 4.24 -37.37 33.59
CA GLY A 481 3.87 -36.52 34.70
C GLY A 481 2.64 -35.71 34.36
N LEU A 482 1.78 -35.45 35.34
CA LEU A 482 0.58 -34.66 35.11
C LEU A 482 -0.12 -35.01 33.79
N GLU A 483 -0.68 -36.21 33.71
CA GLU A 483 -1.38 -36.65 32.50
C GLU A 483 -2.53 -35.70 32.15
N ASP A 484 -3.17 -35.16 33.18
CA ASP A 484 -4.30 -34.25 32.98
C ASP A 484 -3.98 -33.18 31.95
N VAL A 485 -2.85 -32.52 32.13
CA VAL A 485 -2.44 -31.47 31.23
C VAL A 485 -2.30 -31.98 29.80
N LYS A 486 -1.81 -33.21 29.67
CA LYS A 486 -1.61 -33.79 28.36
C LYS A 486 -2.83 -33.66 27.45
N ARG A 487 -3.98 -34.17 27.89
CA ARG A 487 -5.18 -34.12 27.07
C ARG A 487 -5.70 -32.70 26.91
N GLU A 488 -5.85 -31.98 28.03
CA GLU A 488 -6.36 -30.62 27.99
C GLU A 488 -5.63 -29.81 26.94
N LEU A 489 -4.32 -30.02 26.83
CA LEU A 489 -3.52 -29.29 25.86
C LEU A 489 -4.07 -29.63 24.49
N GLN A 490 -4.32 -30.91 24.29
CA GLN A 490 -4.85 -31.36 23.02
C GLN A 490 -6.20 -30.72 22.74
N GLU A 491 -6.85 -30.19 23.78
CA GLU A 491 -8.15 -29.54 23.62
C GLU A 491 -8.07 -28.20 22.90
N LEU A 492 -6.85 -27.70 22.72
CA LEU A 492 -6.66 -26.43 22.05
C LEU A 492 -5.93 -26.62 20.73
N VAL A 493 -5.27 -27.77 20.59
CA VAL A 493 -4.50 -28.08 19.39
C VAL A 493 -5.02 -29.19 18.48
N GLN A 494 -5.33 -30.35 19.05
CA GLN A 494 -5.83 -31.45 18.24
C GLN A 494 -7.30 -31.33 17.86
N TYR A 495 -8.15 -31.27 18.88
CA TYR A 495 -9.59 -31.15 18.68
C TYR A 495 -9.98 -30.03 17.71
N PRO A 496 -9.32 -28.86 17.80
CA PRO A 496 -9.63 -27.75 16.90
C PRO A 496 -9.02 -27.88 15.51
N VAL A 497 -8.25 -28.94 15.29
CA VAL A 497 -7.63 -29.15 13.98
C VAL A 497 -8.16 -30.44 13.35
N GLU A 498 -8.54 -31.39 14.19
CA GLU A 498 -9.07 -32.66 13.70
C GLU A 498 -10.59 -32.64 13.72
N HIS A 499 -11.16 -31.55 14.25
CA HIS A 499 -12.60 -31.39 14.33
C HIS A 499 -13.09 -29.95 14.07
N PRO A 500 -12.47 -29.23 13.13
CA PRO A 500 -12.91 -27.85 12.85
C PRO A 500 -14.39 -27.75 12.49
N ASP A 501 -15.01 -28.88 12.16
CA ASP A 501 -16.42 -28.90 11.81
C ASP A 501 -17.28 -28.76 13.06
N LYS A 502 -16.88 -29.46 14.12
CA LYS A 502 -17.61 -29.43 15.37
C LYS A 502 -17.29 -28.19 16.21
N PHE A 503 -16.06 -27.72 16.11
CA PHE A 503 -15.66 -26.54 16.85
C PHE A 503 -16.42 -25.34 16.31
N LEU A 504 -16.55 -25.26 14.99
CA LEU A 504 -17.26 -24.16 14.35
C LEU A 504 -18.76 -24.35 14.53
N LYS A 505 -19.16 -25.58 14.82
CA LYS A 505 -20.58 -25.88 15.02
C LYS A 505 -21.14 -24.89 16.05
N PHE A 506 -20.38 -24.66 17.11
CA PHE A 506 -20.81 -23.75 18.17
C PHE A 506 -20.66 -22.28 17.78
N GLY A 507 -19.68 -22.00 16.91
CA GLY A 507 -19.48 -20.62 16.48
C GLY A 507 -18.20 -19.95 16.92
N MET A 508 -17.94 -19.94 18.22
CA MET A 508 -16.74 -19.29 18.75
C MET A 508 -15.52 -19.65 17.92
N THR A 509 -14.48 -18.87 18.13
CA THR A 509 -13.23 -19.05 17.42
C THR A 509 -12.19 -19.66 18.37
N PRO A 510 -11.34 -20.55 17.85
CA PRO A 510 -10.31 -21.20 18.68
C PRO A 510 -9.42 -20.25 19.45
N SER A 511 -8.52 -20.84 20.21
CA SER A 511 -7.57 -20.10 21.02
C SER A 511 -6.24 -20.23 20.29
N LYS A 512 -5.53 -19.11 20.14
CA LYS A 512 -4.23 -19.12 19.47
C LYS A 512 -3.20 -20.00 20.14
N GLY A 513 -2.72 -19.59 21.31
CA GLY A 513 -1.71 -20.36 22.03
C GLY A 513 -1.75 -20.36 23.55
N VAL A 514 -0.98 -21.27 24.16
CA VAL A 514 -0.91 -21.40 25.60
C VAL A 514 0.42 -20.90 26.15
N LEU A 515 0.46 -20.60 27.45
CA LEU A 515 1.67 -20.13 28.11
C LEU A 515 1.91 -20.96 29.38
N PHE A 516 2.98 -21.75 29.39
CA PHE A 516 3.33 -22.58 30.55
C PHE A 516 4.10 -21.74 31.56
N TYR A 517 3.94 -22.04 32.84
CA TYR A 517 4.63 -21.29 33.89
C TYR A 517 4.74 -22.09 35.18
N GLY A 518 5.86 -21.93 35.86
CA GLY A 518 6.08 -22.66 37.10
C GLY A 518 7.57 -22.83 37.34
N PRO A 519 7.99 -23.63 38.35
CA PRO A 519 9.40 -23.84 38.67
C PRO A 519 10.18 -24.60 37.60
N PRO A 520 11.39 -24.12 37.26
CA PRO A 520 12.22 -24.76 36.24
C PRO A 520 12.43 -26.27 36.48
N GLY A 521 13.02 -26.94 35.49
CA GLY A 521 13.28 -28.37 35.62
C GLY A 521 12.06 -29.27 35.71
N CYS A 522 11.02 -28.94 34.96
CA CYS A 522 9.82 -29.74 34.97
C CYS A 522 9.39 -29.97 33.54
N GLY A 523 10.36 -30.09 32.65
CA GLY A 523 10.09 -30.33 31.25
C GLY A 523 8.93 -29.63 30.56
N LYS A 524 8.56 -28.42 30.99
CA LYS A 524 7.45 -27.71 30.34
C LYS A 524 7.70 -27.70 28.83
N THR A 525 8.94 -27.42 28.46
CA THR A 525 9.34 -27.40 27.07
C THR A 525 9.11 -28.80 26.53
N LEU A 526 9.44 -29.79 27.36
CA LEU A 526 9.29 -31.18 26.96
C LEU A 526 7.83 -31.47 26.58
N LEU A 527 6.89 -30.69 27.11
CA LEU A 527 5.47 -30.88 26.78
C LEU A 527 5.14 -30.31 25.41
N ALA A 528 5.31 -28.99 25.31
CA ALA A 528 5.05 -28.28 24.07
C ALA A 528 5.77 -28.97 22.91
N LYS A 529 6.92 -29.58 23.21
CA LYS A 529 7.72 -30.27 22.21
C LYS A 529 7.16 -31.67 22.00
N ALA A 530 6.86 -32.36 23.10
CA ALA A 530 6.33 -33.71 23.04
C ALA A 530 5.03 -33.72 22.26
N ILE A 531 4.16 -32.77 22.60
CA ILE A 531 2.89 -32.69 21.93
C ILE A 531 3.11 -32.40 20.46
N ALA A 532 4.19 -31.69 20.15
CA ALA A 532 4.49 -31.36 18.76
C ALA A 532 4.62 -32.64 17.92
N ASN A 533 4.83 -33.77 18.59
CA ASN A 533 4.95 -35.06 17.92
C ASN A 533 3.58 -35.72 17.87
N GLU A 534 2.87 -35.59 18.99
CA GLU A 534 1.53 -36.14 19.13
C GLU A 534 0.68 -35.55 18.01
N CYS A 535 1.22 -34.51 17.37
CA CYS A 535 0.55 -33.84 16.27
C CYS A 535 1.50 -33.76 15.08
N GLN A 536 2.56 -34.54 15.13
CA GLN A 536 3.55 -34.59 14.06
C GLN A 536 3.73 -33.28 13.29
N ALA A 537 3.99 -32.20 14.01
CA ALA A 537 4.21 -30.89 13.40
C ALA A 537 5.62 -30.42 13.72
N ASN A 538 6.01 -29.29 13.12
CA ASN A 538 7.34 -28.75 13.34
C ASN A 538 7.43 -28.10 14.72
N PHE A 539 8.64 -28.05 15.26
CA PHE A 539 8.88 -27.45 16.58
C PHE A 539 9.99 -26.43 16.52
N ILE A 540 9.58 -25.18 16.38
CA ILE A 540 10.51 -24.07 16.31
C ILE A 540 10.81 -23.66 17.76
N SER A 541 12.09 -23.55 18.13
CA SER A 541 12.49 -23.18 19.49
C SER A 541 13.43 -21.96 19.66
N ILE A 542 12.88 -20.79 20.01
CA ILE A 542 13.70 -19.58 20.22
C ILE A 542 13.97 -19.41 21.72
N LYS A 543 15.04 -20.04 22.19
CA LYS A 543 15.39 -19.96 23.60
C LYS A 543 15.70 -18.53 24.03
N GLY A 544 15.48 -18.25 25.31
CA GLY A 544 15.71 -16.92 25.85
C GLY A 544 16.93 -16.19 25.36
N PRO A 545 18.11 -16.81 25.40
CA PRO A 545 19.33 -16.16 24.93
C PRO A 545 19.19 -15.50 23.57
N GLU A 546 18.64 -16.20 22.58
CA GLU A 546 18.50 -15.61 21.24
C GLU A 546 17.59 -14.38 21.30
N LEU A 547 16.72 -14.33 22.30
CA LEU A 547 15.83 -13.20 22.47
C LEU A 547 16.65 -12.02 22.91
N LEU A 548 17.41 -12.23 23.97
CA LEU A 548 18.26 -11.20 24.54
C LEU A 548 19.20 -10.70 23.48
N THR A 549 19.77 -11.63 22.71
CA THR A 549 20.68 -11.27 21.65
C THR A 549 20.03 -10.24 20.74
N MET A 550 18.71 -10.34 20.57
CA MET A 550 18.00 -9.39 19.75
C MET A 550 17.87 -8.10 20.53
N TRP A 551 17.70 -8.24 21.85
CA TRP A 551 17.55 -7.08 22.72
C TRP A 551 18.80 -6.22 22.80
N PHE A 552 19.93 -6.83 23.09
CA PHE A 552 21.18 -6.08 23.20
C PHE A 552 21.57 -5.43 21.87
N GLY A 553 20.91 -5.86 20.78
CA GLY A 553 21.21 -5.31 19.47
C GLY A 553 20.05 -4.54 18.89
N GLU A 554 19.01 -4.36 19.69
CA GLU A 554 17.80 -3.64 19.29
C GLU A 554 17.41 -3.94 17.84
N SER A 555 17.54 -5.20 17.44
CA SER A 555 17.19 -5.61 16.09
C SER A 555 16.14 -6.71 16.11
N GLU A 556 15.02 -6.46 16.78
CA GLU A 556 13.96 -7.45 16.86
C GLU A 556 13.32 -7.62 15.50
N ALA A 557 13.91 -7.01 14.48
CA ALA A 557 13.38 -7.14 13.15
C ALA A 557 13.27 -8.62 12.79
N ASN A 558 14.17 -9.43 13.32
CA ASN A 558 14.18 -10.88 13.05
C ASN A 558 12.86 -11.49 13.47
N VAL A 559 12.26 -10.86 14.46
CA VAL A 559 10.99 -11.29 14.97
C VAL A 559 10.06 -11.55 13.78
N ARG A 560 9.96 -10.57 12.89
CA ARG A 560 9.11 -10.70 11.70
C ARG A 560 9.65 -11.80 10.79
N GLU A 561 10.96 -12.02 10.85
CA GLU A 561 11.62 -13.02 10.02
C GLU A 561 11.38 -14.42 10.59
N ILE A 562 11.03 -14.49 11.88
CA ILE A 562 10.81 -15.76 12.54
C ILE A 562 9.36 -16.23 12.47
N PHE A 563 8.41 -15.41 12.91
CA PHE A 563 7.02 -15.82 12.85
C PHE A 563 6.63 -16.14 11.41
N ASP A 564 7.55 -15.90 10.48
CA ASP A 564 7.28 -16.20 9.09
C ASP A 564 7.77 -17.58 8.74
N LYS A 565 8.97 -17.93 9.23
CA LYS A 565 9.51 -19.25 8.95
C LYS A 565 8.71 -20.25 9.76
N ALA A 566 7.84 -19.75 10.62
CA ALA A 566 7.00 -20.64 11.40
C ALA A 566 5.77 -20.88 10.53
N ARG A 567 5.50 -19.92 9.66
CA ARG A 567 4.36 -19.99 8.75
C ARG A 567 4.70 -20.72 7.47
N GLN A 568 5.90 -20.52 6.98
CA GLN A 568 6.35 -21.17 5.75
C GLN A 568 6.60 -22.64 6.09
N ALA A 569 6.18 -23.05 7.28
CA ALA A 569 6.32 -24.43 7.76
C ALA A 569 5.18 -24.81 8.70
N ALA A 570 4.10 -25.31 8.11
CA ALA A 570 2.92 -25.73 8.86
C ALA A 570 2.59 -27.20 8.63
N PRO A 571 2.09 -27.89 9.67
CA PRO A 571 1.83 -27.34 11.00
C PRO A 571 3.13 -26.95 11.70
N CYS A 572 3.02 -26.31 12.86
CA CYS A 572 4.20 -25.87 13.60
C CYS A 572 3.87 -25.25 14.96
N VAL A 573 4.78 -25.39 15.90
CA VAL A 573 4.60 -24.84 17.24
C VAL A 573 5.75 -23.95 17.65
N LEU A 574 5.48 -22.64 17.66
CA LEU A 574 6.48 -21.65 18.04
C LEU A 574 6.58 -21.64 19.56
N PHE A 575 7.77 -21.90 20.07
CA PHE A 575 8.04 -21.96 21.52
C PHE A 575 9.15 -21.02 22.01
N PHE A 576 8.82 -20.12 22.93
CA PHE A 576 9.81 -19.19 23.46
C PHE A 576 10.16 -19.43 24.91
N ASP A 577 11.33 -20.02 25.13
CA ASP A 577 11.79 -20.30 26.47
C ASP A 577 12.18 -18.97 27.11
N GLU A 578 12.28 -18.96 28.43
CA GLU A 578 12.63 -17.75 29.17
C GLU A 578 11.97 -16.51 28.57
N LEU A 579 10.67 -16.63 28.29
CA LEU A 579 9.85 -15.55 27.74
C LEU A 579 10.11 -14.22 28.46
N ASP A 580 10.50 -14.32 29.72
CA ASP A 580 10.78 -13.16 30.53
C ASP A 580 12.26 -12.80 30.41
N SER A 581 13.02 -13.65 29.73
CA SER A 581 14.46 -13.43 29.58
C SER A 581 14.77 -11.98 29.30
N ILE A 582 13.86 -11.28 28.61
CA ILE A 582 14.10 -9.88 28.30
C ILE A 582 13.87 -9.05 29.54
N ALA A 583 12.72 -9.24 30.15
CA ALA A 583 12.38 -8.51 31.37
C ALA A 583 13.35 -8.89 32.48
N LYS A 584 13.75 -10.16 32.50
CA LYS A 584 14.68 -10.68 33.50
C LYS A 584 15.92 -9.79 33.54
N ALA A 585 16.39 -9.39 32.36
CA ALA A 585 17.57 -8.53 32.27
C ALA A 585 17.28 -7.17 32.90
N ARG A 586 16.29 -6.47 32.34
CA ARG A 586 15.90 -5.16 32.85
C ARG A 586 15.13 -5.27 34.17
N GLY A 591 10.81 -4.28 37.77
CA GLY A 591 12.08 -3.98 37.14
C GLY A 591 12.54 -2.56 37.40
N ASP A 592 13.08 -1.89 36.38
CA ASP A 592 13.56 -0.51 36.51
C ASP A 592 12.49 0.57 36.34
N GLY A 593 12.92 1.77 35.95
CA GLY A 593 12.01 2.90 35.76
C GLY A 593 11.13 2.73 34.54
N GLY A 594 11.14 1.53 33.99
CA GLY A 594 10.30 1.28 32.84
C GLY A 594 9.03 0.60 33.32
N GLY A 595 8.23 0.16 32.37
CA GLY A 595 7.00 -0.55 32.68
C GLY A 595 7.15 -1.93 32.08
N ALA A 596 6.05 -2.65 31.89
CA ALA A 596 6.11 -4.00 31.34
C ALA A 596 6.61 -4.16 29.90
N ALA A 597 5.89 -3.59 28.94
CA ALA A 597 6.26 -3.71 27.53
C ALA A 597 7.75 -3.54 27.24
N ASP A 598 8.27 -4.42 26.40
CA ASP A 598 9.68 -4.39 26.01
C ASP A 598 9.82 -4.40 24.49
N ARG A 599 10.90 -3.80 24.00
CA ARG A 599 11.17 -3.71 22.56
C ARG A 599 10.86 -5.00 21.80
N VAL A 600 11.48 -6.11 22.21
CA VAL A 600 11.25 -7.40 21.55
C VAL A 600 9.87 -7.91 21.90
N ILE A 601 9.63 -8.08 23.20
CA ILE A 601 8.36 -8.58 23.71
C ILE A 601 7.18 -7.98 22.92
N ASN A 602 7.11 -6.65 22.85
CA ASN A 602 6.02 -5.98 22.14
C ASN A 602 5.97 -6.34 20.65
N GLN A 603 7.12 -6.25 19.99
CA GLN A 603 7.20 -6.55 18.56
C GLN A 603 6.60 -7.93 18.28
N ILE A 604 6.75 -8.83 19.25
CA ILE A 604 6.24 -10.19 19.13
C ILE A 604 4.73 -10.22 19.10
N LEU A 605 4.15 -9.28 19.80
CA LEU A 605 2.71 -9.18 19.85
C LEU A 605 2.24 -8.83 18.45
N THR A 606 2.98 -7.97 17.76
CA THR A 606 2.61 -7.57 16.42
C THR A 606 2.51 -8.79 15.51
N GLU A 607 3.61 -9.51 15.33
CA GLU A 607 3.66 -10.69 14.47
C GLU A 607 2.79 -11.82 14.99
N MET A 608 2.10 -11.56 16.09
CA MET A 608 1.21 -12.55 16.64
C MET A 608 -0.21 -12.07 16.37
N ASP A 609 -0.37 -10.75 16.25
CA ASP A 609 -1.68 -10.15 15.98
C ASP A 609 -2.05 -10.38 14.53
N GLY A 610 -1.10 -10.10 13.65
CA GLY A 610 -1.34 -10.28 12.23
C GLY A 610 -1.05 -11.71 11.86
N MET A 611 -0.87 -12.57 12.85
CA MET A 611 -0.59 -13.97 12.57
C MET A 611 -1.93 -14.53 12.11
N SER A 612 -1.94 -15.22 10.97
CA SER A 612 -3.18 -15.76 10.45
C SER A 612 -4.00 -16.49 11.48
N THR A 613 -5.15 -15.89 11.80
CA THR A 613 -6.04 -16.48 12.79
C THR A 613 -6.50 -17.86 12.31
N LYS A 614 -7.00 -17.91 11.08
CA LYS A 614 -7.49 -19.17 10.51
C LYS A 614 -6.40 -20.01 9.85
N LYS A 615 -5.18 -19.92 10.37
CA LYS A 615 -4.07 -20.66 9.82
C LYS A 615 -3.86 -21.96 10.62
N ASN A 616 -2.68 -22.57 10.49
CA ASN A 616 -2.36 -23.79 11.21
C ASN A 616 -1.06 -23.62 11.99
N VAL A 617 -1.11 -22.81 13.06
CA VAL A 617 0.07 -22.58 13.88
C VAL A 617 -0.29 -22.28 15.34
N PHE A 618 0.28 -23.06 16.24
CA PHE A 618 0.04 -22.91 17.66
C PHE A 618 1.21 -22.24 18.32
N ILE A 619 0.93 -21.20 19.10
CA ILE A 619 1.99 -20.44 19.75
C ILE A 619 2.12 -20.75 21.25
N ILE A 620 3.16 -21.49 21.64
CA ILE A 620 3.38 -21.83 23.05
C ILE A 620 4.57 -21.08 23.60
N GLY A 621 4.56 -20.81 24.89
CA GLY A 621 5.66 -20.10 25.52
C GLY A 621 5.71 -20.46 26.99
N ALA A 622 6.88 -20.76 27.52
CA ALA A 622 6.98 -21.12 28.92
C ALA A 622 7.93 -20.18 29.63
N THR A 623 7.64 -19.90 30.90
CA THR A 623 8.46 -18.98 31.70
C THR A 623 8.55 -19.34 33.19
N ASN A 624 9.78 -19.41 33.73
CA ASN A 624 9.98 -19.75 35.13
C ASN A 624 9.75 -18.51 35.98
N ARG A 625 9.19 -17.49 35.33
CA ARG A 625 8.94 -16.22 35.96
C ARG A 625 7.60 -15.65 35.52
N PRO A 626 6.48 -16.23 35.98
CA PRO A 626 5.19 -15.67 35.55
C PRO A 626 4.86 -14.31 36.13
N ASP A 627 5.69 -13.85 37.06
CA ASP A 627 5.45 -12.58 37.70
C ASP A 627 5.92 -11.36 36.94
N ILE A 628 6.74 -11.57 35.92
CA ILE A 628 7.28 -10.46 35.16
C ILE A 628 6.98 -10.53 33.66
N ILE A 629 5.75 -10.85 33.31
CA ILE A 629 5.31 -10.97 31.92
C ILE A 629 4.39 -9.82 31.51
N ASP A 630 4.57 -9.31 30.30
CA ASP A 630 3.71 -8.23 29.83
C ASP A 630 2.31 -8.80 29.66
N PRO A 631 1.33 -8.30 30.42
CA PRO A 631 -0.06 -8.74 30.37
C PRO A 631 -0.69 -8.78 28.97
N ALA A 632 -0.07 -8.09 28.02
CA ALA A 632 -0.59 -8.07 26.66
C ALA A 632 -0.57 -9.43 25.99
N ILE A 633 0.23 -10.34 26.53
CA ILE A 633 0.36 -11.69 25.95
C ILE A 633 -0.76 -12.61 26.40
N LEU A 634 -1.28 -12.32 27.58
CA LEU A 634 -2.34 -13.11 28.18
C LEU A 634 -3.71 -12.60 27.74
N ARG A 635 -3.72 -11.40 27.17
CA ARG A 635 -4.96 -10.80 26.71
C ARG A 635 -5.60 -11.75 25.71
N PRO A 636 -6.89 -12.05 25.90
CA PRO A 636 -7.61 -12.95 25.00
C PRO A 636 -7.30 -12.65 23.53
N GLY A 637 -6.99 -13.69 22.76
CA GLY A 637 -6.69 -13.48 21.35
C GLY A 637 -5.28 -13.91 21.02
N ARG A 638 -4.42 -13.97 22.03
CA ARG A 638 -3.01 -14.36 21.83
C ARG A 638 -2.68 -15.58 22.68
N LEU A 639 -2.48 -15.36 23.97
CA LEU A 639 -2.19 -16.45 24.88
C LEU A 639 -3.21 -16.43 26.01
N ASP A 640 -4.48 -16.41 25.62
CA ASP A 640 -5.57 -16.38 26.57
C ASP A 640 -5.63 -17.62 27.44
N GLN A 641 -4.87 -18.64 27.08
CA GLN A 641 -4.84 -19.87 27.86
C GLN A 641 -3.56 -19.97 28.68
N LEU A 642 -3.71 -20.18 29.98
CA LEU A 642 -2.58 -20.28 30.91
C LEU A 642 -2.62 -21.58 31.68
N ILE A 643 -1.47 -22.23 31.79
CA ILE A 643 -1.41 -23.51 32.50
C ILE A 643 -0.24 -23.59 33.45
N TYR A 644 -0.50 -24.11 34.65
CA TYR A 644 0.55 -24.25 35.64
C TYR A 644 1.01 -25.69 35.76
N ILE A 645 2.31 -25.90 35.62
CA ILE A 645 2.84 -27.22 35.74
C ILE A 645 3.78 -27.18 36.94
N PRO A 646 3.24 -27.48 38.13
CA PRO A 646 3.94 -27.50 39.41
C PRO A 646 5.06 -28.54 39.46
N LEU A 647 5.64 -28.76 40.65
CA LEU A 647 6.73 -29.73 40.82
C LEU A 647 6.27 -31.18 40.63
N PRO A 648 7.21 -32.13 40.60
CA PRO A 648 6.91 -33.56 40.42
C PRO A 648 6.22 -34.25 41.60
N ASP A 649 4.94 -34.54 41.44
CA ASP A 649 4.17 -35.20 42.49
C ASP A 649 4.87 -36.51 42.87
N GLU A 650 4.57 -37.03 44.06
CA GLU A 650 5.20 -38.29 44.49
C GLU A 650 4.94 -39.37 43.44
N LYS A 651 3.77 -39.30 42.81
CA LYS A 651 3.39 -40.26 41.78
C LYS A 651 4.36 -40.13 40.62
N SER A 652 4.17 -39.07 39.85
CA SER A 652 5.00 -38.79 38.70
C SER A 652 6.50 -39.02 38.96
N ARG A 653 6.96 -38.67 40.15
CA ARG A 653 8.38 -38.84 40.52
C ARG A 653 8.94 -40.20 40.12
N VAL A 654 8.18 -41.25 40.41
CA VAL A 654 8.58 -42.62 40.08
C VAL A 654 8.83 -42.77 38.58
N ALA A 655 7.75 -42.74 37.79
CA ALA A 655 7.87 -42.87 36.33
C ALA A 655 8.91 -41.91 35.81
N ILE A 656 8.94 -40.71 36.38
CA ILE A 656 9.91 -39.70 35.96
C ILE A 656 11.29 -40.37 35.92
N LEU A 657 11.59 -41.15 36.95
CA LEU A 657 12.87 -41.84 37.00
C LEU A 657 12.90 -42.94 35.94
N LYS A 658 11.86 -43.77 35.93
CA LYS A 658 11.74 -44.88 34.97
C LYS A 658 11.75 -44.36 33.55
N ALA A 659 11.51 -43.06 33.40
CA ALA A 659 11.49 -42.44 32.09
C ALA A 659 12.83 -41.77 31.79
N ASN A 660 13.56 -41.40 32.84
CA ASN A 660 14.85 -40.75 32.67
C ASN A 660 15.94 -41.80 32.84
N LEU A 661 15.52 -43.04 33.07
CA LEU A 661 16.45 -44.15 33.24
C LEU A 661 16.12 -45.30 32.29
N ARG A 662 15.21 -45.04 31.35
CA ARG A 662 14.78 -46.03 30.36
C ARG A 662 15.97 -46.74 29.72
N LYS A 663 16.71 -46.05 28.87
CA LYS A 663 17.88 -46.63 28.20
C LYS A 663 19.07 -46.62 29.18
N SER A 664 18.90 -47.23 30.34
CA SER A 664 19.95 -47.28 31.38
C SER A 664 20.14 -48.66 32.02
N PRO A 665 21.40 -49.04 32.28
CA PRO A 665 21.74 -50.33 32.90
C PRO A 665 21.25 -50.39 34.34
N VAL A 666 19.97 -50.08 34.53
CA VAL A 666 19.38 -50.09 35.84
C VAL A 666 19.30 -51.52 36.34
N ALA A 667 20.00 -51.81 37.44
CA ALA A 667 19.98 -53.16 37.99
C ALA A 667 18.59 -53.51 38.52
N LYS A 668 18.41 -54.78 38.89
CA LYS A 668 17.14 -55.28 39.40
C LYS A 668 16.85 -54.81 40.83
N ASP A 669 17.89 -54.75 41.64
CA ASP A 669 17.77 -54.32 43.03
C ASP A 669 17.42 -52.86 43.08
N VAL A 670 17.63 -52.17 41.97
CA VAL A 670 17.33 -50.76 41.89
C VAL A 670 15.84 -50.63 42.25
N ASP A 671 15.55 -49.90 43.32
CA ASP A 671 14.18 -49.69 43.78
C ASP A 671 13.88 -48.20 43.78
N LEU A 672 13.10 -47.76 42.80
CA LEU A 672 12.75 -46.35 42.67
C LEU A 672 11.62 -45.92 43.57
N GLU A 673 10.64 -46.78 43.76
CA GLU A 673 9.52 -46.43 44.62
C GLU A 673 10.05 -45.87 45.94
N PHE A 674 11.19 -46.39 46.38
CA PHE A 674 11.84 -45.95 47.61
C PHE A 674 12.21 -44.48 47.52
N LEU A 675 12.84 -44.13 46.41
CA LEU A 675 13.27 -42.76 46.19
C LEU A 675 12.06 -41.88 45.92
N ALA A 676 10.97 -42.49 45.44
CA ALA A 676 9.74 -41.78 45.13
C ALA A 676 9.19 -41.07 46.36
N LYS A 677 9.78 -41.37 47.51
CA LYS A 677 9.35 -40.76 48.76
C LYS A 677 10.50 -39.99 49.39
N MET A 678 11.69 -40.14 48.82
CA MET A 678 12.86 -39.45 49.34
C MET A 678 12.93 -38.00 48.89
N THR A 679 12.99 -37.78 47.58
CA THR A 679 13.08 -36.42 47.06
C THR A 679 11.71 -35.84 46.81
N ASN A 680 11.32 -34.87 47.64
CA ASN A 680 10.02 -34.27 47.51
C ASN A 680 10.00 -32.88 46.89
N GLY A 681 10.96 -32.04 47.26
CA GLY A 681 10.99 -30.69 46.72
C GLY A 681 11.68 -30.59 45.38
N PHE A 682 12.25 -31.71 44.94
CA PHE A 682 12.98 -31.78 43.69
C PHE A 682 12.07 -31.68 42.46
N SER A 683 12.69 -31.63 41.29
CA SER A 683 11.97 -31.52 40.02
C SER A 683 12.57 -32.47 38.98
N GLY A 684 11.87 -32.62 37.86
CA GLY A 684 12.35 -33.49 36.80
C GLY A 684 13.81 -33.27 36.47
N ALA A 685 14.28 -32.05 36.71
CA ALA A 685 15.67 -31.72 36.44
C ALA A 685 16.54 -32.29 37.53
N ASP A 686 16.27 -31.89 38.76
CA ASP A 686 17.06 -32.36 39.91
C ASP A 686 17.11 -33.89 39.94
N LEU A 687 15.97 -34.52 39.68
CA LEU A 687 15.92 -35.96 39.67
C LEU A 687 16.96 -36.47 38.67
N THR A 688 17.03 -35.84 37.50
CA THR A 688 17.99 -36.22 36.46
C THR A 688 19.41 -36.00 36.99
N GLU A 689 19.59 -34.95 37.79
CA GLU A 689 20.89 -34.63 38.36
C GLU A 689 21.41 -35.86 39.08
N ILE A 690 20.73 -36.23 40.17
CA ILE A 690 21.15 -37.39 40.93
C ILE A 690 21.38 -38.60 40.03
N CYS A 691 20.61 -38.70 38.95
CA CYS A 691 20.76 -39.83 38.03
C CYS A 691 22.15 -39.90 37.43
N GLN A 692 22.48 -38.92 36.61
CA GLN A 692 23.79 -38.89 36.00
C GLN A 692 24.88 -39.07 37.02
N ARG A 693 24.64 -38.59 38.25
CA ARG A 693 25.64 -38.72 39.31
C ARG A 693 25.87 -40.18 39.62
N ALA A 694 24.82 -40.99 39.51
CA ALA A 694 24.94 -42.41 39.78
C ALA A 694 25.84 -43.06 38.75
N CYS A 695 25.93 -42.44 37.58
CA CYS A 695 26.76 -42.97 36.51
C CYS A 695 28.19 -42.45 36.57
N LYS A 696 28.35 -41.15 36.81
CA LYS A 696 29.68 -40.56 36.89
C LYS A 696 30.43 -41.17 38.08
N LEU A 697 29.81 -42.16 38.69
CA LEU A 697 30.37 -42.88 39.84
C LEU A 697 30.42 -44.35 39.45
N ALA A 698 29.51 -44.73 38.56
CA ALA A 698 29.42 -46.10 38.08
C ALA A 698 30.53 -46.35 37.07
N ILE A 699 30.75 -45.40 36.18
CA ILE A 699 31.80 -45.54 35.19
C ILE A 699 33.16 -45.49 35.89
N ARG A 700 33.23 -44.69 36.96
CA ARG A 700 34.46 -44.53 37.74
C ARG A 700 34.93 -45.86 38.29
N GLU A 701 33.97 -46.72 38.62
CA GLU A 701 34.27 -48.04 39.16
C GLU A 701 34.87 -48.87 38.04
N SER A 702 34.25 -48.73 36.87
CA SER A 702 34.63 -49.41 35.65
C SER A 702 36.06 -49.17 35.19
N ILE A 703 36.35 -47.93 34.85
CA ILE A 703 37.67 -47.58 34.36
C ILE A 703 38.75 -47.86 35.38
N GLU A 704 38.44 -47.62 36.65
CA GLU A 704 39.36 -47.83 37.75
C GLU A 704 39.82 -49.28 37.90
N SER A 705 38.88 -50.17 38.21
CA SER A 705 39.21 -51.59 38.40
C SER A 705 39.85 -52.28 37.19
N GLU A 706 39.36 -51.98 35.98
CA GLU A 706 39.86 -52.59 34.75
C GLU A 706 41.37 -52.62 34.65
N ILE A 707 41.94 -51.44 34.75
CA ILE A 707 43.36 -51.24 34.65
C ILE A 707 44.08 -51.62 35.95
N VAL A 728 31.83 -55.61 34.59
CA VAL A 728 30.85 -55.35 35.64
C VAL A 728 29.99 -54.10 35.38
N PRO A 729 29.42 -53.93 34.17
CA PRO A 729 28.58 -52.76 33.85
C PRO A 729 27.09 -52.80 34.26
N GLU A 730 26.82 -52.89 35.56
CA GLU A 730 25.43 -52.91 36.07
C GLU A 730 25.24 -51.93 37.20
N ILE A 731 24.54 -50.83 36.96
CA ILE A 731 24.32 -49.82 38.01
C ILE A 731 23.64 -50.44 39.20
N ARG A 732 24.24 -50.21 40.35
CA ARG A 732 23.72 -50.76 41.58
C ARG A 732 23.26 -49.70 42.59
N ARG A 733 22.59 -50.17 43.64
CA ARG A 733 22.07 -49.35 44.73
C ARG A 733 23.10 -48.44 45.36
N ASP A 734 24.19 -49.03 45.85
CA ASP A 734 25.26 -48.27 46.49
C ASP A 734 25.61 -47.02 45.70
N HIS A 735 25.38 -47.06 44.39
CA HIS A 735 25.66 -45.91 43.54
C HIS A 735 24.58 -44.86 43.77
N PHE A 736 23.35 -45.18 43.39
CA PHE A 736 22.23 -44.28 43.56
C PHE A 736 22.26 -43.64 44.94
N GLU A 737 22.44 -44.46 45.97
CA GLU A 737 22.48 -43.92 47.31
C GLU A 737 23.71 -43.04 47.50
N GLU A 738 24.89 -43.52 47.12
CA GLU A 738 26.09 -42.72 47.26
C GLU A 738 25.95 -41.44 46.44
N ALA A 739 24.87 -41.37 45.67
CA ALA A 739 24.60 -40.21 44.80
C ALA A 739 23.76 -39.15 45.48
N MET A 740 22.77 -39.58 46.25
CA MET A 740 21.91 -38.62 46.94
C MET A 740 22.75 -37.78 47.90
N ARG A 741 23.99 -38.20 48.13
CA ARG A 741 24.92 -37.49 49.03
C ARG A 741 25.00 -36.04 48.60
N PHE A 742 25.12 -35.82 47.30
CA PHE A 742 25.21 -34.48 46.73
C PHE A 742 23.84 -34.06 46.20
N ALA A 743 22.80 -34.31 47.00
CA ALA A 743 21.44 -33.96 46.61
C ALA A 743 21.20 -32.46 46.72
N ARG A 744 20.52 -31.91 45.73
CA ARG A 744 20.23 -30.48 45.71
C ARG A 744 18.76 -30.25 45.33
N ARG A 745 18.12 -29.31 46.02
CA ARG A 745 16.72 -28.97 45.75
C ARG A 745 16.65 -27.66 44.97
N SER A 746 16.68 -27.74 43.65
CA SER A 746 16.66 -26.53 42.83
C SER A 746 15.55 -25.57 43.26
N VAL A 747 14.43 -26.12 43.72
CA VAL A 747 13.30 -25.30 44.14
C VAL A 747 13.18 -25.14 45.65
N SER A 748 13.56 -23.98 46.14
CA SER A 748 13.49 -23.69 47.57
C SER A 748 12.04 -23.65 48.00
N ASP A 749 11.81 -23.80 49.30
CA ASP A 749 10.46 -23.77 49.84
C ASP A 749 9.83 -22.38 49.71
N ASN A 750 10.62 -21.31 49.85
CA ASN A 750 10.11 -19.94 49.73
C ASN A 750 9.49 -19.73 48.35
N ASP A 751 10.22 -20.13 47.32
CA ASP A 751 9.75 -19.99 45.96
C ASP A 751 8.56 -20.92 45.72
N ILE A 752 8.64 -22.14 46.23
CA ILE A 752 7.55 -23.10 46.07
C ILE A 752 6.22 -22.36 46.24
N ARG A 753 6.19 -21.43 47.18
CA ARG A 753 4.98 -20.65 47.46
C ARG A 753 4.78 -19.48 46.50
N LYS A 754 5.85 -18.80 46.15
CA LYS A 754 5.74 -17.66 45.25
C LYS A 754 4.91 -17.98 43.98
N TYR A 755 5.24 -19.08 43.29
CA TYR A 755 4.55 -19.44 42.05
C TYR A 755 3.08 -19.77 42.32
N GLU A 756 2.79 -20.17 43.55
CA GLU A 756 1.44 -20.47 43.93
C GLU A 756 0.70 -19.15 44.12
N MET A 757 1.33 -18.23 44.84
CA MET A 757 0.75 -16.91 45.10
C MET A 757 0.22 -16.42 43.76
N PHE A 758 1.03 -16.65 42.72
CA PHE A 758 0.70 -16.26 41.35
C PHE A 758 -0.34 -17.23 40.78
N ALA A 759 -0.04 -18.51 40.91
CA ALA A 759 -0.92 -19.57 40.42
C ALA A 759 -2.40 -19.30 40.63
N GLN A 760 -2.79 -18.93 41.83
CA GLN A 760 -4.20 -18.68 42.09
C GLN A 760 -4.79 -17.56 41.24
N THR A 761 -4.26 -16.36 41.40
CA THR A 761 -4.71 -15.19 40.66
C THR A 761 -4.50 -15.36 39.17
N LEU A 762 -3.44 -16.10 38.82
CA LEU A 762 -3.11 -16.36 37.43
C LEU A 762 -4.17 -17.33 36.84
N GLN A 763 -4.92 -18.00 37.70
CA GLN A 763 -5.98 -18.92 37.27
C GLN A 763 -7.34 -18.47 37.79
N ASN B 21 -36.76 16.79 -23.42
CA ASN B 21 -35.71 16.64 -24.47
C ASN B 21 -35.78 15.25 -25.09
N ARG B 22 -36.90 14.95 -25.74
CA ARG B 22 -37.08 13.66 -26.37
C ARG B 22 -37.01 12.54 -25.32
N PRO B 23 -38.17 12.09 -24.83
CA PRO B 23 -38.27 11.03 -23.82
C PRO B 23 -38.04 9.63 -24.37
N ASN B 24 -37.13 9.51 -25.34
CA ASN B 24 -36.83 8.21 -25.94
C ASN B 24 -35.34 7.91 -25.92
N ARG B 25 -34.51 8.92 -26.08
CA ARG B 25 -33.06 8.71 -26.06
C ARG B 25 -32.51 9.07 -24.69
N LEU B 26 -31.66 8.20 -24.14
CA LEU B 26 -31.05 8.42 -22.83
C LEU B 26 -29.54 8.17 -22.88
N ILE B 27 -28.96 7.97 -21.71
CA ILE B 27 -27.53 7.73 -21.60
C ILE B 27 -27.28 6.33 -21.08
N VAL B 28 -26.30 5.65 -21.67
CA VAL B 28 -25.97 4.29 -21.25
C VAL B 28 -25.05 4.32 -20.03
N ASP B 29 -25.49 3.72 -18.93
CA ASP B 29 -24.74 3.66 -17.69
C ASP B 29 -24.29 2.21 -17.45
N GLU B 30 -23.87 1.91 -16.22
CA GLU B 30 -23.43 0.56 -15.89
C GLU B 30 -24.62 -0.40 -16.06
N ALA B 31 -24.46 -1.63 -15.60
CA ALA B 31 -25.52 -2.64 -15.70
C ALA B 31 -25.75 -3.40 -14.39
N ILE B 32 -26.83 -3.06 -13.69
CA ILE B 32 -27.15 -3.70 -12.42
C ILE B 32 -27.65 -5.11 -12.68
N ASN B 33 -27.98 -5.35 -13.94
CA ASN B 33 -28.47 -6.65 -14.33
C ASN B 33 -27.54 -7.19 -15.41
N GLU B 34 -26.84 -8.28 -15.11
CA GLU B 34 -25.91 -8.86 -16.07
C GLU B 34 -26.59 -9.88 -16.98
N ASP B 35 -27.43 -9.39 -17.90
CA ASP B 35 -28.13 -10.26 -18.85
C ASP B 35 -27.93 -9.76 -20.28
N ASN B 36 -27.54 -10.66 -21.18
CA ASN B 36 -27.31 -10.30 -22.57
C ASN B 36 -28.59 -9.86 -23.29
N SER B 37 -29.64 -9.57 -22.51
CA SER B 37 -30.90 -9.16 -23.10
C SER B 37 -31.74 -8.33 -22.12
N VAL B 38 -31.28 -7.13 -21.79
CA VAL B 38 -32.01 -6.27 -20.88
C VAL B 38 -31.42 -4.87 -20.82
N VAL B 39 -32.28 -3.89 -20.54
CA VAL B 39 -31.85 -2.50 -20.44
C VAL B 39 -32.57 -1.84 -19.27
N SER B 40 -32.26 -2.32 -18.08
CA SER B 40 -32.86 -1.82 -16.85
C SER B 40 -33.06 -0.29 -16.82
N LEU B 41 -34.30 0.13 -16.60
CA LEU B 41 -34.65 1.55 -16.52
C LEU B 41 -35.35 1.81 -15.20
N SER B 42 -35.50 3.08 -14.85
CA SER B 42 -36.16 3.45 -13.61
C SER B 42 -37.67 3.29 -13.73
N GLN B 43 -38.33 3.04 -12.61
CA GLN B 43 -39.78 2.85 -12.57
C GLN B 43 -40.51 4.06 -13.15
N PRO B 44 -40.22 5.25 -12.60
CA PRO B 44 -40.88 6.46 -13.10
C PRO B 44 -40.53 6.79 -14.55
N LYS B 45 -39.60 6.02 -15.12
CA LYS B 45 -39.19 6.23 -16.51
C LYS B 45 -40.10 5.45 -17.44
N MET B 46 -40.34 4.19 -17.09
CA MET B 46 -41.20 3.32 -17.86
C MET B 46 -42.54 3.99 -18.06
N ASP B 47 -43.09 4.49 -16.95
CA ASP B 47 -44.38 5.17 -16.97
C ASP B 47 -44.40 6.29 -18.00
N GLU B 48 -43.24 6.90 -18.22
CA GLU B 48 -43.14 7.99 -19.18
C GLU B 48 -43.25 7.45 -20.59
N LEU B 49 -42.71 6.25 -20.79
CA LEU B 49 -42.71 5.62 -22.09
C LEU B 49 -43.64 4.41 -22.21
N GLN B 50 -44.61 4.33 -21.31
CA GLN B 50 -45.59 3.24 -21.32
C GLN B 50 -45.04 1.85 -21.58
N LEU B 51 -44.15 1.39 -20.72
CA LEU B 51 -43.56 0.07 -20.87
C LEU B 51 -43.83 -0.84 -19.69
N PHE B 52 -44.29 -2.05 -19.97
CA PHE B 52 -44.60 -3.03 -18.93
C PHE B 52 -43.31 -3.71 -18.43
N ARG B 53 -43.45 -4.70 -17.54
CA ARG B 53 -42.29 -5.44 -17.00
C ARG B 53 -41.65 -6.31 -18.07
N GLY B 54 -42.47 -7.05 -18.81
CA GLY B 54 -41.99 -7.93 -19.86
C GLY B 54 -42.22 -7.41 -21.27
N ASP B 55 -42.25 -6.09 -21.41
CA ASP B 55 -42.43 -5.45 -22.72
C ASP B 55 -41.06 -5.52 -23.37
N THR B 56 -40.97 -6.24 -24.48
CA THR B 56 -39.70 -6.35 -25.18
C THR B 56 -39.47 -4.98 -25.84
N VAL B 57 -38.21 -4.58 -25.95
CA VAL B 57 -37.89 -3.26 -26.52
C VAL B 57 -36.99 -3.28 -27.73
N LEU B 58 -37.07 -2.21 -28.53
CA LEU B 58 -36.25 -2.05 -29.73
C LEU B 58 -35.21 -0.95 -29.50
N LEU B 59 -33.94 -1.34 -29.41
CA LEU B 59 -32.86 -0.39 -29.16
C LEU B 59 -32.12 0.04 -30.43
N LYS B 60 -31.82 1.34 -30.53
CA LYS B 60 -31.10 1.88 -31.67
C LYS B 60 -29.76 2.42 -31.20
N GLY B 61 -28.80 2.57 -32.10
CA GLY B 61 -27.50 3.08 -31.69
C GLY B 61 -26.66 3.52 -32.87
N LYS B 62 -25.45 4.00 -32.61
CA LYS B 62 -24.57 4.46 -33.68
C LYS B 62 -24.31 3.37 -34.72
N LYS B 63 -23.56 3.72 -35.76
CA LYS B 63 -23.19 2.81 -36.85
C LYS B 63 -24.37 2.00 -37.43
N ARG B 64 -25.53 2.64 -37.50
CA ARG B 64 -26.76 2.04 -38.01
C ARG B 64 -27.02 0.63 -37.46
N ARG B 65 -26.84 0.49 -36.15
CA ARG B 65 -27.06 -0.79 -35.49
C ARG B 65 -28.20 -0.68 -34.48
N GLU B 66 -28.92 -1.79 -34.33
CA GLU B 66 -30.05 -1.85 -33.40
C GLU B 66 -29.87 -3.08 -32.52
N ALA B 67 -30.97 -3.57 -31.94
CA ALA B 67 -30.98 -4.75 -31.09
C ALA B 67 -32.35 -4.88 -30.45
N VAL B 68 -32.56 -5.96 -29.71
CA VAL B 68 -33.86 -6.18 -29.09
C VAL B 68 -33.75 -6.73 -27.67
N CYS B 69 -33.60 -5.85 -26.68
CA CYS B 69 -33.49 -6.29 -25.31
C CYS B 69 -34.83 -6.26 -24.58
N ILE B 70 -34.78 -6.23 -23.26
CA ILE B 70 -35.99 -6.18 -22.45
C ILE B 70 -35.82 -5.12 -21.38
N VAL B 71 -36.88 -4.34 -21.16
CA VAL B 71 -36.86 -3.27 -20.17
C VAL B 71 -37.32 -3.74 -18.80
N LEU B 72 -36.71 -3.18 -17.76
CA LEU B 72 -37.05 -3.54 -16.39
C LEU B 72 -37.06 -2.30 -15.51
N SER B 73 -37.38 -2.50 -14.24
CA SER B 73 -37.43 -1.40 -13.28
C SER B 73 -36.24 -1.46 -12.32
N ASP B 74 -35.65 -0.31 -12.06
CA ASP B 74 -34.50 -0.22 -11.17
C ASP B 74 -34.62 1.03 -10.31
N ASP B 75 -34.94 0.85 -9.03
CA ASP B 75 -35.08 1.97 -8.10
C ASP B 75 -33.79 2.76 -7.94
N THR B 76 -32.66 2.08 -8.10
CA THR B 76 -31.36 2.71 -7.97
C THR B 76 -30.81 3.15 -9.33
N CYS B 77 -31.65 3.79 -10.13
CA CYS B 77 -31.26 4.27 -11.45
C CYS B 77 -32.00 5.54 -11.79
N SER B 78 -31.26 6.61 -12.04
CA SER B 78 -31.87 7.88 -12.39
C SER B 78 -32.60 7.76 -13.74
N ASP B 79 -33.75 8.41 -13.84
CA ASP B 79 -34.55 8.38 -15.07
C ASP B 79 -33.72 8.71 -16.30
N GLU B 80 -32.70 9.55 -16.11
CA GLU B 80 -31.84 9.94 -17.21
C GLU B 80 -30.78 8.89 -17.51
N LYS B 81 -31.15 7.62 -17.41
CA LYS B 81 -30.22 6.53 -17.67
C LYS B 81 -30.89 5.25 -18.16
N ILE B 82 -30.08 4.41 -18.81
CA ILE B 82 -30.52 3.12 -19.35
C ILE B 82 -29.39 2.11 -19.17
N ARG B 83 -29.41 1.39 -18.05
CA ARG B 83 -28.38 0.41 -17.74
C ARG B 83 -28.30 -0.75 -18.74
N MET B 84 -27.07 -1.20 -19.03
CA MET B 84 -26.84 -2.30 -19.96
C MET B 84 -25.38 -2.77 -19.90
N ASN B 85 -25.17 -4.08 -19.86
CA ASN B 85 -23.83 -4.65 -19.78
C ASN B 85 -23.10 -4.43 -21.10
N ARG B 86 -21.83 -4.83 -21.14
CA ARG B 86 -21.04 -4.65 -22.36
C ARG B 86 -21.63 -5.31 -23.60
N VAL B 87 -22.24 -6.48 -23.45
CA VAL B 87 -22.85 -7.17 -24.60
C VAL B 87 -23.86 -6.28 -25.30
N VAL B 88 -24.84 -5.81 -24.54
CA VAL B 88 -25.86 -4.93 -25.07
C VAL B 88 -25.17 -3.65 -25.54
N ARG B 89 -24.02 -3.35 -24.95
CA ARG B 89 -23.25 -2.16 -25.31
C ARG B 89 -22.64 -2.33 -26.69
N ASN B 90 -21.70 -3.27 -26.81
CA ASN B 90 -21.02 -3.51 -28.07
C ASN B 90 -21.98 -3.67 -29.25
N ASN B 91 -22.96 -4.55 -29.11
CA ASN B 91 -23.91 -4.77 -30.20
C ASN B 91 -24.55 -3.47 -30.66
N LEU B 92 -24.56 -2.46 -29.80
CA LEU B 92 -25.15 -1.16 -30.14
C LEU B 92 -24.09 -0.18 -30.61
N ARG B 93 -22.83 -0.60 -30.54
CA ARG B 93 -21.73 0.25 -30.95
C ARG B 93 -21.75 1.57 -30.19
N VAL B 94 -22.27 1.52 -28.97
CA VAL B 94 -22.36 2.71 -28.14
C VAL B 94 -21.63 2.55 -26.81
N ARG B 95 -20.55 3.29 -26.65
CA ARG B 95 -19.78 3.23 -25.42
C ARG B 95 -20.64 3.82 -24.32
N LEU B 96 -20.07 3.94 -23.13
CA LEU B 96 -20.82 4.51 -22.04
C LEU B 96 -20.83 6.02 -22.17
N GLY B 97 -22.02 6.55 -22.43
CA GLY B 97 -22.18 7.98 -22.58
C GLY B 97 -23.06 8.31 -23.77
N ASP B 98 -22.69 7.79 -24.93
CA ASP B 98 -23.42 8.03 -26.16
C ASP B 98 -24.95 7.90 -26.02
N VAL B 99 -25.68 8.40 -27.02
CA VAL B 99 -27.14 8.37 -27.02
C VAL B 99 -27.75 7.27 -27.86
N ILE B 100 -28.73 6.61 -27.26
CA ILE B 100 -29.45 5.52 -27.91
C ILE B 100 -30.92 5.95 -28.00
N SER B 101 -31.80 5.01 -28.36
CA SER B 101 -33.24 5.27 -28.48
C SER B 101 -34.08 4.01 -28.27
N ILE B 102 -34.51 3.77 -27.03
CA ILE B 102 -35.32 2.61 -26.70
C ILE B 102 -36.62 2.72 -27.49
N GLN B 103 -37.39 1.65 -27.57
CA GLN B 103 -38.66 1.66 -28.31
C GLN B 103 -39.50 0.42 -28.07
N PRO B 104 -40.78 0.62 -27.71
CA PRO B 104 -41.64 -0.54 -27.47
C PRO B 104 -41.89 -1.25 -28.79
N CYS B 105 -41.79 -2.57 -28.78
CA CYS B 105 -41.99 -3.33 -30.00
C CYS B 105 -42.70 -4.65 -29.71
N PRO B 106 -43.97 -4.59 -29.26
CA PRO B 106 -44.76 -5.78 -28.94
C PRO B 106 -45.34 -6.53 -30.15
N ASP B 107 -44.60 -6.56 -31.25
CA ASP B 107 -45.03 -7.26 -32.47
C ASP B 107 -44.02 -8.29 -32.92
N VAL B 108 -42.95 -8.46 -32.14
CA VAL B 108 -41.91 -9.42 -32.46
C VAL B 108 -42.40 -10.82 -32.14
N LYS B 109 -43.24 -11.36 -33.01
CA LYS B 109 -43.77 -12.70 -32.81
C LYS B 109 -42.61 -13.69 -32.74
N TYR B 110 -42.81 -14.77 -31.99
CA TYR B 110 -41.79 -15.80 -31.81
C TYR B 110 -41.16 -16.21 -33.12
N GLY B 111 -39.87 -16.54 -33.05
CA GLY B 111 -39.15 -16.91 -34.23
C GLY B 111 -39.28 -18.37 -34.61
N LYS B 112 -38.89 -18.68 -35.85
CA LYS B 112 -38.94 -20.02 -36.38
C LYS B 112 -37.55 -20.64 -36.44
N ARG B 113 -36.63 -20.03 -37.18
CA ARG B 113 -35.27 -20.56 -37.31
C ARG B 113 -34.20 -19.61 -36.76
N ILE B 114 -33.11 -20.16 -36.26
CA ILE B 114 -31.99 -19.37 -35.74
C ILE B 114 -30.66 -20.03 -36.10
N HIS B 115 -29.82 -19.28 -36.81
CA HIS B 115 -28.50 -19.77 -37.22
C HIS B 115 -27.40 -19.00 -36.47
N VAL B 116 -26.91 -19.60 -35.39
CA VAL B 116 -25.87 -19.01 -34.56
C VAL B 116 -24.58 -19.81 -34.67
N LEU B 117 -23.46 -19.12 -34.89
CA LEU B 117 -22.16 -19.77 -35.04
C LEU B 117 -21.10 -19.18 -34.12
N PRO B 118 -20.34 -20.04 -33.41
CA PRO B 118 -19.30 -19.54 -32.51
C PRO B 118 -18.17 -18.89 -33.29
N ILE B 119 -17.31 -18.20 -32.56
CA ILE B 119 -16.18 -17.52 -33.17
C ILE B 119 -14.93 -18.37 -33.03
N ASP B 120 -14.13 -18.42 -34.08
CA ASP B 120 -12.92 -19.21 -34.08
C ASP B 120 -12.00 -18.86 -32.90
N ASP B 121 -11.96 -17.57 -32.54
CA ASP B 121 -11.10 -17.12 -31.44
C ASP B 121 -11.74 -17.18 -30.06
N THR B 122 -12.72 -18.07 -29.92
CA THR B 122 -13.41 -18.24 -28.65
C THR B 122 -13.85 -19.67 -28.47
N VAL B 123 -13.14 -20.59 -29.12
CA VAL B 123 -13.49 -22.01 -29.00
C VAL B 123 -12.27 -22.90 -29.20
N GLU B 124 -11.11 -22.30 -29.43
CA GLU B 124 -9.89 -23.07 -29.64
C GLU B 124 -9.62 -24.07 -28.53
N GLY B 125 -9.80 -25.35 -28.82
CA GLY B 125 -9.55 -26.37 -27.81
C GLY B 125 -10.74 -27.24 -27.46
N ILE B 126 -11.90 -26.62 -27.30
CA ILE B 126 -13.12 -27.35 -26.96
C ILE B 126 -13.71 -27.98 -28.20
N THR B 127 -14.45 -29.06 -28.00
CA THR B 127 -15.06 -29.75 -29.13
C THR B 127 -16.25 -30.56 -28.66
N GLY B 128 -17.27 -30.62 -29.49
CA GLY B 128 -18.45 -31.38 -29.13
C GLY B 128 -19.75 -30.66 -29.39
N ASN B 129 -20.77 -31.10 -28.64
CA ASN B 129 -22.10 -30.56 -28.75
C ASN B 129 -22.23 -29.17 -28.19
N LEU B 130 -22.10 -28.19 -29.06
CA LEU B 130 -22.21 -26.80 -28.65
C LEU B 130 -23.67 -26.45 -28.38
N PHE B 131 -24.60 -27.14 -29.05
CA PHE B 131 -26.04 -26.90 -28.88
C PHE B 131 -26.53 -27.33 -27.50
N GLU B 132 -25.79 -28.23 -26.85
CA GLU B 132 -26.19 -28.71 -25.53
C GLU B 132 -25.42 -28.01 -24.42
N VAL B 133 -24.18 -27.63 -24.71
CA VAL B 133 -23.34 -26.97 -23.72
C VAL B 133 -23.74 -25.53 -23.45
N TYR B 134 -23.62 -24.70 -24.47
CA TYR B 134 -23.90 -23.27 -24.36
C TYR B 134 -25.27 -22.78 -24.77
N LEU B 135 -25.71 -23.15 -25.96
CA LEU B 135 -27.01 -22.68 -26.42
C LEU B 135 -28.20 -23.25 -25.64
N LYS B 136 -28.19 -24.56 -25.37
CA LYS B 136 -29.29 -25.19 -24.65
C LYS B 136 -29.59 -24.48 -23.31
N PRO B 137 -28.60 -24.46 -22.41
CA PRO B 137 -28.81 -23.82 -21.11
C PRO B 137 -29.12 -22.33 -21.21
N TYR B 138 -28.86 -21.74 -22.37
CA TYR B 138 -29.09 -20.31 -22.54
C TYR B 138 -30.54 -20.01 -22.89
N PHE B 139 -31.04 -20.63 -23.94
CA PHE B 139 -32.41 -20.41 -24.36
C PHE B 139 -33.35 -21.37 -23.58
N LEU B 140 -33.05 -21.61 -22.31
CA LEU B 140 -33.88 -22.50 -21.49
C LEU B 140 -35.19 -21.78 -21.14
N GLU B 141 -36.13 -21.84 -22.08
CA GLU B 141 -37.42 -21.20 -21.89
C GLU B 141 -37.21 -19.82 -21.31
N ALA B 142 -36.18 -19.14 -21.78
CA ALA B 142 -35.91 -17.80 -21.29
C ALA B 142 -36.61 -16.80 -22.20
N TYR B 143 -36.97 -17.21 -23.41
CA TYR B 143 -37.65 -16.36 -24.39
C TYR B 143 -36.82 -15.15 -24.79
N ARG B 144 -35.50 -15.28 -24.64
CA ARG B 144 -34.58 -14.21 -24.98
C ARG B 144 -34.80 -13.80 -26.43
N PRO B 145 -35.23 -12.56 -26.66
CA PRO B 145 -35.47 -12.06 -28.02
C PRO B 145 -34.18 -11.59 -28.72
N ILE B 146 -33.63 -12.44 -29.58
CA ILE B 146 -32.41 -12.11 -30.31
C ILE B 146 -32.71 -11.33 -31.59
N ARG B 147 -31.71 -11.21 -32.45
CA ARG B 147 -31.86 -10.53 -33.73
C ARG B 147 -30.65 -10.72 -34.61
N LYS B 148 -30.82 -10.37 -35.88
CA LYS B 148 -29.76 -10.49 -36.85
C LYS B 148 -28.72 -9.45 -36.46
N GLY B 149 -27.50 -9.91 -36.25
CA GLY B 149 -26.42 -9.01 -35.90
C GLY B 149 -25.93 -9.12 -34.48
N ASP B 150 -26.84 -9.33 -33.53
CA ASP B 150 -26.45 -9.44 -32.14
C ASP B 150 -25.33 -10.45 -31.94
N ILE B 151 -24.63 -10.32 -30.82
CA ILE B 151 -23.53 -11.22 -30.53
C ILE B 151 -23.55 -11.61 -29.06
N PHE B 152 -24.56 -12.38 -28.67
CA PHE B 152 -24.69 -12.81 -27.29
C PHE B 152 -23.52 -13.69 -26.85
N LEU B 153 -23.17 -13.61 -25.58
CA LEU B 153 -22.06 -14.38 -25.02
C LEU B 153 -22.58 -15.29 -23.93
N VAL B 154 -22.12 -16.53 -23.91
CA VAL B 154 -22.56 -17.48 -22.89
C VAL B 154 -21.37 -18.08 -22.18
N ARG B 155 -21.42 -18.08 -20.87
CA ARG B 155 -20.35 -18.62 -20.07
C ARG B 155 -20.63 -20.04 -19.57
N GLY B 156 -19.59 -20.86 -19.63
CA GLY B 156 -19.67 -22.24 -19.21
C GLY B 156 -18.37 -22.93 -19.58
N GLY B 157 -18.15 -24.13 -19.07
CA GLY B 157 -16.92 -24.84 -19.39
C GLY B 157 -15.65 -24.08 -19.07
N MET B 158 -15.68 -23.30 -18.00
CA MET B 158 -14.51 -22.52 -17.59
C MET B 158 -13.97 -21.66 -18.73
N ARG B 159 -14.87 -20.96 -19.41
CA ARG B 159 -14.45 -20.11 -20.51
C ARG B 159 -15.60 -19.30 -21.06
N ALA B 160 -15.30 -18.45 -22.04
CA ALA B 160 -16.31 -17.59 -22.65
C ALA B 160 -16.43 -17.85 -24.14
N VAL B 161 -17.64 -18.10 -24.60
CA VAL B 161 -17.86 -18.37 -26.02
C VAL B 161 -18.80 -17.33 -26.61
N GLU B 162 -18.32 -16.61 -27.62
CA GLU B 162 -19.11 -15.59 -28.26
C GLU B 162 -19.78 -16.12 -29.53
N PHE B 163 -21.09 -15.95 -29.63
CA PHE B 163 -21.85 -16.41 -30.78
C PHE B 163 -22.37 -15.25 -31.63
N LYS B 164 -22.69 -15.55 -32.89
CA LYS B 164 -23.17 -14.54 -33.82
C LYS B 164 -24.44 -15.00 -34.51
N VAL B 165 -25.51 -14.24 -34.36
CA VAL B 165 -26.76 -14.59 -34.98
C VAL B 165 -26.65 -14.24 -36.45
N VAL B 166 -26.25 -15.22 -37.27
CA VAL B 166 -26.10 -14.99 -38.71
C VAL B 166 -27.41 -14.71 -39.43
N GLU B 167 -28.34 -15.64 -39.33
CA GLU B 167 -29.65 -15.44 -39.98
C GLU B 167 -30.75 -16.21 -39.25
N THR B 168 -31.93 -15.58 -39.13
CA THR B 168 -33.09 -16.19 -38.47
C THR B 168 -34.32 -16.06 -39.35
N ASP B 169 -35.10 -17.13 -39.46
CA ASP B 169 -36.31 -17.13 -40.27
C ASP B 169 -37.12 -15.84 -40.10
N PRO B 170 -37.62 -15.58 -38.87
CA PRO B 170 -38.40 -14.35 -38.69
C PRO B 170 -37.51 -13.10 -38.61
N SER B 171 -36.64 -12.92 -39.59
CA SER B 171 -35.75 -11.77 -39.61
C SER B 171 -36.57 -10.48 -39.62
N PRO B 172 -36.00 -9.41 -39.05
CA PRO B 172 -34.66 -9.45 -38.44
C PRO B 172 -34.67 -9.97 -37.01
N TYR B 173 -35.64 -9.50 -36.23
CA TYR B 173 -35.74 -9.88 -34.82
C TYR B 173 -36.90 -10.82 -34.51
N CYS B 174 -36.59 -11.93 -33.84
CA CYS B 174 -37.61 -12.90 -33.48
C CYS B 174 -37.36 -13.56 -32.13
N ILE B 175 -38.33 -13.45 -31.23
CA ILE B 175 -38.22 -14.03 -29.89
C ILE B 175 -37.96 -15.53 -29.95
N VAL B 176 -37.20 -16.03 -28.98
CA VAL B 176 -36.87 -17.44 -28.93
C VAL B 176 -37.69 -18.17 -27.88
N ALA B 177 -38.58 -19.04 -28.36
CA ALA B 177 -39.44 -19.82 -27.47
C ALA B 177 -38.97 -21.26 -27.42
N PRO B 178 -39.40 -22.01 -26.39
CA PRO B 178 -38.99 -23.41 -26.25
C PRO B 178 -39.41 -24.27 -27.45
N ASP B 179 -39.76 -23.60 -28.54
CA ASP B 179 -40.16 -24.29 -29.75
C ASP B 179 -39.22 -23.90 -30.88
N THR B 180 -38.82 -22.64 -30.88
CA THR B 180 -37.92 -22.13 -31.91
C THR B 180 -36.74 -23.09 -32.20
N VAL B 181 -36.57 -23.43 -33.48
CA VAL B 181 -35.50 -24.33 -33.89
C VAL B 181 -34.17 -23.60 -33.92
N ILE B 182 -33.13 -24.28 -33.45
CA ILE B 182 -31.83 -23.68 -33.43
C ILE B 182 -30.84 -24.49 -34.25
N HIS B 183 -30.11 -23.78 -35.12
CA HIS B 183 -29.12 -24.41 -35.97
C HIS B 183 -27.72 -24.03 -35.58
N CYS B 184 -26.78 -24.93 -35.85
CA CYS B 184 -25.39 -24.70 -35.55
C CYS B 184 -24.55 -25.44 -36.57
N GLU B 185 -24.38 -24.81 -37.73
CA GLU B 185 -23.62 -25.38 -38.82
C GLU B 185 -22.23 -25.89 -38.40
N GLY B 186 -21.91 -25.73 -37.12
CA GLY B 186 -20.62 -26.20 -36.64
C GLY B 186 -19.44 -25.66 -37.42
N GLU B 187 -19.47 -24.35 -37.68
CA GLU B 187 -18.42 -23.68 -38.42
C GLU B 187 -18.20 -22.27 -37.91
N PRO B 188 -17.03 -22.02 -37.31
CA PRO B 188 -16.61 -20.73 -36.75
C PRO B 188 -16.75 -19.57 -37.74
N ILE B 189 -16.46 -18.35 -37.28
CA ILE B 189 -16.53 -17.16 -38.13
C ILE B 189 -15.46 -16.12 -37.75
N LYS B 190 -14.74 -15.63 -38.76
CA LYS B 190 -13.69 -14.64 -38.54
C LYS B 190 -14.27 -13.38 -37.90
N ARG B 191 -13.74 -13.00 -36.74
CA ARG B 191 -14.22 -11.83 -36.03
C ARG B 191 -14.12 -10.56 -36.88
N GLU B 192 -15.21 -9.80 -36.95
CA GLU B 192 -15.25 -8.55 -37.71
C GLU B 192 -14.40 -7.49 -37.02
N ASP B 193 -14.34 -6.30 -37.63
CA ASP B 193 -13.56 -5.22 -37.05
C ASP B 193 -14.40 -4.43 -36.05
N GLU B 194 -15.51 -3.87 -36.53
CA GLU B 194 -16.40 -3.08 -35.69
C GLU B 194 -16.81 -3.86 -34.44
N GLU B 195 -16.58 -5.17 -34.45
CA GLU B 195 -16.94 -6.05 -33.32
C GLU B 195 -15.76 -6.37 -32.41
N GLU B 196 -15.72 -5.73 -31.24
CA GLU B 196 -14.67 -5.96 -30.28
C GLU B 196 -14.90 -7.26 -29.56
N SER B 197 -13.81 -7.92 -29.18
CA SER B 197 -13.93 -9.18 -28.48
C SER B 197 -14.40 -8.94 -27.07
N LEU B 198 -15.57 -9.49 -26.74
CA LEU B 198 -16.13 -9.35 -25.41
C LEU B 198 -15.18 -9.97 -24.39
N ASN B 199 -14.10 -10.55 -24.87
CA ASN B 199 -13.13 -11.17 -23.97
C ASN B 199 -12.14 -10.10 -23.50
N GLU B 200 -12.26 -8.89 -24.04
CA GLU B 200 -11.38 -7.78 -23.68
C GLU B 200 -11.68 -7.30 -22.28
N VAL B 201 -10.93 -6.32 -21.81
CA VAL B 201 -11.15 -5.84 -20.45
C VAL B 201 -12.15 -4.72 -20.37
N GLY B 202 -12.71 -4.53 -19.16
CA GLY B 202 -13.70 -3.47 -18.94
C GLY B 202 -14.02 -3.31 -17.46
N TYR B 203 -14.98 -2.44 -17.14
CA TYR B 203 -15.34 -2.24 -15.75
C TYR B 203 -16.00 -3.47 -15.13
N ASP B 204 -16.80 -4.20 -15.91
CA ASP B 204 -17.49 -5.40 -15.41
C ASP B 204 -16.52 -6.48 -14.97
N ASP B 205 -15.25 -6.11 -14.88
CA ASP B 205 -14.18 -7.01 -14.44
C ASP B 205 -13.34 -6.34 -13.34
N ILE B 206 -13.98 -5.55 -12.49
CA ILE B 206 -13.29 -4.87 -11.41
C ILE B 206 -14.09 -4.94 -10.11
N GLY B 207 -13.45 -5.44 -9.06
CA GLY B 207 -14.17 -5.54 -7.81
C GLY B 207 -13.61 -4.67 -6.70
N GLY B 208 -14.50 -4.19 -5.83
CA GLY B 208 -14.10 -3.36 -4.69
C GLY B 208 -13.56 -1.96 -5.01
N CYS B 209 -14.25 -1.23 -5.86
CA CYS B 209 -13.77 0.09 -6.22
C CYS B 209 -14.86 1.07 -6.53
N ARG B 210 -15.72 1.27 -5.54
CA ARG B 210 -16.80 2.20 -5.70
C ARG B 210 -16.17 3.59 -5.69
N LYS B 211 -15.54 3.95 -4.57
CA LYS B 211 -14.90 5.25 -4.42
C LYS B 211 -13.78 5.39 -5.45
N GLN B 212 -13.26 4.25 -5.87
CA GLN B 212 -12.16 4.24 -6.81
C GLN B 212 -12.51 4.67 -8.24
N LEU B 213 -13.37 3.89 -8.90
CA LEU B 213 -13.76 4.19 -10.28
C LEU B 213 -14.18 5.64 -10.44
N ALA B 214 -15.05 6.08 -9.54
CA ALA B 214 -15.55 7.46 -9.55
C ALA B 214 -14.41 8.40 -9.86
N GLN B 215 -13.38 8.31 -9.03
CA GLN B 215 -12.19 9.14 -9.17
C GLN B 215 -11.76 9.26 -10.63
N ILE B 216 -11.21 8.18 -11.17
CA ILE B 216 -10.72 8.20 -12.54
C ILE B 216 -11.76 8.50 -13.60
N LYS B 217 -12.90 7.81 -13.53
CA LYS B 217 -13.97 7.99 -14.51
C LYS B 217 -14.22 9.43 -14.95
N GLU B 218 -14.71 10.26 -14.04
CA GLU B 218 -15.01 11.63 -14.36
C GLU B 218 -13.79 12.48 -14.73
N MET B 219 -12.59 11.98 -14.42
CA MET B 219 -11.38 12.73 -14.73
C MET B 219 -10.99 12.64 -16.19
N VAL B 220 -11.56 11.66 -16.88
CA VAL B 220 -11.24 11.48 -18.28
C VAL B 220 -12.49 11.53 -19.14
N GLU B 221 -13.63 11.74 -18.49
CA GLU B 221 -14.91 11.82 -19.17
C GLU B 221 -14.91 12.86 -20.28
N LEU B 222 -14.17 13.94 -20.08
CA LEU B 222 -14.12 15.00 -21.08
C LEU B 222 -12.88 15.02 -21.94
N PRO B 223 -11.70 14.91 -21.33
CA PRO B 223 -10.47 14.93 -22.12
C PRO B 223 -10.27 13.68 -22.96
N LEU B 224 -11.10 12.68 -22.74
CA LEU B 224 -10.97 11.44 -23.46
C LEU B 224 -12.25 11.07 -24.23
N ARG B 225 -13.36 11.71 -23.89
CA ARG B 225 -14.62 11.43 -24.55
C ARG B 225 -15.02 12.52 -25.53
N HIS B 226 -14.79 13.77 -25.15
CA HIS B 226 -15.15 14.90 -25.99
C HIS B 226 -13.94 15.76 -26.30
N PRO B 227 -12.94 15.18 -26.98
CA PRO B 227 -11.73 15.91 -27.34
C PRO B 227 -12.07 17.25 -27.96
N ALA B 228 -13.31 17.38 -28.41
CA ALA B 228 -13.73 18.62 -29.02
C ALA B 228 -14.06 19.70 -27.97
N LEU B 229 -14.49 19.29 -26.78
CA LEU B 229 -14.83 20.25 -25.72
C LEU B 229 -13.70 21.18 -25.35
N PHE B 230 -12.48 20.65 -25.34
CA PHE B 230 -11.33 21.44 -24.99
C PHE B 230 -10.77 22.20 -26.21
N LYS B 231 -11.33 21.90 -27.39
CA LYS B 231 -10.90 22.59 -28.61
C LYS B 231 -11.23 24.06 -28.41
N ALA B 232 -12.31 24.32 -27.69
CA ALA B 232 -12.77 25.67 -27.40
C ALA B 232 -13.12 25.87 -25.93
N ILE B 233 -12.11 26.18 -25.14
CA ILE B 233 -12.29 26.39 -23.71
C ILE B 233 -10.92 26.59 -23.07
N GLY B 234 -10.86 27.40 -22.02
CA GLY B 234 -9.60 27.66 -21.35
C GLY B 234 -9.36 26.77 -20.15
N VAL B 235 -10.06 25.63 -20.12
CA VAL B 235 -9.93 24.66 -19.02
C VAL B 235 -8.70 23.80 -19.22
N LYS B 236 -8.12 23.35 -18.11
CA LYS B 236 -6.93 22.51 -18.15
C LYS B 236 -7.30 21.03 -18.26
N PRO B 237 -6.89 20.35 -19.34
CA PRO B 237 -7.20 18.93 -19.48
C PRO B 237 -6.30 18.13 -18.55
N PRO B 238 -6.81 17.74 -17.39
CA PRO B 238 -5.98 16.97 -16.45
C PRO B 238 -5.23 15.87 -17.22
N ARG B 239 -3.91 16.01 -17.31
CA ARG B 239 -3.10 15.04 -18.06
C ARG B 239 -2.39 14.00 -17.23
N GLY B 240 -2.00 14.36 -16.01
CA GLY B 240 -1.29 13.41 -15.17
C GLY B 240 -2.14 12.67 -14.14
N ILE B 241 -1.96 11.37 -14.06
CA ILE B 241 -2.69 10.53 -13.12
C ILE B 241 -1.74 9.51 -12.50
N LEU B 242 -1.79 9.36 -11.19
CA LEU B 242 -0.91 8.41 -10.50
C LEU B 242 -1.76 7.38 -9.71
N LEU B 243 -1.27 6.14 -9.61
CA LEU B 243 -1.98 5.10 -8.89
C LEU B 243 -1.15 4.39 -7.82
N TYR B 244 -1.45 4.64 -6.55
CA TYR B 244 -0.71 4.02 -5.45
C TYR B 244 -1.31 2.66 -5.15
N GLY B 245 -0.75 1.98 -4.17
CA GLY B 245 -1.26 0.68 -3.81
C GLY B 245 -0.21 -0.41 -3.88
N PRO B 246 -0.40 -1.51 -3.14
CA PRO B 246 0.55 -2.62 -3.12
C PRO B 246 0.42 -3.48 -4.37
N PRO B 247 1.54 -3.76 -5.05
CA PRO B 247 1.49 -4.58 -6.25
C PRO B 247 0.55 -5.77 -6.12
N GLY B 248 -0.32 -5.93 -7.10
CA GLY B 248 -1.27 -7.02 -7.07
C GLY B 248 -2.68 -6.48 -6.97
N THR B 249 -2.78 -5.25 -6.50
CA THR B 249 -4.08 -4.62 -6.36
C THR B 249 -4.68 -4.40 -7.74
N GLY B 250 -4.07 -4.98 -8.76
CA GLY B 250 -4.58 -4.85 -10.12
C GLY B 250 -4.57 -3.43 -10.68
N LYS B 251 -3.48 -2.71 -10.45
CA LYS B 251 -3.41 -1.34 -10.94
C LYS B 251 -3.59 -1.28 -12.45
N THR B 252 -2.67 -1.92 -13.15
CA THR B 252 -2.70 -1.96 -14.61
C THR B 252 -4.09 -2.26 -15.14
N LEU B 253 -4.72 -3.28 -14.55
CA LEU B 253 -6.06 -3.72 -14.96
C LEU B 253 -6.98 -2.54 -15.20
N ILE B 254 -7.02 -1.64 -14.23
CA ILE B 254 -7.87 -0.47 -14.33
C ILE B 254 -7.57 0.30 -15.61
N ALA B 255 -6.34 0.81 -15.68
CA ALA B 255 -5.89 1.60 -16.82
C ALA B 255 -6.45 1.05 -18.13
N ARG B 256 -6.11 -0.20 -18.41
CA ARG B 256 -6.57 -0.83 -19.64
C ARG B 256 -8.08 -0.72 -19.74
N ALA B 257 -8.78 -1.10 -18.69
CA ALA B 257 -10.23 -1.07 -18.69
C ALA B 257 -10.78 0.28 -19.12
N VAL B 258 -10.20 1.35 -18.59
CA VAL B 258 -10.64 2.69 -18.93
C VAL B 258 -10.60 2.93 -20.42
N ALA B 259 -9.47 2.58 -21.03
CA ALA B 259 -9.30 2.77 -22.45
C ALA B 259 -10.32 1.95 -23.24
N ASN B 260 -10.29 0.63 -23.06
CA ASN B 260 -11.23 -0.25 -23.76
C ASN B 260 -12.68 0.13 -23.48
N GLU B 261 -12.90 1.10 -22.59
CA GLU B 261 -14.27 1.52 -22.25
C GLU B 261 -14.71 2.75 -23.02
N THR B 262 -13.75 3.61 -23.32
CA THR B 262 -14.02 4.82 -24.07
C THR B 262 -13.64 4.58 -25.51
N GLY B 263 -12.69 3.66 -25.71
CA GLY B 263 -12.25 3.33 -27.04
C GLY B 263 -10.94 4.00 -27.42
N ALA B 264 -10.28 4.61 -26.43
CA ALA B 264 -9.03 5.29 -26.68
C ALA B 264 -7.88 4.31 -26.86
N PHE B 265 -6.92 4.67 -27.71
CA PHE B 265 -5.75 3.83 -27.95
C PHE B 265 -5.10 3.52 -26.59
N PHE B 266 -4.35 2.44 -26.51
CA PHE B 266 -3.67 2.08 -25.26
C PHE B 266 -2.25 1.61 -25.53
N PHE B 267 -1.29 2.35 -25.02
CA PHE B 267 0.11 2.02 -25.20
C PHE B 267 0.67 1.67 -23.83
N LEU B 268 1.11 0.43 -23.69
CA LEU B 268 1.64 -0.07 -22.43
C LEU B 268 3.16 -0.02 -22.33
N ILE B 269 3.68 0.30 -21.14
CA ILE B 269 5.14 0.34 -20.92
C ILE B 269 5.51 -0.39 -19.64
N ASN B 270 6.51 -1.27 -19.70
CA ASN B 270 6.94 -2.01 -18.51
C ASN B 270 8.16 -1.43 -17.87
N GLY B 271 8.12 -1.38 -16.54
CA GLY B 271 9.21 -0.78 -15.78
C GLY B 271 10.61 -1.11 -16.25
N PRO B 272 11.01 -2.36 -16.11
CA PRO B 272 12.36 -2.71 -16.55
C PRO B 272 12.45 -2.81 -18.07
N GLU B 273 11.30 -2.86 -18.72
CA GLU B 273 11.26 -2.95 -20.18
C GLU B 273 12.06 -1.83 -20.84
N ILE B 274 12.01 -0.64 -20.25
CA ILE B 274 12.71 0.52 -20.79
C ILE B 274 14.11 0.68 -20.21
N MET B 275 14.45 -0.17 -19.26
CA MET B 275 15.76 -0.13 -18.63
C MET B 275 16.66 -1.18 -19.25
N SER B 276 16.06 -2.27 -19.71
CA SER B 276 16.80 -3.36 -20.32
C SER B 276 17.47 -2.84 -21.60
N LYS B 277 16.68 -2.21 -22.46
CA LYS B 277 17.18 -1.67 -23.73
C LYS B 277 18.47 -0.90 -23.52
N LEU B 278 19.34 -0.97 -24.52
CA LEU B 278 20.62 -0.29 -24.47
C LEU B 278 20.42 1.16 -24.02
N ALA B 279 21.38 1.68 -23.27
CA ALA B 279 21.30 3.05 -22.79
C ALA B 279 21.12 3.98 -23.99
N GLY B 280 20.69 5.21 -23.73
CA GLY B 280 20.49 6.16 -24.81
C GLY B 280 19.25 5.83 -25.61
N GLU B 281 19.12 4.57 -26.01
CA GLU B 281 17.96 4.13 -26.79
C GLU B 281 16.72 4.24 -25.93
N SER B 282 16.92 4.19 -24.62
CA SER B 282 15.80 4.30 -23.68
C SER B 282 15.06 5.61 -23.92
N GLU B 283 15.81 6.65 -24.32
CA GLU B 283 15.23 7.96 -24.59
C GLU B 283 14.48 7.93 -25.91
N SER B 284 14.95 7.10 -26.83
CA SER B 284 14.31 6.97 -28.14
C SER B 284 13.10 6.07 -27.99
N ASN B 285 13.22 5.05 -27.13
CA ASN B 285 12.11 4.13 -26.91
C ASN B 285 10.90 4.94 -26.47
N LEU B 286 11.13 5.80 -25.50
CA LEU B 286 10.06 6.66 -25.02
C LEU B 286 9.77 7.64 -26.12
N ARG B 287 10.84 8.13 -26.75
CA ARG B 287 10.71 9.10 -27.83
C ARG B 287 9.67 8.63 -28.84
N LYS B 288 9.78 7.36 -29.26
CA LYS B 288 8.83 6.78 -30.22
C LYS B 288 7.54 6.39 -29.52
N ALA B 289 7.66 6.10 -28.23
CA ALA B 289 6.52 5.70 -27.41
C ALA B 289 5.45 6.76 -27.44
N PHE B 290 5.71 7.85 -26.73
CA PHE B 290 4.78 8.96 -26.69
C PHE B 290 4.53 9.41 -28.12
N GLU B 291 5.46 9.09 -29.03
CA GLU B 291 5.27 9.51 -30.42
C GLU B 291 4.20 8.66 -31.10
N GLU B 292 4.43 7.36 -31.14
CA GLU B 292 3.47 6.49 -31.79
C GLU B 292 2.16 6.40 -31.03
N ALA B 293 2.17 6.83 -29.79
CA ALA B 293 0.96 6.79 -28.99
C ALA B 293 0.10 8.05 -29.24
N GLU B 294 0.74 9.16 -29.60
CA GLU B 294 0.01 10.40 -29.84
C GLU B 294 -0.66 10.38 -31.20
N LYS B 295 -0.20 9.51 -32.09
CA LYS B 295 -0.77 9.38 -33.42
C LYS B 295 -2.21 8.94 -33.30
N ASN B 296 -2.43 7.91 -32.49
CA ASN B 296 -3.77 7.35 -32.28
C ASN B 296 -4.58 8.10 -31.23
N ALA B 297 -4.05 9.21 -30.75
CA ALA B 297 -4.75 10.02 -29.75
C ALA B 297 -6.15 10.38 -30.24
N PRO B 298 -7.11 10.56 -29.31
CA PRO B 298 -6.96 10.44 -27.86
C PRO B 298 -6.42 9.07 -27.47
N ALA B 299 -5.47 9.05 -26.55
CA ALA B 299 -4.87 7.81 -26.11
C ALA B 299 -4.66 7.78 -24.59
N ILE B 300 -4.07 6.69 -24.10
CA ILE B 300 -3.78 6.49 -22.67
C ILE B 300 -2.50 5.71 -22.42
N ILE B 301 -1.36 6.39 -22.45
CA ILE B 301 -0.08 5.73 -22.21
C ILE B 301 0.02 5.32 -20.77
N PHE B 302 0.09 4.01 -20.54
CA PHE B 302 0.22 3.52 -19.19
C PHE B 302 1.64 3.06 -18.95
N ILE B 303 2.05 3.11 -17.69
CA ILE B 303 3.40 2.71 -17.31
C ILE B 303 3.49 2.05 -15.94
N ASP B 304 3.45 0.72 -15.97
CA ASP B 304 3.52 -0.09 -14.78
C ASP B 304 4.93 0.00 -14.21
N GLU B 305 5.01 0.16 -12.90
CA GLU B 305 6.30 0.23 -12.22
C GLU B 305 7.06 1.53 -12.46
N LEU B 306 6.38 2.65 -12.28
CA LEU B 306 7.01 3.96 -12.46
C LEU B 306 8.30 4.10 -11.67
N ASP B 307 8.27 3.69 -10.41
CA ASP B 307 9.44 3.79 -9.54
C ASP B 307 10.70 3.12 -10.08
N ALA B 308 10.52 2.19 -11.01
CA ALA B 308 11.64 1.45 -11.66
C ALA B 308 12.48 2.42 -12.40
N ILE B 309 11.89 3.49 -12.87
CA ILE B 309 12.67 4.45 -13.66
C ILE B 309 12.43 5.88 -13.20
N ALA B 310 11.47 6.08 -12.29
CA ALA B 310 11.14 7.42 -11.80
C ALA B 310 11.64 7.82 -10.42
N PRO B 311 12.76 7.25 -9.97
CA PRO B 311 13.16 7.70 -8.63
C PRO B 311 14.35 8.66 -8.77
N LYS B 312 14.12 9.97 -8.75
CA LYS B 312 15.23 10.92 -8.87
C LYS B 312 15.70 11.19 -7.45
N ARG B 313 15.31 10.27 -6.56
CA ARG B 313 15.69 10.36 -5.17
C ARG B 313 17.18 10.00 -5.12
N GLU B 314 17.72 9.89 -3.92
CA GLU B 314 19.12 9.55 -3.73
C GLU B 314 19.70 8.43 -4.56
N LYS B 315 18.96 7.32 -4.71
CA LYS B 315 19.43 6.16 -5.47
C LYS B 315 19.69 6.36 -6.96
N THR B 316 20.44 7.40 -7.31
CA THR B 316 20.77 7.70 -8.70
C THR B 316 22.28 7.89 -8.90
N HIS B 317 23.06 6.84 -8.63
CA HIS B 317 24.53 6.87 -8.74
C HIS B 317 25.04 6.68 -10.17
N GLY B 318 24.15 6.81 -11.15
CA GLY B 318 24.55 6.63 -12.55
C GLY B 318 24.21 7.74 -13.54
N GLU B 319 24.75 7.62 -14.76
CA GLU B 319 24.54 8.59 -15.85
C GLU B 319 23.28 8.25 -16.64
N VAL B 320 23.20 7.00 -17.06
CA VAL B 320 22.06 6.49 -17.82
C VAL B 320 20.84 6.54 -16.92
N GLU B 321 21.07 6.40 -15.62
CA GLU B 321 19.97 6.37 -14.67
C GLU B 321 19.24 7.70 -14.64
N ARG B 322 20.00 8.79 -14.63
CA ARG B 322 19.40 10.12 -14.57
C ARG B 322 18.85 10.56 -15.92
N ARG B 323 19.64 10.38 -16.96
CA ARG B 323 19.23 10.77 -18.30
C ARG B 323 17.86 10.26 -18.68
N ILE B 324 17.54 9.03 -18.31
CA ILE B 324 16.25 8.46 -18.64
C ILE B 324 15.15 9.28 -18.00
N VAL B 325 15.30 9.53 -16.72
CA VAL B 325 14.33 10.32 -15.97
C VAL B 325 13.98 11.63 -16.67
N SER B 326 15.01 12.36 -17.06
CA SER B 326 14.80 13.62 -17.74
C SER B 326 13.90 13.46 -18.96
N GLN B 327 14.24 12.52 -19.83
CA GLN B 327 13.46 12.29 -21.05
C GLN B 327 11.95 12.34 -20.75
N LEU B 328 11.51 11.60 -19.73
CA LEU B 328 10.08 11.61 -19.38
C LEU B 328 9.69 12.96 -18.83
N LEU B 329 10.40 13.40 -17.80
CA LEU B 329 10.12 14.66 -17.16
C LEU B 329 9.74 15.70 -18.21
N THR B 330 10.38 15.64 -19.38
CA THR B 330 10.10 16.59 -20.46
C THR B 330 8.87 16.22 -21.29
N LEU B 331 8.85 14.99 -21.80
CA LEU B 331 7.73 14.54 -22.61
C LEU B 331 6.42 14.80 -21.90
N MET B 332 6.47 14.81 -20.57
CA MET B 332 5.28 15.07 -19.79
C MET B 332 4.83 16.51 -19.99
N ASP B 333 5.76 17.45 -19.86
CA ASP B 333 5.40 18.85 -20.06
C ASP B 333 5.16 19.09 -21.55
N GLY B 334 5.13 17.99 -22.30
CA GLY B 334 4.87 18.06 -23.72
C GLY B 334 3.48 17.51 -23.99
N LEU B 335 2.75 17.23 -22.91
CA LEU B 335 1.40 16.71 -23.05
C LEU B 335 0.44 17.88 -23.26
N LYS B 336 1.01 19.08 -23.32
CA LYS B 336 0.21 20.27 -23.56
C LYS B 336 0.12 20.39 -25.07
N GLN B 337 0.59 19.34 -25.76
CA GLN B 337 0.51 19.32 -27.21
C GLN B 337 -1.00 19.10 -27.33
N ARG B 338 -1.65 19.77 -28.27
CA ARG B 338 -3.10 19.68 -28.42
C ARG B 338 -3.65 18.33 -28.90
N ALA B 339 -3.16 17.24 -28.34
CA ALA B 339 -3.63 15.92 -28.76
C ALA B 339 -4.54 15.24 -27.73
N HIS B 340 -4.64 15.82 -26.55
CA HIS B 340 -5.49 15.25 -25.51
C HIS B 340 -5.20 13.80 -25.19
N VAL B 341 -4.03 13.54 -24.63
CA VAL B 341 -3.63 12.20 -24.25
C VAL B 341 -3.45 12.19 -22.73
N ILE B 342 -3.71 11.04 -22.13
CA ILE B 342 -3.62 10.93 -20.68
C ILE B 342 -2.52 9.95 -20.26
N VAL B 343 -1.56 10.43 -19.46
CA VAL B 343 -0.46 9.57 -19.01
C VAL B 343 -0.75 8.97 -17.63
N MET B 344 -0.88 7.65 -17.56
CA MET B 344 -1.15 6.96 -16.31
C MET B 344 0.05 6.20 -15.77
N ALA B 345 0.43 6.51 -14.53
CA ALA B 345 1.56 5.87 -13.90
C ALA B 345 1.12 5.22 -12.60
N ALA B 346 1.42 3.94 -12.42
CA ALA B 346 1.08 3.26 -11.20
C ALA B 346 2.38 2.90 -10.50
N THR B 347 2.33 2.77 -9.17
CA THR B 347 3.53 2.43 -8.40
C THR B 347 3.25 1.83 -7.03
N ASN B 348 4.31 1.42 -6.36
CA ASN B 348 4.23 0.83 -5.04
C ASN B 348 3.82 1.86 -4.01
N ARG B 349 4.54 2.96 -3.97
CA ARG B 349 4.23 3.99 -3.00
C ARG B 349 4.71 5.37 -3.42
N PRO B 350 4.16 6.41 -2.78
CA PRO B 350 4.51 7.81 -3.06
C PRO B 350 5.96 8.17 -2.72
N ASN B 351 6.61 7.35 -1.90
CA ASN B 351 7.99 7.65 -1.49
C ASN B 351 9.02 7.13 -2.49
N SER B 352 8.66 6.07 -3.20
CA SER B 352 9.54 5.48 -4.17
C SER B 352 9.86 6.48 -5.30
N ILE B 353 8.81 7.10 -5.83
CA ILE B 353 8.96 8.06 -6.92
C ILE B 353 9.84 9.24 -6.50
N ASP B 354 9.79 10.30 -7.32
CA ASP B 354 10.53 11.53 -7.07
C ASP B 354 9.63 12.75 -7.32
N PRO B 355 9.55 13.67 -6.35
CA PRO B 355 8.71 14.88 -6.44
C PRO B 355 8.81 15.63 -7.75
N ALA B 356 9.83 15.33 -8.54
CA ALA B 356 10.01 16.00 -9.83
C ALA B 356 8.79 15.82 -10.73
N LEU B 357 8.01 14.77 -10.46
CA LEU B 357 6.83 14.51 -11.27
C LEU B 357 5.55 15.03 -10.62
N ARG B 358 5.70 15.69 -9.47
CA ARG B 358 4.54 16.25 -8.77
C ARG B 358 4.28 17.66 -9.28
N ARG B 359 5.02 18.05 -10.32
CA ARG B 359 4.84 19.36 -10.93
C ARG B 359 3.39 19.43 -11.33
N PHE B 360 2.73 20.50 -10.91
CA PHE B 360 1.32 20.67 -11.20
C PHE B 360 0.95 20.66 -12.69
N GLY B 361 1.88 20.21 -13.53
CA GLY B 361 1.58 20.13 -14.95
C GLY B 361 1.70 18.71 -15.45
N ARG B 362 2.40 17.89 -14.70
CA ARG B 362 2.63 16.51 -15.10
C ARG B 362 1.73 15.47 -14.45
N PHE B 363 2.07 15.02 -13.24
CA PHE B 363 1.26 14.04 -12.53
C PHE B 363 0.61 14.74 -11.35
N ASP B 364 -0.13 15.80 -11.65
CA ASP B 364 -0.80 16.62 -10.64
C ASP B 364 -1.91 15.91 -9.87
N ARG B 365 -2.55 14.93 -10.50
CA ARG B 365 -3.63 14.22 -9.84
C ARG B 365 -3.11 12.88 -9.29
N GLU B 366 -3.68 12.46 -8.16
CA GLU B 366 -3.29 11.22 -7.49
C GLU B 366 -4.49 10.45 -6.95
N VAL B 367 -4.39 9.13 -6.94
CA VAL B 367 -5.47 8.28 -6.44
C VAL B 367 -4.92 6.98 -5.87
N ASP B 368 -5.25 6.72 -4.61
CA ASP B 368 -4.79 5.52 -3.93
C ASP B 368 -5.67 4.33 -4.33
N ILE B 369 -5.09 3.14 -4.31
CA ILE B 369 -5.81 1.93 -4.64
C ILE B 369 -5.72 0.96 -3.48
N GLY B 370 -6.38 1.31 -2.38
CA GLY B 370 -6.36 0.46 -1.20
C GLY B 370 -6.63 -0.99 -1.53
N ILE B 371 -6.29 -1.88 -0.61
CA ILE B 371 -6.48 -3.31 -0.79
C ILE B 371 -7.96 -3.68 -0.67
N PRO B 372 -8.37 -4.80 -1.28
CA PRO B 372 -9.78 -5.24 -1.21
C PRO B 372 -10.29 -5.41 0.21
N ASP B 373 -11.58 -5.13 0.42
CA ASP B 373 -12.19 -5.26 1.75
C ASP B 373 -13.28 -6.33 1.79
N ALA B 374 -14.16 -6.20 2.78
CA ALA B 374 -15.26 -7.16 2.96
C ALA B 374 -16.10 -7.39 1.71
N THR B 375 -16.83 -6.36 1.31
CA THR B 375 -17.69 -6.48 0.14
C THR B 375 -16.87 -6.60 -1.14
N GLY B 376 -15.69 -6.00 -1.13
CA GLY B 376 -14.85 -6.04 -2.30
C GLY B 376 -14.47 -7.45 -2.70
N ARG B 377 -13.62 -8.07 -1.88
CA ARG B 377 -13.15 -9.42 -2.16
C ARG B 377 -14.23 -10.33 -2.69
N LEU B 378 -15.28 -10.52 -1.88
CA LEU B 378 -16.38 -11.38 -2.26
C LEU B 378 -16.77 -11.13 -3.71
N GLU B 379 -17.01 -9.86 -4.03
CA GLU B 379 -17.40 -9.48 -5.38
C GLU B 379 -16.34 -9.84 -6.40
N ILE B 380 -15.09 -9.70 -6.00
CA ILE B 380 -13.97 -10.00 -6.89
C ILE B 380 -14.08 -11.43 -7.38
N LEU B 381 -14.16 -12.37 -6.44
CA LEU B 381 -14.26 -13.78 -6.79
C LEU B 381 -15.33 -14.05 -7.84
N GLN B 382 -16.46 -13.36 -7.70
CA GLN B 382 -17.55 -13.54 -8.64
C GLN B 382 -17.10 -13.18 -10.04
N ILE B 383 -15.92 -12.59 -10.13
CA ILE B 383 -15.43 -12.20 -11.42
C ILE B 383 -14.49 -13.24 -12.00
N HIS B 384 -13.90 -14.09 -11.16
CA HIS B 384 -13.00 -15.12 -11.66
C HIS B 384 -13.58 -16.52 -11.55
N THR B 385 -14.79 -16.64 -11.01
CA THR B 385 -15.42 -17.94 -10.90
C THR B 385 -16.68 -17.91 -11.74
N LYS B 386 -16.81 -16.86 -12.54
CA LYS B 386 -17.97 -16.67 -13.41
C LYS B 386 -17.90 -17.52 -14.68
N ASN B 387 -17.10 -18.57 -14.66
CA ASN B 387 -16.97 -19.44 -15.83
C ASN B 387 -16.92 -20.91 -15.44
N MET B 388 -16.63 -21.18 -14.18
CA MET B 388 -16.56 -22.55 -13.69
C MET B 388 -17.78 -22.91 -12.86
N LYS B 389 -18.40 -24.03 -13.21
CA LYS B 389 -19.58 -24.52 -12.52
C LYS B 389 -19.23 -24.77 -11.05
N LEU B 390 -19.89 -24.07 -10.14
CA LEU B 390 -19.64 -24.22 -8.71
C LEU B 390 -20.80 -24.94 -8.04
N ALA B 391 -20.53 -26.03 -7.33
CA ALA B 391 -21.59 -26.76 -6.66
C ALA B 391 -22.31 -25.90 -5.63
N ASP B 392 -23.49 -26.34 -5.21
CA ASP B 392 -24.28 -25.59 -4.25
C ASP B 392 -23.57 -25.40 -2.93
N ASP B 393 -22.79 -26.40 -2.52
CA ASP B 393 -22.06 -26.34 -1.26
C ASP B 393 -20.98 -25.26 -1.30
N VAL B 394 -20.69 -24.75 -2.48
CA VAL B 394 -19.69 -23.72 -2.64
C VAL B 394 -20.15 -22.45 -1.93
N ASP B 395 -19.51 -22.12 -0.82
CA ASP B 395 -19.86 -20.93 -0.05
C ASP B 395 -18.92 -19.79 -0.39
N LEU B 396 -19.08 -19.22 -1.58
CA LEU B 396 -18.23 -18.12 -2.04
C LEU B 396 -18.03 -17.04 -0.98
N GLU B 397 -19.07 -16.75 -0.22
CA GLU B 397 -19.00 -15.73 0.81
C GLU B 397 -17.87 -16.02 1.79
N GLN B 398 -17.93 -17.19 2.42
CA GLN B 398 -16.93 -17.61 3.38
C GLN B 398 -15.51 -17.17 3.00
N VAL B 399 -15.19 -17.24 1.71
CA VAL B 399 -13.86 -16.88 1.23
C VAL B 399 -13.43 -15.51 1.69
N ALA B 400 -14.07 -14.51 1.09
CA ALA B 400 -13.78 -13.13 1.40
C ALA B 400 -13.98 -12.86 2.88
N ASN B 401 -14.42 -13.87 3.61
CA ASN B 401 -14.65 -13.71 5.03
C ASN B 401 -13.46 -14.21 5.88
N GLU B 402 -12.43 -14.73 5.22
CA GLU B 402 -11.26 -15.20 5.95
C GLU B 402 -9.95 -14.67 5.40
N THR B 403 -9.99 -14.11 4.20
CA THR B 403 -8.79 -13.54 3.59
C THR B 403 -8.62 -12.12 4.12
N HIS B 404 -7.92 -11.99 5.24
CA HIS B 404 -7.73 -10.70 5.90
C HIS B 404 -6.93 -9.65 5.15
N GLY B 405 -5.72 -9.98 4.70
CA GLY B 405 -4.92 -9.00 3.99
C GLY B 405 -4.76 -9.20 2.49
N HIS B 406 -5.69 -9.89 1.85
CA HIS B 406 -5.63 -10.18 0.42
C HIS B 406 -5.91 -9.09 -0.61
N VAL B 407 -5.27 -9.24 -1.77
CA VAL B 407 -5.45 -8.29 -2.87
C VAL B 407 -6.07 -8.97 -4.10
N GLY B 408 -6.59 -8.17 -5.02
CA GLY B 408 -7.22 -8.69 -6.21
C GLY B 408 -6.36 -9.73 -6.91
N ALA B 409 -5.05 -9.62 -6.72
CA ALA B 409 -4.13 -10.56 -7.32
C ALA B 409 -4.11 -11.85 -6.51
N ASP B 410 -3.91 -11.72 -5.20
CA ASP B 410 -3.88 -12.89 -4.35
C ASP B 410 -5.11 -13.76 -4.62
N LEU B 411 -6.28 -13.19 -4.46
CA LEU B 411 -7.50 -13.94 -4.68
C LEU B 411 -7.56 -14.54 -6.07
N ALA B 412 -6.75 -14.00 -6.99
CA ALA B 412 -6.75 -14.49 -8.36
C ALA B 412 -6.35 -15.95 -8.46
N ALA B 413 -5.06 -16.23 -8.39
CA ALA B 413 -4.60 -17.61 -8.48
C ALA B 413 -5.37 -18.50 -7.50
N LEU B 414 -5.99 -17.90 -6.48
CA LEU B 414 -6.76 -18.67 -5.50
C LEU B 414 -7.71 -19.57 -6.27
N CYS B 415 -8.45 -18.98 -7.19
CA CYS B 415 -9.37 -19.74 -8.01
C CYS B 415 -8.53 -20.68 -8.85
N SER B 416 -7.47 -20.13 -9.43
CA SER B 416 -6.58 -20.91 -10.28
C SER B 416 -6.26 -22.25 -9.65
N GLU B 417 -5.69 -22.24 -8.45
CA GLU B 417 -5.36 -23.48 -7.78
C GLU B 417 -6.61 -24.26 -7.42
N ALA B 418 -7.65 -23.54 -7.00
CA ALA B 418 -8.90 -24.17 -6.62
C ALA B 418 -9.49 -25.04 -7.72
N ALA B 419 -9.61 -24.47 -8.90
CA ALA B 419 -10.16 -25.22 -10.02
C ALA B 419 -9.25 -26.39 -10.34
N LEU B 420 -7.95 -26.11 -10.42
CA LEU B 420 -6.99 -27.15 -10.74
C LEU B 420 -7.10 -28.32 -9.76
N GLN B 421 -7.63 -28.06 -8.56
CA GLN B 421 -7.79 -29.11 -7.58
C GLN B 421 -8.93 -30.03 -8.01
N ALA B 422 -10.06 -29.43 -8.35
CA ALA B 422 -11.21 -30.19 -8.80
C ALA B 422 -10.90 -30.82 -10.15
N ILE B 423 -9.80 -30.37 -10.74
CA ILE B 423 -9.37 -30.87 -12.05
C ILE B 423 -8.50 -32.11 -11.93
N ARG B 424 -7.38 -32.01 -11.23
CA ARG B 424 -6.49 -33.14 -11.11
C ARG B 424 -7.18 -34.42 -10.65
N LYS B 425 -8.42 -34.30 -10.21
CA LYS B 425 -9.15 -35.47 -9.73
C LYS B 425 -10.10 -36.16 -10.71
N LYS B 426 -11.01 -35.38 -11.28
CA LYS B 426 -12.04 -35.88 -12.19
C LYS B 426 -11.65 -36.47 -13.56
N MET B 427 -11.32 -35.62 -14.52
CA MET B 427 -10.93 -36.03 -15.89
C MET B 427 -9.48 -36.47 -15.93
N ASP B 428 -8.71 -35.99 -14.97
CA ASP B 428 -7.30 -36.34 -14.87
C ASP B 428 -7.20 -37.84 -14.69
N LEU B 429 -7.61 -38.33 -13.54
CA LEU B 429 -7.56 -39.77 -13.28
C LEU B 429 -8.47 -40.52 -14.24
N ILE B 430 -9.64 -39.96 -14.54
CA ILE B 430 -10.55 -40.68 -15.44
C ILE B 430 -10.21 -40.50 -16.93
N ASP B 431 -9.11 -39.77 -17.15
CA ASP B 431 -8.41 -39.47 -18.43
C ASP B 431 -9.00 -39.09 -19.77
N LEU B 432 -9.46 -37.87 -19.93
CA LEU B 432 -10.02 -37.46 -21.22
C LEU B 432 -9.12 -36.44 -21.91
N GLU B 433 -7.88 -36.33 -21.44
CA GLU B 433 -6.97 -35.33 -22.00
C GLU B 433 -6.10 -35.68 -23.20
N ASP B 434 -6.08 -36.94 -23.62
CA ASP B 434 -5.24 -37.33 -24.74
C ASP B 434 -5.08 -36.39 -25.94
N GLU B 435 -6.13 -36.20 -26.75
CA GLU B 435 -6.02 -35.32 -27.91
C GLU B 435 -6.35 -33.84 -27.66
N THR B 436 -7.53 -33.57 -27.10
CA THR B 436 -7.97 -32.21 -26.80
C THR B 436 -9.20 -32.22 -25.89
N ILE B 437 -9.41 -31.13 -25.16
CA ILE B 437 -10.53 -31.04 -24.24
C ILE B 437 -11.89 -31.08 -24.90
N ASP B 438 -12.74 -31.96 -24.38
CA ASP B 438 -14.08 -32.08 -24.90
C ASP B 438 -14.94 -31.02 -24.22
N ALA B 439 -15.90 -30.48 -24.97
CA ALA B 439 -16.79 -29.46 -24.46
C ALA B 439 -17.66 -29.99 -23.33
N GLU B 440 -18.43 -31.03 -23.62
CA GLU B 440 -19.30 -31.65 -22.63
C GLU B 440 -18.61 -31.78 -21.28
N VAL B 441 -17.47 -32.47 -21.25
CA VAL B 441 -16.74 -32.70 -20.01
C VAL B 441 -16.65 -31.45 -19.14
N MET B 442 -15.99 -30.42 -19.67
CA MET B 442 -15.81 -29.17 -18.93
C MET B 442 -17.10 -28.72 -18.26
N ASN B 443 -18.14 -28.46 -19.05
CA ASN B 443 -19.41 -27.98 -18.51
C ASN B 443 -19.97 -28.81 -17.35
N SER B 444 -19.62 -30.09 -17.30
CA SER B 444 -20.11 -30.96 -16.23
C SER B 444 -19.24 -30.87 -15.00
N LEU B 445 -17.98 -30.55 -15.22
CA LEU B 445 -17.02 -30.42 -14.13
C LEU B 445 -17.60 -29.61 -12.98
N ALA B 446 -17.29 -30.00 -11.76
CA ALA B 446 -17.78 -29.29 -10.59
C ALA B 446 -16.63 -28.94 -9.66
N VAL B 447 -16.81 -27.87 -8.89
CA VAL B 447 -15.80 -27.43 -7.95
C VAL B 447 -16.45 -27.04 -6.63
N THR B 448 -16.54 -28.00 -5.72
CA THR B 448 -17.15 -27.79 -4.41
C THR B 448 -16.32 -26.86 -3.54
N MET B 449 -16.85 -26.54 -2.37
CA MET B 449 -16.16 -25.66 -1.44
C MET B 449 -14.91 -26.33 -0.91
N ASP B 450 -14.99 -27.63 -0.68
CA ASP B 450 -13.85 -28.34 -0.16
C ASP B 450 -12.61 -28.15 -1.01
N ASP B 451 -12.82 -27.87 -2.29
CA ASP B 451 -11.71 -27.65 -3.22
C ASP B 451 -10.95 -26.39 -2.82
N PHE B 452 -11.67 -25.28 -2.78
CA PHE B 452 -11.08 -24.00 -2.41
C PHE B 452 -10.41 -24.13 -1.04
N ARG B 453 -11.07 -24.83 -0.12
CA ARG B 453 -10.55 -25.02 1.23
C ARG B 453 -9.08 -25.39 1.11
N TRP B 454 -8.79 -26.22 0.12
CA TRP B 454 -7.43 -26.65 -0.13
C TRP B 454 -6.64 -25.41 -0.52
N ALA B 455 -7.10 -24.72 -1.54
CA ALA B 455 -6.43 -23.51 -2.03
C ALA B 455 -5.99 -22.59 -0.90
N LEU B 456 -6.89 -22.30 0.02
CA LEU B 456 -6.54 -21.43 1.12
C LEU B 456 -5.40 -22.01 1.92
N SER B 457 -5.58 -23.24 2.38
CA SER B 457 -4.57 -23.93 3.17
C SER B 457 -3.31 -24.18 2.34
N GLN B 458 -3.43 -23.97 1.03
CA GLN B 458 -2.33 -24.21 0.10
C GLN B 458 -1.27 -23.12 0.06
N SER B 459 -1.65 -21.98 -0.49
CA SER B 459 -0.72 -20.87 -0.59
C SER B 459 -1.25 -19.67 0.15
N ASN B 460 -0.62 -19.38 1.27
CA ASN B 460 -1.04 -18.25 2.06
C ASN B 460 -0.10 -17.06 1.97
N PRO B 461 0.84 -17.05 1.00
CA PRO B 461 1.71 -15.87 0.98
C PRO B 461 1.03 -14.64 0.40
N SER B 462 -0.11 -14.27 0.99
CA SER B 462 -0.86 -13.10 0.55
C SER B 462 0.09 -11.92 0.34
N ALA B 463 -0.39 -10.93 -0.40
CA ALA B 463 0.40 -9.76 -0.71
C ALA B 463 0.84 -8.96 0.51
N LEU B 464 -0.10 -8.22 1.10
CA LEU B 464 0.22 -7.38 2.24
C LEU B 464 -0.71 -7.49 3.44
N ARG B 465 -0.15 -7.24 4.61
CA ARG B 465 -0.88 -7.25 5.85
C ARG B 465 -0.22 -6.16 6.66
N GLU B 466 0.13 -5.09 5.96
CA GLU B 466 0.78 -3.95 6.57
C GLU B 466 -0.19 -3.09 7.34
N THR B 467 -1.14 -2.50 6.63
CA THR B 467 -2.15 -1.63 7.24
C THR B 467 -3.52 -1.86 6.58
N VAL B 468 -4.56 -1.28 7.16
CA VAL B 468 -5.93 -1.45 6.67
C VAL B 468 -6.80 -0.19 6.69
N VAL B 469 -7.53 0.06 5.61
CA VAL B 469 -8.42 1.23 5.56
C VAL B 469 -9.83 0.77 5.20
N GLU B 470 -10.27 -0.32 5.82
CA GLU B 470 -11.60 -0.88 5.55
C GLU B 470 -12.71 -0.17 6.29
N VAL B 471 -13.94 -0.65 6.10
CA VAL B 471 -15.12 -0.09 6.75
C VAL B 471 -15.67 -1.12 7.72
N PRO B 472 -16.04 -0.70 8.93
CA PRO B 472 -16.58 -1.56 9.99
C PRO B 472 -17.73 -2.45 9.55
N GLN B 473 -17.67 -3.73 9.90
CA GLN B 473 -18.74 -4.66 9.56
C GLN B 473 -19.58 -4.91 10.81
N VAL B 474 -19.67 -3.90 11.68
CA VAL B 474 -20.46 -4.02 12.90
C VAL B 474 -21.28 -2.76 13.21
N THR B 475 -22.58 -2.95 13.40
CA THR B 475 -23.51 -1.85 13.71
C THR B 475 -23.64 -1.74 15.22
N TRP B 476 -24.72 -1.12 15.68
CA TRP B 476 -24.94 -0.97 17.11
C TRP B 476 -25.62 -2.20 17.66
N GLU B 477 -25.76 -3.22 16.83
CA GLU B 477 -26.40 -4.46 17.23
C GLU B 477 -25.50 -5.35 18.07
N ASP B 478 -24.26 -4.92 18.27
CA ASP B 478 -23.31 -5.69 19.05
C ASP B 478 -22.89 -4.92 20.31
N ILE B 479 -23.19 -3.63 20.33
CA ILE B 479 -22.84 -2.80 21.47
C ILE B 479 -23.75 -3.09 22.68
N GLY B 480 -25.05 -2.81 22.51
CA GLY B 480 -26.02 -3.05 23.56
C GLY B 480 -25.69 -2.54 24.96
N GLY B 481 -24.99 -1.42 25.04
CA GLY B 481 -24.65 -0.86 26.33
C GLY B 481 -24.57 0.65 26.26
N LEU B 482 -24.97 1.31 27.33
CA LEU B 482 -24.94 2.77 27.37
C LEU B 482 -25.41 3.42 26.06
N GLU B 483 -26.70 3.29 25.78
CA GLU B 483 -27.28 3.87 24.57
C GLU B 483 -27.07 5.38 24.52
N ASP B 484 -27.11 6.02 25.68
CA ASP B 484 -26.95 7.46 25.76
C ASP B 484 -25.73 7.92 24.98
N VAL B 485 -24.60 7.27 25.19
CA VAL B 485 -23.38 7.64 24.51
C VAL B 485 -23.51 7.51 23.00
N LYS B 486 -24.26 6.50 22.58
CA LYS B 486 -24.44 6.27 21.16
C LYS B 486 -24.85 7.51 20.38
N ARG B 487 -25.96 8.13 20.79
CA ARG B 487 -26.45 9.31 20.10
C ARG B 487 -25.52 10.51 20.29
N GLU B 488 -25.18 10.82 21.54
CA GLU B 488 -24.31 11.95 21.84
C GLU B 488 -23.09 11.94 20.94
N LEU B 489 -22.55 10.75 20.69
CA LEU B 489 -21.38 10.64 19.83
C LEU B 489 -21.77 11.16 18.48
N GLN B 490 -22.93 10.75 18.01
CA GLN B 490 -23.42 11.18 16.73
C GLN B 490 -23.57 12.71 16.70
N GLU B 491 -23.61 13.33 17.89
CA GLU B 491 -23.75 14.78 17.97
C GLU B 491 -22.50 15.52 17.54
N LEU B 492 -21.41 14.78 17.38
CA LEU B 492 -20.15 15.39 16.98
C LEU B 492 -19.74 14.93 15.59
N VAL B 493 -20.32 13.81 15.16
CA VAL B 493 -19.98 13.22 13.87
C VAL B 493 -21.08 13.23 12.79
N GLN B 494 -22.27 12.77 13.15
CA GLN B 494 -23.42 12.68 12.23
C GLN B 494 -23.90 14.03 11.71
N TYR B 495 -23.76 15.04 12.55
CA TYR B 495 -24.21 16.37 12.21
C TYR B 495 -23.29 17.12 11.24
N PRO B 496 -21.97 17.13 11.50
CA PRO B 496 -21.04 17.83 10.61
C PRO B 496 -20.91 17.28 9.19
N VAL B 497 -21.35 16.03 8.97
CA VAL B 497 -21.27 15.41 7.66
C VAL B 497 -22.58 15.55 6.89
N GLU B 498 -23.68 15.44 7.61
CA GLU B 498 -25.00 15.54 7.00
C GLU B 498 -25.66 16.88 7.21
N HIS B 499 -25.05 17.72 8.03
CA HIS B 499 -25.60 19.04 8.30
C HIS B 499 -24.49 20.08 8.38
N PRO B 500 -23.58 20.08 7.40
CA PRO B 500 -22.47 21.04 7.38
C PRO B 500 -22.86 22.53 7.33
N ASP B 501 -24.12 22.86 7.65
CA ASP B 501 -24.56 24.25 7.61
C ASP B 501 -24.99 24.79 8.97
N LYS B 502 -25.43 23.88 9.83
CA LYS B 502 -25.89 24.27 11.15
C LYS B 502 -24.76 24.70 12.08
N PHE B 503 -23.54 24.18 11.86
CA PHE B 503 -22.40 24.58 12.68
C PHE B 503 -21.97 25.92 12.12
N LEU B 504 -22.47 26.22 10.92
CA LEU B 504 -22.16 27.47 10.25
C LEU B 504 -23.28 28.46 10.52
N LYS B 505 -24.49 27.95 10.70
CA LYS B 505 -25.63 28.81 10.97
C LYS B 505 -25.26 29.83 12.05
N PHE B 506 -24.54 29.37 13.07
CA PHE B 506 -24.12 30.23 14.16
C PHE B 506 -22.69 30.72 13.94
N GLY B 507 -21.87 29.90 13.29
CA GLY B 507 -20.50 30.30 13.01
C GLY B 507 -19.45 29.57 13.84
N MET B 508 -19.87 28.98 14.95
CA MET B 508 -18.98 28.24 15.84
C MET B 508 -18.34 27.10 15.07
N THR B 509 -17.46 26.37 15.76
CA THR B 509 -16.72 25.26 15.16
C THR B 509 -17.09 23.88 15.76
N PRO B 510 -16.99 22.80 14.95
CA PRO B 510 -17.31 21.45 15.43
C PRO B 510 -16.08 20.97 16.18
N SER B 511 -16.18 19.88 16.92
CA SER B 511 -15.04 19.37 17.66
C SER B 511 -14.28 18.37 16.76
N LYS B 512 -12.95 18.33 16.85
CA LYS B 512 -12.13 17.43 16.01
C LYS B 512 -12.15 15.93 16.32
N GLY B 513 -12.08 15.59 17.61
CA GLY B 513 -12.09 14.19 17.99
C GLY B 513 -12.44 13.94 19.44
N VAL B 514 -12.87 12.71 19.73
CA VAL B 514 -13.24 12.31 21.09
C VAL B 514 -12.23 11.33 21.64
N LEU B 515 -11.98 11.39 22.94
CA LEU B 515 -11.04 10.49 23.60
C LEU B 515 -11.77 9.55 24.57
N PHE B 516 -12.13 8.36 24.09
CA PHE B 516 -12.84 7.39 24.92
C PHE B 516 -11.88 6.87 25.97
N TYR B 517 -12.44 6.33 27.04
CA TYR B 517 -11.60 5.80 28.09
C TYR B 517 -12.42 5.08 29.12
N GLY B 518 -11.73 4.55 30.12
CA GLY B 518 -12.41 3.82 31.18
C GLY B 518 -11.81 2.46 31.45
N PRO B 519 -12.62 1.54 32.00
CA PRO B 519 -12.24 0.17 32.34
C PRO B 519 -12.16 -0.73 31.11
N PRO B 520 -11.13 -1.58 31.05
CA PRO B 520 -10.91 -2.50 29.92
C PRO B 520 -12.09 -3.40 29.57
N GLY B 521 -12.08 -3.89 28.34
CA GLY B 521 -13.15 -4.77 27.88
C GLY B 521 -14.53 -4.23 28.15
N CYS B 522 -14.73 -2.94 27.88
CA CYS B 522 -16.02 -2.32 28.09
C CYS B 522 -16.58 -1.75 26.80
N GLY B 523 -16.11 -2.25 25.66
CA GLY B 523 -16.62 -1.77 24.38
C GLY B 523 -16.20 -0.40 23.90
N LYS B 524 -15.13 0.16 24.46
CA LYS B 524 -14.70 1.48 24.03
C LYS B 524 -14.44 1.45 22.56
N THR B 525 -13.76 0.42 22.09
CA THR B 525 -13.44 0.31 20.68
C THR B 525 -14.66 -0.03 19.83
N LEU B 526 -15.53 -0.90 20.33
CA LEU B 526 -16.72 -1.28 19.58
C LEU B 526 -17.51 -0.05 19.19
N LEU B 527 -17.21 1.06 19.86
CA LEU B 527 -17.88 2.32 19.58
C LEU B 527 -17.29 2.94 18.31
N ALA B 528 -15.98 3.21 18.32
CA ALA B 528 -15.31 3.79 17.16
C ALA B 528 -15.56 2.92 15.96
N LYS B 529 -15.73 1.63 16.20
CA LYS B 529 -16.00 0.67 15.14
C LYS B 529 -17.38 0.98 14.55
N ALA B 530 -18.39 0.76 15.37
CA ALA B 530 -19.77 1.01 14.96
C ALA B 530 -19.97 2.42 14.40
N ILE B 531 -19.50 3.43 15.11
CA ILE B 531 -19.66 4.80 14.65
C ILE B 531 -19.15 4.97 13.23
N ALA B 532 -18.04 4.32 12.90
CA ALA B 532 -17.45 4.41 11.57
C ALA B 532 -18.36 3.76 10.54
N ASN B 533 -19.21 2.86 11.00
CA ASN B 533 -20.15 2.19 10.14
C ASN B 533 -21.41 3.03 10.09
N GLU B 534 -21.71 3.71 11.20
CA GLU B 534 -22.88 4.56 11.31
C GLU B 534 -22.83 5.64 10.25
N CYS B 535 -21.73 6.40 10.24
CA CYS B 535 -21.55 7.48 9.28
C CYS B 535 -21.01 6.94 7.97
N GLN B 536 -20.85 5.63 7.90
CA GLN B 536 -20.34 4.99 6.70
C GLN B 536 -19.05 5.65 6.25
N ALA B 537 -17.97 5.32 6.96
CA ALA B 537 -16.65 5.86 6.65
C ALA B 537 -15.59 4.83 6.97
N ASN B 538 -14.35 5.14 6.61
CA ASN B 538 -13.24 4.23 6.86
C ASN B 538 -12.86 4.26 8.33
N PHE B 539 -12.29 3.15 8.80
CA PHE B 539 -11.87 3.02 10.19
C PHE B 539 -10.42 2.58 10.28
N ILE B 540 -9.54 3.55 10.43
CA ILE B 540 -8.12 3.30 10.56
C ILE B 540 -7.85 3.02 12.04
N SER B 541 -7.16 1.91 12.34
CA SER B 541 -6.85 1.52 13.73
C SER B 541 -5.36 1.28 14.09
N ILE B 542 -4.70 2.26 14.71
CA ILE B 542 -3.30 2.10 15.13
C ILE B 542 -3.26 1.71 16.61
N LYS B 543 -3.31 0.40 16.87
CA LYS B 543 -3.29 -0.09 18.24
C LYS B 543 -1.99 0.28 18.94
N GLY B 544 -2.07 0.39 20.27
CA GLY B 544 -0.92 0.76 21.07
C GLY B 544 0.41 0.15 20.66
N PRO B 545 0.47 -1.17 20.49
CA PRO B 545 1.71 -1.83 20.10
C PRO B 545 2.42 -1.17 18.93
N GLU B 546 1.70 -0.87 17.85
CA GLU B 546 2.32 -0.24 16.70
C GLU B 546 2.89 1.12 17.07
N LEU B 547 2.34 1.73 18.11
CA LEU B 547 2.84 3.02 18.56
C LEU B 547 4.18 2.83 19.21
N LEU B 548 4.22 1.89 20.15
CA LEU B 548 5.44 1.57 20.88
C LEU B 548 6.51 1.17 19.88
N THR B 549 6.12 0.36 18.90
CA THR B 549 7.06 -0.08 17.89
C THR B 549 7.74 1.13 17.27
N MET B 550 7.01 2.23 17.15
CA MET B 550 7.59 3.45 16.60
C MET B 550 8.49 4.06 17.66
N TRP B 551 8.09 3.93 18.92
CA TRP B 551 8.85 4.48 20.03
C TRP B 551 10.20 3.82 20.21
N PHE B 552 10.21 2.49 20.29
CA PHE B 552 11.47 1.78 20.48
C PHE B 552 12.41 1.96 19.29
N GLY B 553 11.89 2.50 18.19
CA GLY B 553 12.72 2.71 17.02
C GLY B 553 12.87 4.19 16.70
N GLU B 554 12.35 5.04 17.58
CA GLU B 554 12.41 6.49 17.41
C GLU B 554 12.19 6.92 15.97
N SER B 555 11.24 6.26 15.29
CA SER B 555 10.93 6.58 13.90
C SER B 555 9.45 6.93 13.75
N GLU B 556 9.00 7.91 14.53
CA GLU B 556 7.61 8.33 14.46
C GLU B 556 7.35 9.01 13.13
N ALA B 557 8.33 8.96 12.24
CA ALA B 557 8.16 9.59 10.95
C ALA B 557 6.91 9.02 10.28
N ASN B 558 6.59 7.75 10.57
CA ASN B 558 5.42 7.09 10.00
C ASN B 558 4.16 7.85 10.36
N VAL B 559 4.24 8.53 11.49
CA VAL B 559 3.15 9.32 11.98
C VAL B 559 2.65 10.18 10.81
N ARG B 560 3.56 10.90 10.17
CA ARG B 560 3.19 11.75 9.04
C ARG B 560 2.69 10.90 7.87
N GLU B 561 3.15 9.66 7.79
CA GLU B 561 2.77 8.74 6.73
C GLU B 561 1.38 8.17 6.99
N ILE B 562 0.94 8.22 8.25
CA ILE B 562 -0.36 7.69 8.64
C ILE B 562 -1.49 8.72 8.57
N PHE B 563 -1.34 9.86 9.22
CA PHE B 563 -2.39 10.88 9.17
C PHE B 563 -2.63 11.28 7.73
N ASP B 564 -1.81 10.77 6.82
CA ASP B 564 -1.99 11.08 5.42
C ASP B 564 -2.87 10.03 4.76
N LYS B 565 -2.69 8.77 5.15
CA LYS B 565 -3.46 7.66 4.61
C LYS B 565 -4.95 7.88 4.77
N ALA B 566 -5.35 8.43 5.91
CA ALA B 566 -6.76 8.68 6.18
C ALA B 566 -7.29 9.83 5.33
N ARG B 567 -6.59 10.95 5.33
CA ARG B 567 -7.00 12.12 4.57
C ARG B 567 -7.11 11.73 3.11
N GLN B 568 -6.12 10.96 2.64
CA GLN B 568 -6.11 10.49 1.27
C GLN B 568 -7.31 9.58 1.08
N ALA B 569 -7.86 9.09 2.18
CA ALA B 569 -9.02 8.19 2.14
C ALA B 569 -10.10 8.69 3.09
N ALA B 570 -10.54 9.93 2.87
CA ALA B 570 -11.57 10.55 3.70
C ALA B 570 -12.95 10.41 3.04
N PRO B 571 -14.03 10.32 3.85
CA PRO B 571 -14.11 10.32 5.31
C PRO B 571 -13.36 9.17 5.94
N CYS B 572 -13.15 9.27 7.25
CA CYS B 572 -12.43 8.24 7.99
C CYS B 572 -12.25 8.69 9.43
N VAL B 573 -12.05 7.72 10.31
CA VAL B 573 -11.86 8.00 11.72
C VAL B 573 -10.63 7.31 12.25
N LEU B 574 -9.57 8.09 12.46
CA LEU B 574 -8.30 7.56 12.97
C LEU B 574 -8.48 7.23 14.46
N PHE B 575 -8.47 5.94 14.78
CA PHE B 575 -8.65 5.48 16.14
C PHE B 575 -7.35 4.91 16.71
N PHE B 576 -6.89 5.44 17.85
CA PHE B 576 -5.66 4.94 18.46
C PHE B 576 -5.96 4.20 19.77
N ASP B 577 -5.98 2.89 19.69
CA ASP B 577 -6.25 2.07 20.86
C ASP B 577 -5.05 2.12 21.79
N GLU B 578 -5.33 2.14 23.09
CA GLU B 578 -4.27 2.19 24.09
C GLU B 578 -3.29 3.32 23.84
N LEU B 579 -3.83 4.53 23.71
CA LEU B 579 -3.02 5.73 23.50
C LEU B 579 -1.86 5.74 24.50
N ASP B 580 -2.20 5.42 25.73
CA ASP B 580 -1.26 5.38 26.85
C ASP B 580 -0.16 4.37 26.65
N SER B 581 -0.34 3.45 25.71
CA SER B 581 0.63 2.41 25.43
C SER B 581 2.02 2.97 25.65
N ILE B 582 2.20 4.23 25.27
CA ILE B 582 3.47 4.90 25.43
C ILE B 582 3.74 5.19 26.89
N ALA B 583 2.76 5.78 27.56
CA ALA B 583 2.91 6.11 28.97
C ALA B 583 3.38 4.91 29.79
N LYS B 584 2.58 3.85 29.79
CA LYS B 584 2.92 2.65 30.56
C LYS B 584 4.37 2.19 30.33
N ALA B 585 4.75 2.04 29.06
CA ALA B 585 6.08 1.59 28.69
C ALA B 585 7.28 2.21 29.41
N ARG B 586 7.14 3.46 29.83
CA ARG B 586 8.25 4.12 30.50
C ARG B 586 8.09 4.20 32.02
N GLY B 587 7.02 3.62 32.54
CA GLY B 587 6.80 3.66 33.98
C GLY B 587 5.55 4.45 34.31
N GLY B 588 5.13 5.28 33.35
CA GLY B 588 3.93 6.09 33.51
C GLY B 588 3.84 6.89 34.79
N ASN B 589 3.11 6.35 35.76
CA ASN B 589 2.92 7.01 37.05
C ASN B 589 4.26 7.40 37.63
N ILE B 590 5.16 6.43 37.71
CA ILE B 590 6.49 6.68 38.25
C ILE B 590 7.50 7.02 37.14
N GLY B 591 7.85 6.04 36.32
CA GLY B 591 8.80 6.29 35.24
C GLY B 591 10.04 7.08 35.63
N ASP B 592 10.53 7.92 34.71
CA ASP B 592 11.73 8.73 34.96
C ASP B 592 11.35 10.19 35.19
N GLY B 593 12.36 11.04 35.26
CA GLY B 593 12.14 12.46 35.48
C GLY B 593 11.34 13.08 34.33
N GLY B 594 11.13 12.32 33.26
CA GLY B 594 10.40 12.83 32.11
C GLY B 594 8.92 13.09 32.36
N GLY B 595 8.32 13.98 31.56
CA GLY B 595 6.92 14.33 31.70
C GLY B 595 6.03 13.57 30.73
N ALA B 596 4.77 13.94 30.61
CA ALA B 596 3.85 13.24 29.69
C ALA B 596 4.30 13.26 28.25
N ALA B 597 4.77 14.43 27.79
CA ALA B 597 5.22 14.59 26.41
C ALA B 597 6.15 13.46 25.99
N ASP B 598 5.77 12.77 24.93
CA ASP B 598 6.57 11.67 24.45
C ASP B 598 6.88 11.82 22.96
N ARG B 599 8.02 11.29 22.53
CA ARG B 599 8.46 11.35 21.14
C ARG B 599 7.33 11.14 20.14
N VAL B 600 6.64 10.00 20.23
CA VAL B 600 5.54 9.70 19.30
C VAL B 600 4.33 10.56 19.64
N ILE B 601 3.87 10.45 20.87
CA ILE B 601 2.71 11.20 21.34
C ILE B 601 2.76 12.65 20.82
N ASN B 602 3.85 13.36 21.06
CA ASN B 602 3.97 14.75 20.61
C ASN B 602 3.88 14.89 19.10
N GLN B 603 4.65 14.09 18.38
CA GLN B 603 4.65 14.13 16.92
C GLN B 603 3.24 14.03 16.38
N ILE B 604 2.40 13.29 17.10
CA ILE B 604 1.01 13.09 16.71
C ILE B 604 0.22 14.37 16.79
N LEU B 605 0.61 15.21 17.74
CA LEU B 605 -0.04 16.47 17.92
C LEU B 605 0.23 17.31 16.69
N THR B 606 1.44 17.20 16.16
CA THR B 606 1.81 17.97 14.97
C THR B 606 0.87 17.64 13.82
N GLU B 607 0.85 16.38 13.40
CA GLU B 607 0.01 15.93 12.28
C GLU B 607 -1.47 16.02 12.59
N MET B 608 -1.78 16.54 13.77
CA MET B 608 -3.16 16.71 14.15
C MET B 608 -3.44 18.22 14.12
N ASP B 609 -2.39 19.02 14.32
CA ASP B 609 -2.51 20.48 14.30
C ASP B 609 -2.66 20.94 12.87
N GLY B 610 -1.79 20.43 12.00
CA GLY B 610 -1.85 20.81 10.61
C GLY B 610 -2.84 19.94 9.89
N MET B 611 -3.63 19.19 10.64
CA MET B 611 -4.62 18.32 10.02
C MET B 611 -5.72 19.28 9.55
N SER B 612 -6.12 19.18 8.29
CA SER B 612 -7.13 20.09 7.75
C SER B 612 -8.32 20.25 8.66
N THR B 613 -8.47 21.45 9.20
CA THR B 613 -9.57 21.74 10.08
C THR B 613 -10.88 21.57 9.33
N LYS B 614 -11.00 22.19 8.16
CA LYS B 614 -12.21 22.12 7.37
C LYS B 614 -12.26 20.90 6.45
N LYS B 615 -11.64 19.81 6.87
CA LYS B 615 -11.62 18.58 6.09
C LYS B 615 -12.74 17.63 6.54
N ASN B 616 -12.63 16.36 6.18
CA ASN B 616 -13.61 15.37 6.58
C ASN B 616 -12.92 14.19 7.27
N VAL B 617 -12.44 14.43 8.49
CA VAL B 617 -11.76 13.38 9.25
C VAL B 617 -11.93 13.55 10.76
N PHE B 618 -12.45 12.52 11.40
CA PHE B 618 -12.67 12.55 12.84
C PHE B 618 -11.60 11.75 13.54
N ILE B 619 -10.99 12.35 14.55
CA ILE B 619 -9.93 11.68 15.29
C ILE B 619 -10.37 11.14 16.66
N ILE B 620 -10.52 9.82 16.78
CA ILE B 620 -10.91 9.19 18.05
C ILE B 620 -9.75 8.43 18.65
N GLY B 621 -9.74 8.34 19.98
CA GLY B 621 -8.68 7.62 20.66
C GLY B 621 -9.19 7.13 22.00
N ALA B 622 -8.93 5.88 22.34
CA ALA B 622 -9.40 5.35 23.61
C ALA B 622 -8.23 4.87 24.45
N THR B 623 -8.35 5.01 25.77
CA THR B 623 -7.29 4.60 26.68
C THR B 623 -7.77 4.08 28.04
N ASN B 624 -7.30 2.90 28.44
CA ASN B 624 -7.71 2.31 29.71
C ASN B 624 -6.92 2.95 30.84
N ARG B 625 -6.24 4.03 30.48
CA ARG B 625 -5.40 4.74 31.42
C ARG B 625 -5.51 6.24 31.23
N PRO B 626 -6.66 6.84 31.64
CA PRO B 626 -6.78 8.29 31.45
C PRO B 626 -5.89 9.12 32.36
N ASP B 627 -5.22 8.47 33.30
CA ASP B 627 -4.37 9.18 34.24
C ASP B 627 -2.98 9.50 33.73
N ILE B 628 -2.58 8.88 32.64
CA ILE B 628 -1.24 9.10 32.10
C ILE B 628 -1.22 9.59 30.66
N ILE B 629 -2.06 10.57 30.35
CA ILE B 629 -2.16 11.14 29.00
C ILE B 629 -1.59 12.56 28.95
N ASP B 630 -0.88 12.88 27.87
CA ASP B 630 -0.33 14.21 27.74
C ASP B 630 -1.51 15.17 27.54
N PRO B 631 -1.70 16.10 28.48
CA PRO B 631 -2.78 17.10 28.44
C PRO B 631 -2.91 17.88 27.13
N ALA B 632 -1.86 17.86 26.32
CA ALA B 632 -1.88 18.58 25.05
C ALA B 632 -2.91 18.01 24.08
N ILE B 633 -3.37 16.78 24.32
CA ILE B 633 -4.35 16.14 23.45
C ILE B 633 -5.76 16.56 23.76
N LEU B 634 -5.98 16.93 25.02
CA LEU B 634 -7.29 17.34 25.49
C LEU B 634 -7.48 18.84 25.31
N ARG B 635 -6.38 19.53 25.03
CA ARG B 635 -6.44 20.98 24.81
C ARG B 635 -7.41 21.25 23.67
N PRO B 636 -8.36 22.17 23.90
CA PRO B 636 -9.34 22.52 22.87
C PRO B 636 -8.70 22.68 21.49
N GLY B 637 -9.29 22.05 20.48
CA GLY B 637 -8.73 22.15 19.14
C GLY B 637 -8.32 20.81 18.60
N ARG B 638 -8.08 19.86 19.50
CA ARG B 638 -7.67 18.51 19.11
C ARG B 638 -8.67 17.47 19.62
N LEU B 639 -8.59 17.17 20.91
CA LEU B 639 -9.51 16.22 21.52
C LEU B 639 -10.20 16.89 22.70
N ASP B 640 -10.76 18.06 22.41
CA ASP B 640 -11.44 18.84 23.43
C ASP B 640 -12.66 18.14 24.00
N GLN B 641 -13.06 17.04 23.36
CA GLN B 641 -14.23 16.29 23.82
C GLN B 641 -13.77 14.99 24.49
N LEU B 642 -14.23 14.78 25.72
CA LEU B 642 -13.89 13.58 26.50
C LEU B 642 -15.13 12.84 26.95
N ILE B 643 -15.12 11.53 26.81
CA ILE B 643 -16.27 10.73 27.20
C ILE B 643 -15.91 9.51 28.01
N TYR B 644 -16.66 9.26 29.07
CA TYR B 644 -16.41 8.11 29.92
C TYR B 644 -17.41 6.99 29.66
N ILE B 645 -16.88 5.82 29.35
CA ILE B 645 -17.68 4.64 29.07
C ILE B 645 -17.31 3.61 30.14
N PRO B 646 -18.04 3.62 31.24
CA PRO B 646 -17.92 2.77 32.43
C PRO B 646 -18.18 1.28 32.15
N LEU B 647 -18.27 0.48 33.22
CA LEU B 647 -18.54 -0.96 33.09
C LEU B 647 -20.00 -1.17 32.74
N PRO B 648 -20.39 -2.43 32.46
CA PRO B 648 -21.77 -2.73 32.10
C PRO B 648 -22.71 -2.76 33.31
N ASP B 649 -23.90 -2.19 33.13
CA ASP B 649 -24.88 -2.17 34.20
C ASP B 649 -25.77 -3.41 34.09
N GLU B 650 -26.78 -3.51 34.94
CA GLU B 650 -27.69 -4.67 34.91
C GLU B 650 -28.25 -4.86 33.51
N LYS B 651 -28.80 -3.80 32.93
CA LYS B 651 -29.36 -3.85 31.58
C LYS B 651 -28.25 -4.30 30.63
N SER B 652 -27.14 -3.57 30.66
CA SER B 652 -26.01 -3.85 29.80
C SER B 652 -25.66 -5.34 29.72
N ARG B 653 -25.25 -5.91 30.85
CA ARG B 653 -24.89 -7.32 30.87
C ARG B 653 -25.95 -8.16 30.21
N VAL B 654 -27.19 -7.69 30.26
CA VAL B 654 -28.28 -8.43 29.63
C VAL B 654 -28.08 -8.42 28.13
N ALA B 655 -28.27 -7.26 27.49
CA ALA B 655 -28.14 -7.15 26.05
C ALA B 655 -26.77 -7.63 25.57
N ILE B 656 -25.73 -7.22 26.27
CA ILE B 656 -24.37 -7.61 25.92
C ILE B 656 -24.25 -9.09 25.60
N LEU B 657 -24.90 -9.92 26.41
CA LEU B 657 -24.83 -11.34 26.15
C LEU B 657 -25.45 -11.70 24.82
N LYS B 658 -26.70 -11.28 24.60
CA LYS B 658 -27.40 -11.58 23.34
C LYS B 658 -26.61 -11.17 22.13
N ALA B 659 -25.56 -10.41 22.34
CA ALA B 659 -24.74 -9.98 21.24
C ALA B 659 -23.63 -11.00 21.06
N ASN B 660 -22.90 -11.31 22.13
CA ASN B 660 -21.78 -12.26 22.08
C ASN B 660 -22.24 -13.69 21.87
N LEU B 661 -23.51 -13.93 22.14
CA LEU B 661 -24.08 -15.27 22.01
C LEU B 661 -25.15 -15.33 20.91
N ARG B 662 -25.50 -14.18 20.33
CA ARG B 662 -26.52 -14.11 19.28
C ARG B 662 -26.35 -15.22 18.25
N LYS B 663 -25.26 -15.15 17.50
CA LYS B 663 -24.97 -16.14 16.48
C LYS B 663 -24.31 -17.37 17.10
N SER B 664 -25.13 -18.13 17.84
CA SER B 664 -24.64 -19.33 18.49
C SER B 664 -25.82 -20.22 18.91
N PRO B 665 -25.55 -21.50 19.20
CA PRO B 665 -26.51 -22.55 19.61
C PRO B 665 -27.09 -22.42 21.00
N VAL B 666 -27.36 -21.19 21.40
CA VAL B 666 -27.91 -20.95 22.71
C VAL B 666 -29.22 -21.73 22.85
N ALA B 667 -29.24 -22.67 23.79
CA ALA B 667 -30.45 -23.46 24.01
C ALA B 667 -31.58 -22.58 24.54
N LYS B 668 -32.77 -23.14 24.63
CA LYS B 668 -33.96 -22.43 25.10
C LYS B 668 -33.95 -22.22 26.62
N ASP B 669 -33.47 -23.23 27.34
CA ASP B 669 -33.41 -23.18 28.79
C ASP B 669 -32.40 -22.13 29.22
N VAL B 670 -31.54 -21.76 28.29
CA VAL B 670 -30.54 -20.75 28.57
C VAL B 670 -31.28 -19.52 29.07
N ASP B 671 -31.00 -19.12 30.31
CA ASP B 671 -31.64 -17.95 30.90
C ASP B 671 -30.58 -16.93 31.28
N LEU B 672 -30.49 -15.86 30.49
CA LEU B 672 -29.49 -14.83 30.74
C LEU B 672 -29.89 -13.83 31.80
N GLU B 673 -31.17 -13.48 31.86
CA GLU B 673 -31.63 -12.54 32.86
C GLU B 673 -31.08 -12.95 34.22
N PHE B 674 -30.96 -14.26 34.43
CA PHE B 674 -30.45 -14.82 35.69
C PHE B 674 -29.01 -14.35 35.92
N LEU B 675 -28.21 -14.48 34.88
CA LEU B 675 -26.82 -14.10 34.95
C LEU B 675 -26.70 -12.58 35.00
N ALA B 676 -27.73 -11.90 34.48
CA ALA B 676 -27.76 -10.44 34.44
C ALA B 676 -27.66 -9.86 35.84
N LYS B 677 -27.77 -10.73 36.84
CA LYS B 677 -27.70 -10.30 38.23
C LYS B 677 -26.53 -10.99 38.94
N MET B 678 -25.92 -11.95 38.25
CA MET B 678 -24.81 -12.67 38.83
C MET B 678 -23.50 -11.90 38.74
N THR B 679 -23.07 -11.59 37.52
CA THR B 679 -21.82 -10.86 37.33
C THR B 679 -22.05 -9.36 37.34
N ASN B 680 -21.60 -8.71 38.40
CA ASN B 680 -21.79 -7.29 38.52
C ASN B 680 -20.54 -6.45 38.24
N GLY B 681 -19.39 -6.88 38.73
CA GLY B 681 -18.18 -6.11 38.52
C GLY B 681 -17.50 -6.39 37.20
N PHE B 682 -18.05 -7.35 36.47
CA PHE B 682 -17.51 -7.75 35.18
C PHE B 682 -17.73 -6.71 34.09
N SER B 683 -17.15 -6.96 32.91
CA SER B 683 -17.25 -6.06 31.77
C SER B 683 -17.54 -6.85 30.50
N GLY B 684 -17.87 -6.12 29.43
CA GLY B 684 -18.17 -6.77 28.16
C GLY B 684 -17.14 -7.81 27.78
N ALA B 685 -15.91 -7.62 28.25
CA ALA B 685 -14.85 -8.56 27.97
C ALA B 685 -15.03 -9.80 28.82
N ASP B 686 -15.03 -9.61 30.13
CA ASP B 686 -15.19 -10.73 31.05
C ASP B 686 -16.41 -11.55 30.71
N LEU B 687 -17.50 -10.88 30.39
CA LEU B 687 -18.74 -11.58 30.05
C LEU B 687 -18.43 -12.51 28.89
N THR B 688 -17.68 -12.01 27.90
CA THR B 688 -17.31 -12.82 26.73
C THR B 688 -16.44 -14.00 27.18
N GLU B 689 -15.61 -13.76 28.19
CA GLU B 689 -14.73 -14.80 28.73
C GLU B 689 -15.57 -16.00 29.09
N ILE B 690 -16.42 -15.84 30.09
CA ILE B 690 -17.26 -16.92 30.53
C ILE B 690 -18.00 -17.56 29.35
N CYS B 691 -18.32 -16.76 28.34
CA CYS B 691 -19.02 -17.27 27.17
C CYS B 691 -18.24 -18.36 26.47
N GLN B 692 -17.12 -17.98 25.88
CA GLN B 692 -16.29 -18.94 25.19
C GLN B 692 -16.00 -20.15 26.06
N ARG B 693 -15.95 -19.94 27.37
CA ARG B 693 -15.68 -21.04 28.29
C ARG B 693 -16.82 -22.05 28.23
N ALA B 694 -18.03 -21.57 28.01
CA ALA B 694 -19.18 -22.45 27.93
C ALA B 694 -19.05 -23.34 26.70
N CYS B 695 -18.31 -22.86 25.71
CA CYS B 695 -18.13 -23.62 24.48
C CYS B 695 -16.93 -24.56 24.55
N LYS B 696 -15.81 -24.07 25.08
CA LYS B 696 -14.61 -24.91 25.18
C LYS B 696 -14.91 -26.08 26.14
N LEU B 697 -16.16 -26.17 26.56
CA LEU B 697 -16.64 -27.24 27.45
C LEU B 697 -17.76 -27.95 26.71
N ALA B 698 -18.42 -27.21 25.83
CA ALA B 698 -19.53 -27.76 25.05
C ALA B 698 -18.98 -28.62 23.92
N ILE B 699 -17.92 -28.15 23.27
CA ILE B 699 -17.31 -28.89 22.18
C ILE B 699 -16.64 -30.14 22.78
N ARG B 700 -16.12 -30.00 23.99
CA ARG B 700 -15.44 -31.10 24.68
C ARG B 700 -16.38 -32.29 24.87
N GLU B 701 -17.66 -31.99 25.06
CA GLU B 701 -18.67 -33.01 25.23
C GLU B 701 -18.85 -33.75 23.90
N SER B 702 -18.88 -32.99 22.81
CA SER B 702 -19.06 -33.53 21.46
C SER B 702 -18.22 -34.74 21.09
N ILE B 703 -16.93 -34.49 20.94
CA ILE B 703 -15.97 -35.49 20.52
C ILE B 703 -15.92 -36.76 21.37
N GLU B 704 -15.72 -36.59 22.67
CA GLU B 704 -15.60 -37.72 23.58
C GLU B 704 -16.87 -38.53 23.78
N SER B 705 -17.96 -37.83 24.07
CA SER B 705 -19.22 -38.50 24.32
C SER B 705 -19.56 -39.46 23.20
N GLU B 706 -18.97 -39.22 22.04
CA GLU B 706 -19.23 -39.98 20.85
C GLU B 706 -18.60 -41.34 20.46
N ILE B 707 -17.29 -41.40 20.30
CA ILE B 707 -16.61 -42.62 19.87
C ILE B 707 -17.14 -43.99 20.38
N VAL B 728 -26.41 -34.14 18.66
CA VAL B 728 -26.58 -33.52 19.96
C VAL B 728 -25.82 -32.18 20.10
N PRO B 729 -26.03 -31.22 19.17
CA PRO B 729 -25.35 -29.91 19.20
C PRO B 729 -26.07 -28.65 19.76
N GLU B 730 -26.34 -28.60 21.07
CA GLU B 730 -26.99 -27.43 21.68
C GLU B 730 -26.31 -27.05 22.98
N ILE B 731 -25.91 -25.79 23.13
CA ILE B 731 -25.26 -25.39 24.37
C ILE B 731 -26.32 -25.26 25.44
N ARG B 732 -26.05 -25.84 26.60
CA ARG B 732 -27.00 -25.84 27.71
C ARG B 732 -26.59 -25.10 28.97
N ARG B 733 -27.48 -25.13 29.96
CA ARG B 733 -27.27 -24.48 31.25
C ARG B 733 -26.08 -25.01 32.03
N ASP B 734 -26.08 -26.30 32.29
CA ASP B 734 -24.99 -26.94 33.03
C ASP B 734 -23.63 -26.45 32.55
N HIS B 735 -23.55 -26.05 31.28
CA HIS B 735 -22.31 -25.54 30.72
C HIS B 735 -22.04 -24.16 31.26
N PHE B 736 -22.91 -23.21 30.89
CA PHE B 736 -22.78 -21.84 31.34
C PHE B 736 -22.48 -21.80 32.83
N GLU B 737 -23.25 -22.54 33.61
CA GLU B 737 -23.01 -22.54 35.05
C GLU B 737 -21.65 -23.16 35.38
N GLU B 738 -21.36 -24.33 34.82
CA GLU B 738 -20.08 -24.97 35.09
C GLU B 738 -18.95 -24.07 34.60
N ALA B 739 -19.33 -22.98 33.94
CA ALA B 739 -18.37 -22.02 33.40
C ALA B 739 -18.07 -20.88 34.37
N MET B 740 -19.08 -20.41 35.08
CA MET B 740 -18.86 -19.33 36.02
C MET B 740 -17.89 -19.78 37.10
N ARG B 741 -17.62 -21.08 37.15
CA ARG B 741 -16.70 -21.66 38.13
C ARG B 741 -15.37 -20.93 38.07
N PHE B 742 -14.90 -20.67 36.85
CA PHE B 742 -13.64 -19.99 36.63
C PHE B 742 -13.92 -18.51 36.30
N ALA B 743 -14.83 -17.90 37.06
CA ALA B 743 -15.18 -16.51 36.85
C ALA B 743 -14.10 -15.57 37.35
N ARG B 744 -13.82 -14.54 36.57
CA ARG B 744 -12.79 -13.56 36.91
C ARG B 744 -13.32 -12.14 36.68
N ARG B 745 -13.00 -11.25 37.62
CA ARG B 745 -13.42 -9.85 37.52
C ARG B 745 -12.22 -8.99 37.10
N SER B 746 -12.03 -8.82 35.79
CA SER B 746 -10.91 -8.04 35.30
C SER B 746 -10.78 -6.69 36.02
N VAL B 747 -11.92 -6.11 36.39
CA VAL B 747 -11.92 -4.81 37.06
C VAL B 747 -12.12 -4.92 38.56
N SER B 748 -11.03 -4.73 39.31
CA SER B 748 -11.09 -4.79 40.76
C SER B 748 -11.91 -3.61 41.28
N ASP B 749 -12.37 -3.72 42.51
CA ASP B 749 -13.16 -2.67 43.12
C ASP B 749 -12.32 -1.41 43.37
N ASN B 750 -11.04 -1.58 43.72
CA ASN B 750 -10.16 -0.42 43.96
C ASN B 750 -10.07 0.45 42.72
N ASP B 751 -9.84 -0.18 41.57
CA ASP B 751 -9.74 0.53 40.31
C ASP B 751 -11.09 1.10 39.93
N ILE B 752 -12.15 0.32 40.12
CA ILE B 752 -13.49 0.80 39.80
C ILE B 752 -13.62 2.26 40.23
N ARG B 753 -13.02 2.60 41.37
CA ARG B 753 -13.07 3.96 41.90
C ARG B 753 -12.05 4.89 41.27
N LYS B 754 -10.84 4.39 41.02
CA LYS B 754 -9.80 5.21 40.43
C LYS B 754 -10.28 5.97 39.18
N TYR B 755 -10.89 5.28 38.21
CA TYR B 755 -11.38 5.92 37.00
C TYR B 755 -12.45 6.95 37.26
N GLU B 756 -13.15 6.75 38.36
CA GLU B 756 -14.19 7.67 38.73
C GLU B 756 -13.53 8.93 39.27
N MET B 757 -12.56 8.74 40.17
CA MET B 757 -11.81 9.84 40.77
C MET B 757 -11.46 10.78 39.61
N PHE B 758 -11.03 10.17 38.51
CA PHE B 758 -10.64 10.89 37.30
C PHE B 758 -11.89 11.38 36.58
N ALA B 759 -12.82 10.45 36.39
CA ALA B 759 -14.08 10.74 35.70
C ALA B 759 -14.67 12.09 36.06
N GLN B 760 -14.75 12.40 37.35
CA GLN B 760 -15.32 13.68 37.78
C GLN B 760 -14.54 14.88 37.26
N THR B 761 -13.24 14.85 37.47
CA THR B 761 -12.37 15.93 37.06
C THR B 761 -12.06 15.90 35.57
N LEU B 762 -11.77 14.71 35.04
CA LEU B 762 -11.45 14.55 33.62
C LEU B 762 -12.46 15.29 32.74
N GLN B 763 -13.70 15.40 33.21
CA GLN B 763 -14.74 16.10 32.46
C GLN B 763 -15.04 17.44 33.12
N ASN C 21 7.88 70.73 -17.41
CA ASN C 21 8.23 70.17 -18.74
C ASN C 21 6.98 69.66 -19.48
N ARG C 22 6.03 70.57 -19.73
CA ARG C 22 4.78 70.23 -20.41
C ARG C 22 3.96 69.25 -19.57
N PRO C 23 2.85 69.71 -18.97
CA PRO C 23 2.00 68.83 -18.16
C PRO C 23 1.20 67.78 -18.94
N ASN C 24 1.70 67.39 -20.12
CA ASN C 24 1.01 66.41 -20.96
C ASN C 24 1.66 65.02 -20.98
N ARG C 25 2.92 64.96 -21.43
CA ARG C 25 3.64 63.69 -21.49
C ARG C 25 3.72 63.08 -20.09
N LEU C 26 3.09 61.94 -19.90
CA LEU C 26 3.12 61.29 -18.60
C LEU C 26 3.68 59.88 -18.70
N ILE C 27 3.98 59.30 -17.55
CA ILE C 27 4.52 57.95 -17.52
C ILE C 27 3.39 56.96 -17.33
N VAL C 28 3.42 55.88 -18.08
CA VAL C 28 2.40 54.86 -17.97
C VAL C 28 2.69 53.92 -16.80
N ASP C 29 1.77 53.84 -15.84
CA ASP C 29 1.91 53.00 -14.66
C ASP C 29 0.90 51.85 -14.74
N GLU C 30 0.66 51.19 -13.61
CA GLU C 30 -0.30 50.09 -13.57
C GLU C 30 -1.69 50.64 -13.92
N ALA C 31 -2.72 49.82 -13.73
CA ALA C 31 -4.08 50.23 -14.02
C ALA C 31 -5.05 49.87 -12.89
N ILE C 32 -5.45 50.87 -12.10
CA ILE C 32 -6.37 50.65 -11.00
C ILE C 32 -7.76 50.40 -11.54
N ASN C 33 -7.95 50.73 -12.81
CA ASN C 33 -9.21 50.53 -13.47
C ASN C 33 -9.01 49.61 -14.66
N GLU C 34 -9.60 48.43 -14.61
CA GLU C 34 -9.45 47.45 -15.70
C GLU C 34 -10.50 47.65 -16.78
N ASP C 35 -10.39 48.73 -17.56
CA ASP C 35 -11.34 49.00 -18.64
C ASP C 35 -10.57 49.28 -19.94
N ASN C 36 -10.97 48.62 -21.02
CA ASN C 36 -10.32 48.80 -22.31
C ASN C 36 -10.50 50.21 -22.86
N SER C 37 -10.90 51.14 -22.02
CA SER C 37 -11.12 52.51 -22.47
C SER C 37 -11.04 53.52 -21.33
N VAL C 38 -9.84 53.69 -20.78
CA VAL C 38 -9.65 54.63 -19.68
C VAL C 38 -8.18 54.82 -19.34
N VAL C 39 -7.85 56.00 -18.82
CA VAL C 39 -6.48 56.33 -18.44
C VAL C 39 -6.50 57.13 -17.13
N SER C 40 -6.95 56.47 -16.07
CA SER C 40 -7.06 57.05 -14.75
C SER C 40 -5.88 57.99 -14.39
N LEU C 41 -6.22 59.23 -14.07
CA LEU C 41 -5.24 60.23 -13.69
C LEU C 41 -5.60 60.78 -12.31
N SER C 42 -4.67 61.51 -11.71
CA SER C 42 -4.90 62.10 -10.38
C SER C 42 -5.82 63.32 -10.51
N GLN C 43 -6.56 63.60 -9.43
CA GLN C 43 -7.47 64.74 -9.40
C GLN C 43 -6.74 66.04 -9.67
N PRO C 44 -5.68 66.32 -8.90
CA PRO C 44 -4.92 67.56 -9.11
C PRO C 44 -4.23 67.63 -10.47
N LYS C 45 -4.29 66.52 -11.22
CA LYS C 45 -3.69 66.45 -12.54
C LYS C 45 -4.66 66.96 -13.57
N MET C 46 -5.89 66.48 -13.49
CA MET C 46 -6.94 66.87 -14.41
C MET C 46 -7.05 68.40 -14.42
N ASP C 47 -7.09 68.97 -13.23
CA ASP C 47 -7.20 70.41 -13.06
C ASP C 47 -6.09 71.13 -13.84
N GLU C 48 -4.95 70.50 -13.95
CA GLU C 48 -3.82 71.08 -14.66
C GLU C 48 -4.10 71.09 -16.15
N LEU C 49 -4.78 70.06 -16.62
CA LEU C 49 -5.09 69.91 -18.04
C LEU C 49 -6.56 70.11 -18.38
N GLN C 50 -7.29 70.76 -17.49
CA GLN C 50 -8.71 71.05 -17.69
C GLN C 50 -9.54 69.91 -18.27
N LEU C 51 -9.61 68.81 -17.54
CA LEU C 51 -10.39 67.65 -17.99
C LEU C 51 -11.48 67.27 -17.01
N PHE C 52 -12.69 67.10 -17.52
CA PHE C 52 -13.85 66.73 -16.71
C PHE C 52 -13.82 65.21 -16.41
N ARG C 53 -14.87 64.71 -15.75
CA ARG C 53 -14.98 63.29 -15.41
C ARG C 53 -15.19 62.45 -16.66
N GLY C 54 -16.10 62.88 -17.51
CA GLY C 54 -16.40 62.17 -18.74
C GLY C 54 -15.86 62.81 -20.00
N ASP C 55 -14.74 63.52 -19.87
CA ASP C 55 -14.10 64.18 -20.99
C ASP C 55 -13.34 63.06 -21.70
N THR C 56 -13.70 62.77 -22.94
CA THR C 56 -13.01 61.74 -23.68
C THR C 56 -11.65 62.31 -24.03
N VAL C 57 -10.64 61.46 -24.08
CA VAL C 57 -9.28 61.91 -24.36
C VAL C 57 -8.62 61.30 -25.59
N LEU C 58 -7.63 62.00 -26.14
CA LEU C 58 -6.88 61.54 -27.31
C LEU C 58 -5.46 61.16 -26.90
N LEU C 59 -5.16 59.87 -26.96
CA LEU C 59 -3.84 59.37 -26.61
C LEU C 59 -2.90 59.24 -27.80
N LYS C 60 -1.72 59.83 -27.68
CA LYS C 60 -0.72 59.81 -28.74
C LYS C 60 0.58 59.19 -28.22
N GLY C 61 0.98 58.07 -28.80
CA GLY C 61 2.20 57.42 -28.36
C GLY C 61 3.20 57.19 -29.47
N LYS C 62 4.04 56.17 -29.28
CA LYS C 62 5.07 55.82 -30.25
C LYS C 62 4.51 55.13 -31.48
N LYS C 63 5.40 54.51 -32.25
CA LYS C 63 5.04 53.81 -33.49
C LYS C 63 3.93 54.51 -34.23
N ARG C 64 4.05 55.84 -34.28
CA ARG C 64 3.10 56.69 -34.97
C ARG C 64 1.70 56.10 -34.83
N ARG C 65 1.17 56.13 -33.62
CA ARG C 65 -0.18 55.62 -33.37
C ARG C 65 -0.84 56.33 -32.20
N GLU C 66 -2.17 56.29 -32.18
CA GLU C 66 -2.94 56.94 -31.12
C GLU C 66 -4.03 56.01 -30.60
N ALA C 67 -5.01 56.60 -29.93
CA ALA C 67 -6.13 55.87 -29.37
C ALA C 67 -7.07 56.90 -28.73
N VAL C 68 -8.22 56.43 -28.23
CA VAL C 68 -9.18 57.35 -27.62
C VAL C 68 -9.82 56.79 -26.34
N CYS C 69 -9.17 56.97 -25.21
CA CYS C 69 -9.70 56.46 -23.95
C CYS C 69 -10.50 57.52 -23.20
N ILE C 70 -10.66 57.31 -21.91
CA ILE C 70 -11.39 58.26 -21.07
C ILE C 70 -10.59 58.52 -19.80
N VAL C 71 -10.53 59.79 -19.40
CA VAL C 71 -9.78 60.17 -18.21
C VAL C 71 -10.65 60.13 -16.96
N LEU C 72 -10.04 59.75 -15.84
CA LEU C 72 -10.75 59.67 -14.57
C LEU C 72 -9.87 60.19 -13.44
N SER C 73 -10.42 60.20 -12.23
CA SER C 73 -9.69 60.66 -11.07
C SER C 73 -9.28 59.49 -10.19
N ASP C 74 -8.05 59.54 -9.69
CA ASP C 74 -7.52 58.49 -8.83
C ASP C 74 -6.66 59.09 -7.72
N ASP C 75 -7.21 59.11 -6.50
CA ASP C 75 -6.50 59.68 -5.35
C ASP C 75 -5.20 58.95 -5.06
N THR C 76 -5.14 57.67 -5.40
CA THR C 76 -3.95 56.85 -5.18
C THR C 76 -3.08 56.79 -6.42
N CYS C 77 -2.86 57.95 -7.04
CA CYS C 77 -2.05 58.04 -8.24
C CYS C 77 -1.30 59.36 -8.29
N SER C 78 0.02 59.31 -8.33
CA SER C 78 0.83 60.52 -8.37
C SER C 78 0.57 61.25 -9.69
N ASP C 79 0.55 62.58 -9.61
CA ASP C 79 0.31 63.40 -10.80
C ASP C 79 1.22 63.01 -11.96
N GLU C 80 2.42 62.55 -11.62
CA GLU C 80 3.38 62.16 -12.64
C GLU C 80 3.11 60.76 -13.19
N LYS C 81 1.83 60.44 -13.35
CA LYS C 81 1.45 59.12 -13.87
C LYS C 81 0.10 59.10 -14.61
N ILE C 82 -0.08 58.09 -15.44
CA ILE C 82 -1.28 57.87 -16.23
C ILE C 82 -1.57 56.38 -16.30
N ARG C 83 -2.37 55.89 -15.36
CA ARG C 83 -2.70 54.46 -15.29
C ARG C 83 -3.46 53.95 -16.53
N MET C 84 -3.15 52.73 -16.94
CA MET C 84 -3.80 52.09 -18.09
C MET C 84 -3.43 50.62 -18.17
N ASN C 85 -4.43 49.77 -18.42
CA ASN C 85 -4.21 48.33 -18.51
C ASN C 85 -3.44 47.99 -19.77
N ARG C 86 -3.08 46.72 -19.92
CA ARG C 86 -2.32 46.29 -21.08
C ARG C 86 -2.98 46.63 -22.42
N VAL C 87 -4.31 46.54 -22.48
CA VAL C 87 -5.01 46.84 -23.73
C VAL C 87 -4.67 48.26 -24.19
N VAL C 88 -4.91 49.22 -23.31
CA VAL C 88 -4.61 50.61 -23.61
C VAL C 88 -3.10 50.72 -23.84
N ARG C 89 -2.36 49.82 -23.22
CA ARG C 89 -0.91 49.82 -23.36
C ARG C 89 -0.49 49.39 -24.76
N ASN C 90 -0.78 48.14 -25.11
CA ASN C 90 -0.42 47.60 -26.42
C ASN C 90 -0.86 48.50 -27.58
N ASN C 91 -2.13 48.88 -27.61
CA ASN C 91 -2.61 49.72 -28.69
C ASN C 91 -1.78 51.00 -28.85
N LEU C 92 -1.10 51.39 -27.78
CA LEU C 92 -0.27 52.59 -27.83
C LEU C 92 1.19 52.24 -28.11
N ARG C 93 1.48 50.95 -28.17
CA ARG C 93 2.85 50.51 -28.41
C ARG C 93 3.81 51.10 -27.38
N VAL C 94 3.28 51.35 -26.18
CA VAL C 94 4.11 51.93 -25.11
C VAL C 94 4.13 51.05 -23.87
N ARG C 95 5.28 50.47 -23.60
CA ARG C 95 5.44 49.63 -22.43
C ARG C 95 5.30 50.50 -21.22
N LEU C 96 5.50 49.92 -20.05
CA LEU C 96 5.39 50.68 -18.84
C LEU C 96 6.66 51.47 -18.65
N GLY C 97 6.53 52.79 -18.74
CA GLY C 97 7.66 53.66 -18.57
C GLY C 97 7.69 54.73 -19.64
N ASP C 98 7.63 54.31 -20.89
CA ASP C 98 7.67 55.22 -22.03
C ASP C 98 6.73 56.43 -21.88
N VAL C 99 6.94 57.45 -22.72
CA VAL C 99 6.14 58.68 -22.68
C VAL C 99 5.04 58.75 -23.71
N ILE C 100 3.88 59.18 -23.24
CA ILE C 100 2.70 59.33 -24.09
C ILE C 100 2.31 60.81 -24.05
N SER C 101 1.13 61.14 -24.58
CA SER C 101 0.63 62.52 -24.60
C SER C 101 -0.90 62.57 -24.64
N ILE C 102 -1.53 62.65 -23.46
CA ILE C 102 -2.98 62.72 -23.36
C ILE C 102 -3.43 63.99 -24.08
N GLN C 103 -4.73 64.11 -24.35
CA GLN C 103 -5.25 65.30 -25.04
C GLN C 103 -6.77 65.35 -25.05
N PRO C 104 -7.34 66.50 -24.63
CA PRO C 104 -8.80 66.61 -24.62
C PRO C 104 -9.31 66.63 -26.05
N CYS C 105 -10.36 65.87 -26.31
CA CYS C 105 -10.90 65.81 -27.66
C CYS C 105 -12.43 65.72 -27.64
N PRO C 106 -13.10 66.77 -27.15
CA PRO C 106 -14.56 66.80 -27.07
C PRO C 106 -15.29 67.09 -28.39
N ASP C 107 -14.76 66.58 -29.50
CA ASP C 107 -15.35 66.78 -30.82
C ASP C 107 -15.62 65.45 -31.51
N VAL C 108 -15.32 64.35 -30.81
CA VAL C 108 -15.52 63.02 -31.36
C VAL C 108 -17.01 62.68 -31.35
N LYS C 109 -17.75 63.25 -32.30
CA LYS C 109 -19.18 63.00 -32.37
C LYS C 109 -19.42 61.50 -32.54
N TYR C 110 -20.54 61.03 -32.04
CA TYR C 110 -20.90 59.62 -32.11
C TYR C 110 -20.68 59.04 -33.49
N GLY C 111 -20.29 57.77 -33.52
CA GLY C 111 -20.02 57.13 -34.78
C GLY C 111 -21.25 56.55 -35.45
N LYS C 112 -21.10 56.23 -36.72
CA LYS C 112 -22.16 55.65 -37.53
C LYS C 112 -21.95 54.15 -37.77
N ARG C 113 -20.84 53.78 -38.40
CA ARG C 113 -20.57 52.38 -38.66
C ARG C 113 -19.32 51.87 -37.96
N ILE C 114 -19.29 50.59 -37.64
CA ILE C 114 -18.13 49.98 -36.99
C ILE C 114 -17.92 48.57 -37.51
N HIS C 115 -16.73 48.32 -38.07
CA HIS C 115 -16.39 47.01 -38.60
C HIS C 115 -15.30 46.34 -37.74
N VAL C 116 -15.73 45.48 -36.82
CA VAL C 116 -14.83 44.77 -35.91
C VAL C 116 -14.80 43.28 -36.23
N LEU C 117 -13.60 42.72 -36.33
CA LEU C 117 -13.44 41.30 -36.64
C LEU C 117 -12.52 40.58 -35.66
N PRO C 118 -12.96 39.40 -35.16
CA PRO C 118 -12.16 38.64 -34.22
C PRO C 118 -10.91 38.12 -34.87
N ILE C 119 -10.00 37.63 -34.04
CA ILE C 119 -8.74 37.10 -34.52
C ILE C 119 -8.83 35.57 -34.60
N ASP C 120 -8.29 35.01 -35.67
CA ASP C 120 -8.30 33.56 -35.86
C ASP C 120 -7.73 32.81 -34.66
N ASP C 121 -6.69 33.35 -34.04
CA ASP C 121 -6.05 32.70 -32.89
C ASP C 121 -6.67 33.04 -31.53
N THR C 122 -7.94 33.42 -31.54
CA THR C 122 -8.66 33.76 -30.32
C THR C 122 -10.13 33.38 -30.44
N VAL C 123 -10.41 32.40 -31.29
CA VAL C 123 -11.79 31.97 -31.46
C VAL C 123 -11.86 30.51 -31.89
N GLU C 124 -10.72 29.86 -32.04
CA GLU C 124 -10.67 28.45 -32.43
C GLU C 124 -11.57 27.56 -31.57
N GLY C 125 -12.69 27.12 -32.12
CA GLY C 125 -13.59 26.27 -31.36
C GLY C 125 -15.00 26.80 -31.15
N ILE C 126 -15.11 28.08 -30.83
CA ILE C 126 -16.41 28.70 -30.61
C ILE C 126 -17.05 29.04 -31.94
N THR C 127 -18.36 29.10 -31.95
CA THR C 127 -19.06 29.41 -33.19
C THR C 127 -20.43 29.96 -32.87
N GLY C 128 -20.87 30.93 -33.68
CA GLY C 128 -22.18 31.49 -33.46
C GLY C 128 -22.24 32.99 -33.52
N ASN C 129 -23.27 33.53 -32.87
CA ASN C 129 -23.50 34.96 -32.82
C ASN C 129 -22.49 35.69 -31.95
N LEU C 130 -21.44 36.18 -32.59
CA LEU C 130 -20.41 36.91 -31.89
C LEU C 130 -20.93 38.31 -31.49
N PHE C 131 -21.87 38.85 -32.27
CA PHE C 131 -22.47 40.18 -32.02
C PHE C 131 -23.31 40.19 -30.76
N GLU C 132 -23.79 39.03 -30.34
CA GLU C 132 -24.61 38.95 -29.15
C GLU C 132 -23.80 38.49 -27.94
N VAL C 133 -22.78 37.67 -28.18
CA VAL C 133 -21.96 37.16 -27.08
C VAL C 133 -21.01 38.18 -26.50
N TYR C 134 -20.09 38.64 -27.33
CA TYR C 134 -19.06 39.57 -26.91
C TYR C 134 -19.29 41.05 -27.17
N LEU C 135 -19.65 41.41 -28.39
CA LEU C 135 -19.85 42.81 -28.71
C LEU C 135 -21.08 43.43 -28.04
N LYS C 136 -22.21 42.73 -28.06
CA LYS C 136 -23.42 43.26 -27.47
C LYS C 136 -23.22 43.67 -26.01
N PRO C 137 -22.83 42.73 -25.14
CA PRO C 137 -22.63 43.06 -23.72
C PRO C 137 -21.53 44.09 -23.47
N TYR C 138 -20.70 44.31 -24.49
CA TYR C 138 -19.60 45.26 -24.36
C TYR C 138 -20.06 46.70 -24.57
N PHE C 139 -20.65 46.95 -25.74
CA PHE C 139 -21.13 48.28 -26.06
C PHE C 139 -22.54 48.50 -25.48
N LEU C 140 -22.78 47.93 -24.29
CA LEU C 140 -24.09 48.08 -23.65
C LEU C 140 -24.23 49.51 -23.14
N GLU C 141 -24.63 50.41 -24.03
CA GLU C 141 -24.79 51.82 -23.69
C GLU C 141 -23.63 52.27 -22.84
N ALA C 142 -22.44 51.80 -23.18
CA ALA C 142 -21.26 52.18 -22.42
C ALA C 142 -20.63 53.41 -23.06
N TYR C 143 -20.98 53.66 -24.31
CA TYR C 143 -20.47 54.81 -25.07
C TYR C 143 -18.96 54.75 -25.23
N ARG C 144 -18.41 53.54 -25.16
CA ARG C 144 -16.97 53.33 -25.29
C ARG C 144 -16.50 53.91 -26.62
N PRO C 145 -15.64 54.95 -26.57
CA PRO C 145 -15.12 55.59 -27.78
C PRO C 145 -13.93 54.83 -28.40
N ILE C 146 -14.21 54.04 -29.43
CA ILE C 146 -13.16 53.27 -30.11
C ILE C 146 -12.47 54.09 -31.19
N ARG C 147 -11.70 53.42 -32.03
CA ARG C 147 -11.01 54.07 -33.12
C ARG C 147 -10.39 53.06 -34.07
N LYS C 148 -9.99 53.54 -35.24
CA LYS C 148 -9.37 52.70 -36.24
C LYS C 148 -8.04 52.29 -35.66
N GLY C 149 -7.80 50.98 -35.60
CA GLY C 149 -6.54 50.46 -35.09
C GLY C 149 -6.60 49.80 -33.72
N ASP C 150 -7.39 50.36 -32.82
CA ASP C 150 -7.50 49.79 -31.48
C ASP C 150 -7.78 48.31 -31.54
N ILE C 151 -7.51 47.62 -30.44
CA ILE C 151 -7.73 46.18 -30.38
C ILE C 151 -8.34 45.81 -29.02
N PHE C 152 -9.58 46.22 -28.77
CA PHE C 152 -10.25 45.93 -27.51
C PHE C 152 -10.44 44.44 -27.32
N LEU C 153 -10.40 44.01 -26.06
CA LEU C 153 -10.56 42.61 -25.71
C LEU C 153 -11.77 42.44 -24.82
N VAL C 154 -12.57 41.41 -25.08
CA VAL C 154 -13.76 41.16 -24.30
C VAL C 154 -13.76 39.75 -23.76
N ARG C 155 -13.99 39.63 -22.46
CA ARG C 155 -14.02 38.33 -21.80
C ARG C 155 -15.43 37.77 -21.62
N GLY C 156 -15.58 36.48 -21.89
CA GLY C 156 -16.85 35.80 -21.77
C GLY C 156 -16.69 34.39 -22.32
N GLY C 157 -17.66 33.54 -22.07
CA GLY C 157 -17.57 32.18 -22.57
C GLY C 157 -16.33 31.43 -22.13
N MET C 158 -15.86 31.71 -20.92
CA MET C 158 -14.68 31.05 -20.40
C MET C 158 -13.49 31.17 -21.36
N ARG C 159 -13.25 32.38 -21.85
CA ARG C 159 -12.12 32.59 -22.75
C ARG C 159 -11.96 34.06 -23.09
N ALA C 160 -10.92 34.36 -23.87
CA ALA C 160 -10.63 35.74 -24.25
C ALA C 160 -10.67 35.91 -25.76
N VAL C 161 -11.44 36.87 -26.23
CA VAL C 161 -11.53 37.12 -27.66
C VAL C 161 -11.06 38.53 -28.00
N GLU C 162 -10.04 38.62 -28.85
CA GLU C 162 -9.50 39.91 -29.24
C GLU C 162 -10.08 40.37 -30.58
N PHE C 163 -10.60 41.58 -30.59
CA PHE C 163 -11.18 42.15 -31.80
C PHE C 163 -10.32 43.27 -32.37
N LYS C 164 -10.52 43.56 -33.65
CA LYS C 164 -9.78 44.61 -34.34
C LYS C 164 -10.70 45.55 -35.08
N VAL C 165 -10.66 46.84 -34.73
CA VAL C 165 -11.49 47.83 -35.38
C VAL C 165 -10.89 48.11 -36.75
N VAL C 166 -11.35 47.39 -37.76
CA VAL C 166 -10.85 47.57 -39.12
C VAL C 166 -11.20 48.92 -39.72
N GLU C 167 -12.49 49.24 -39.80
CA GLU C 167 -12.91 50.52 -40.35
C GLU C 167 -14.26 50.99 -39.78
N THR C 168 -14.36 52.29 -39.48
CA THR C 168 -15.59 52.89 -38.93
C THR C 168 -15.97 54.13 -39.73
N ASP C 169 -17.26 54.26 -40.05
CA ASP C 169 -17.74 55.39 -40.81
C ASP C 169 -17.12 56.71 -40.32
N PRO C 170 -17.37 57.10 -39.06
CA PRO C 170 -16.77 58.36 -38.61
C PRO C 170 -15.28 58.23 -38.28
N SER C 171 -14.52 57.71 -39.23
CA SER C 171 -13.08 57.54 -39.03
C SER C 171 -12.43 58.89 -38.75
N PRO C 172 -11.34 58.86 -37.98
CA PRO C 172 -10.77 57.62 -37.42
C PRO C 172 -11.45 57.18 -36.13
N TYR C 173 -11.68 58.13 -35.24
CA TYR C 173 -12.30 57.84 -33.94
C TYR C 173 -13.74 58.31 -33.79
N CYS C 174 -14.62 57.39 -33.41
CA CYS C 174 -16.03 57.73 -33.23
C CYS C 174 -16.67 57.00 -32.06
N ILE C 175 -17.23 57.77 -31.12
CA ILE C 175 -17.88 57.20 -29.94
C ILE C 175 -18.99 56.23 -30.33
N VAL C 176 -19.18 55.20 -29.51
CA VAL C 176 -20.20 54.19 -29.77
C VAL C 176 -21.41 54.39 -28.87
N ALA C 177 -22.53 54.76 -29.49
CA ALA C 177 -23.77 54.98 -28.76
C ALA C 177 -24.74 53.86 -29.04
N PRO C 178 -25.77 53.69 -28.18
CA PRO C 178 -26.76 52.63 -28.35
C PRO C 178 -27.49 52.71 -29.70
N ASP C 179 -26.92 53.48 -30.62
CA ASP C 179 -27.51 53.63 -31.93
C ASP C 179 -26.51 53.19 -32.98
N THR C 180 -25.23 53.46 -32.72
CA THR C 180 -24.17 53.10 -33.64
C THR C 180 -24.32 51.66 -34.16
N VAL C 181 -24.28 51.51 -35.49
CA VAL C 181 -24.40 50.19 -36.12
C VAL C 181 -23.12 49.44 -36.04
N ILE C 182 -23.22 48.15 -35.76
CA ILE C 182 -22.04 47.35 -35.65
C ILE C 182 -22.07 46.22 -36.64
N HIS C 183 -20.94 46.06 -37.33
CA HIS C 183 -20.80 45.02 -38.32
C HIS C 183 -19.80 43.96 -37.91
N CYS C 184 -20.02 42.74 -38.40
CA CYS C 184 -19.14 41.62 -38.09
C CYS C 184 -19.15 40.66 -39.28
N GLU C 185 -18.36 41.01 -40.28
CA GLU C 185 -18.27 40.22 -41.50
C GLU C 185 -18.05 38.73 -41.22
N GLY C 186 -17.94 38.37 -39.95
CA GLY C 186 -17.75 36.98 -39.58
C GLY C 186 -16.55 36.36 -40.27
N GLU C 187 -15.43 37.08 -40.25
CA GLU C 187 -14.20 36.60 -40.86
C GLU C 187 -12.98 37.07 -40.07
N PRO C 188 -12.25 36.11 -39.48
CA PRO C 188 -11.04 36.32 -38.68
C PRO C 188 -9.99 37.14 -39.38
N ILE C 189 -8.90 37.43 -38.68
CA ILE C 189 -7.80 38.22 -39.26
C ILE C 189 -6.44 37.78 -38.71
N LYS C 190 -5.49 37.54 -39.61
CA LYS C 190 -4.14 37.13 -39.21
C LYS C 190 -3.50 38.19 -38.31
N ARG C 191 -3.11 37.78 -37.11
CA ARG C 191 -2.48 38.69 -36.15
C ARG C 191 -1.23 39.36 -36.71
N GLU C 192 -1.16 40.68 -36.58
CA GLU C 192 0.00 41.44 -37.07
C GLU C 192 1.21 41.15 -36.18
N ASP C 193 2.34 41.76 -36.52
CA ASP C 193 3.56 41.57 -35.75
C ASP C 193 3.61 42.56 -34.59
N GLU C 194 3.58 43.86 -34.90
CA GLU C 194 3.61 44.92 -33.89
C GLU C 194 2.54 44.71 -32.83
N GLU C 195 1.58 43.84 -33.11
CA GLU C 195 0.48 43.57 -32.20
C GLU C 195 0.68 42.26 -31.41
N GLU C 196 1.04 42.40 -30.14
CA GLU C 196 1.25 41.25 -29.28
C GLU C 196 -0.09 40.70 -28.84
N SER C 197 -0.12 39.38 -28.64
CA SER C 197 -1.36 38.75 -28.21
C SER C 197 -1.65 39.09 -26.76
N LEU C 198 -2.76 39.76 -26.53
CA LEU C 198 -3.16 40.13 -25.18
C LEU C 198 -3.37 38.87 -24.35
N ASN C 199 -3.20 37.71 -24.97
CA ASN C 199 -3.37 36.47 -24.26
C ASN C 199 -2.04 36.09 -23.61
N GLU C 200 -1.00 36.90 -23.87
CA GLU C 200 0.32 36.67 -23.30
C GLU C 200 0.32 36.97 -21.83
N VAL C 201 1.46 36.77 -21.19
CA VAL C 201 1.53 37.00 -19.75
C VAL C 201 1.91 38.42 -19.39
N GLY C 202 1.57 38.82 -18.17
CA GLY C 202 1.90 40.17 -17.70
C GLY C 202 1.61 40.33 -16.22
N TYR C 203 1.80 41.55 -15.71
CA TYR C 203 1.55 41.77 -14.29
C TYR C 203 0.08 41.63 -13.92
N ASP C 204 -0.81 42.04 -14.82
CA ASP C 204 -2.24 41.95 -14.56
C ASP C 204 -2.71 40.51 -14.38
N ASP C 205 -1.74 39.60 -14.24
CA ASP C 205 -2.01 38.18 -14.04
C ASP C 205 -1.17 37.64 -12.88
N ILE C 206 -0.87 38.48 -11.92
CA ILE C 206 -0.09 38.05 -10.76
C ILE C 206 -0.74 38.47 -9.46
N GLY C 207 -1.00 37.53 -8.58
CA GLY C 207 -1.63 37.89 -7.33
C GLY C 207 -0.77 37.67 -6.11
N GLY C 208 -0.95 38.52 -5.10
CA GLY C 208 -0.21 38.42 -3.85
C GLY C 208 1.29 38.68 -3.90
N CYS C 209 1.68 39.77 -4.55
CA CYS C 209 3.10 40.06 -4.66
C CYS C 209 3.40 41.53 -4.68
N ARG C 210 2.99 42.21 -3.62
CA ARG C 210 3.25 43.61 -3.51
C ARG C 210 4.75 43.76 -3.26
N LYS C 211 5.21 43.22 -2.13
CA LYS C 211 6.63 43.28 -1.75
C LYS C 211 7.46 42.57 -2.79
N GLN C 212 6.83 41.63 -3.48
CA GLN C 212 7.51 40.83 -4.47
C GLN C 212 7.89 41.56 -5.74
N LEU C 213 6.90 42.02 -6.50
CA LEU C 213 7.16 42.72 -7.75
C LEU C 213 8.19 43.82 -7.58
N ALA C 214 7.98 44.65 -6.57
CA ALA C 214 8.88 45.74 -6.27
C ALA C 214 10.32 45.28 -6.45
N GLN C 215 10.66 44.22 -5.73
CA GLN C 215 11.99 43.64 -5.75
C GLN C 215 12.53 43.56 -7.17
N ILE C 216 11.98 42.64 -7.97
CA ILE C 216 12.45 42.46 -9.33
C ILE C 216 12.32 43.68 -10.24
N LYS C 217 11.15 44.29 -10.25
CA LYS C 217 10.89 45.45 -11.10
C LYS C 217 12.05 46.45 -11.22
N GLU C 218 12.35 47.12 -10.12
CA GLU C 218 13.42 48.11 -10.13
C GLU C 218 14.81 47.54 -10.38
N MET C 219 14.96 46.22 -10.26
CA MET C 219 16.26 45.60 -10.49
C MET C 219 16.58 45.46 -11.96
N VAL C 220 15.57 45.57 -12.79
CA VAL C 220 15.79 45.43 -14.22
C VAL C 220 15.32 46.67 -14.96
N GLU C 221 14.82 47.64 -14.21
CA GLU C 221 14.33 48.88 -14.79
C GLU C 221 15.37 49.57 -15.65
N LEU C 222 16.63 49.44 -15.28
CA LEU C 222 17.69 50.09 -16.04
C LEU C 222 18.48 49.16 -16.96
N PRO C 223 18.90 48.00 -16.46
CA PRO C 223 19.67 47.09 -17.31
C PRO C 223 18.83 46.42 -18.40
N LEU C 224 17.53 46.62 -18.33
CA LEU C 224 16.65 46.01 -19.31
C LEU C 224 15.81 47.04 -20.04
N ARG C 225 15.72 48.26 -19.50
CA ARG C 225 14.93 49.31 -20.13
C ARG C 225 15.79 50.34 -20.83
N HIS C 226 16.91 50.71 -20.22
CA HIS C 226 17.80 51.70 -20.77
C HIS C 226 19.20 51.13 -20.98
N PRO C 227 19.32 50.10 -21.85
CA PRO C 227 20.62 49.48 -22.11
C PRO C 227 21.66 50.53 -22.42
N ALA C 228 21.21 51.73 -22.74
CA ALA C 228 22.12 52.81 -23.06
C ALA C 228 22.71 53.44 -21.80
N LEU C 229 21.94 53.43 -20.70
CA LEU C 229 22.42 54.03 -19.46
C LEU C 229 23.75 53.45 -18.95
N PHE C 230 23.93 52.15 -19.15
CA PHE C 230 25.14 51.49 -18.71
C PHE C 230 26.25 51.57 -19.77
N LYS C 231 25.89 52.09 -20.95
CA LYS C 231 26.87 52.27 -22.03
C LYS C 231 27.93 53.24 -21.51
N ALA C 232 27.48 54.17 -20.68
CA ALA C 232 28.36 55.19 -20.10
C ALA C 232 28.13 55.35 -18.60
N ILE C 233 28.79 54.51 -17.81
CA ILE C 233 28.66 54.56 -16.37
C ILE C 233 29.44 53.38 -15.79
N GLY C 234 29.99 53.56 -14.59
CA GLY C 234 30.77 52.50 -13.97
C GLY C 234 29.95 51.67 -12.99
N VAL C 235 28.63 51.69 -13.15
CA VAL C 235 27.72 50.92 -12.30
C VAL C 235 27.66 49.47 -12.73
N LYS C 236 27.40 48.58 -11.79
CA LYS C 236 27.30 47.15 -12.07
C LYS C 236 25.88 46.76 -12.44
N PRO C 237 25.68 46.24 -13.68
CA PRO C 237 24.34 45.84 -14.09
C PRO C 237 23.99 44.52 -13.42
N PRO C 238 23.23 44.59 -12.33
CA PRO C 238 22.87 43.35 -11.64
C PRO C 238 22.43 42.29 -12.66
N ARG C 239 23.23 41.24 -12.81
CA ARG C 239 22.94 40.20 -13.78
C ARG C 239 22.30 38.94 -13.22
N GLY C 240 22.62 38.60 -12.00
CA GLY C 240 22.06 37.39 -11.42
C GLY C 240 20.87 37.61 -10.51
N ILE C 241 19.84 36.79 -10.72
CA ILE C 241 18.62 36.84 -9.91
C ILE C 241 18.15 35.42 -9.58
N LEU C 242 17.81 35.17 -8.33
CA LEU C 242 17.35 33.85 -7.90
C LEU C 242 15.95 33.93 -7.30
N LEU C 243 15.13 32.90 -7.50
CA LEU C 243 13.77 32.88 -6.96
C LEU C 243 13.46 31.64 -6.11
N TYR C 244 13.33 31.81 -4.80
CA TYR C 244 13.03 30.70 -3.91
C TYR C 244 11.53 30.50 -3.86
N GLY C 245 11.09 29.52 -3.08
CA GLY C 245 9.67 29.27 -2.96
C GLY C 245 9.31 27.84 -3.31
N PRO C 246 8.17 27.34 -2.81
CA PRO C 246 7.72 25.98 -3.08
C PRO C 246 7.11 25.87 -4.47
N PRO C 247 7.54 24.88 -5.25
CA PRO C 247 7.00 24.71 -6.60
C PRO C 247 5.49 24.91 -6.64
N GLY C 248 5.05 25.73 -7.59
CA GLY C 248 3.63 26.00 -7.73
C GLY C 248 3.34 27.46 -7.44
N THR C 249 4.26 28.09 -6.72
CA THR C 249 4.11 29.49 -6.36
C THR C 249 4.18 30.33 -7.63
N GLY C 250 4.16 29.68 -8.79
CA GLY C 250 4.21 30.40 -10.06
C GLY C 250 5.49 31.17 -10.30
N LYS C 251 6.64 30.56 -10.01
CA LYS C 251 7.91 31.25 -10.21
C LYS C 251 8.08 31.68 -11.66
N THR C 252 8.11 30.69 -12.53
CA THR C 252 8.28 30.92 -13.96
C THR C 252 7.38 32.05 -14.45
N LEU C 253 6.12 32.00 -14.05
CA LEU C 253 5.12 32.99 -14.46
C LEU C 253 5.68 34.40 -14.39
N ILE C 254 6.27 34.73 -13.25
CA ILE C 254 6.84 36.04 -13.05
C ILE C 254 7.83 36.37 -14.16
N ALA C 255 8.90 35.58 -14.21
CA ALA C 255 9.97 35.75 -15.19
C ALA C 255 9.42 36.17 -16.54
N ARG C 256 8.58 35.31 -17.10
CA ARG C 256 7.99 35.59 -18.40
C ARG C 256 7.32 36.95 -18.37
N ALA C 257 6.48 37.20 -17.37
CA ALA C 257 5.76 38.47 -17.28
C ALA C 257 6.68 39.67 -17.39
N VAL C 258 7.80 39.61 -16.69
CA VAL C 258 8.75 40.70 -16.71
C VAL C 258 9.20 41.02 -18.13
N ALA C 259 9.59 39.98 -18.86
CA ALA C 259 10.04 40.16 -20.22
C ALA C 259 8.94 40.76 -21.09
N ASN C 260 7.81 40.06 -21.18
CA ASN C 260 6.69 40.52 -21.99
C ASN C 260 6.22 41.92 -21.55
N GLU C 261 6.80 42.44 -20.46
CA GLU C 261 6.40 43.76 -19.96
C GLU C 261 7.31 44.86 -20.44
N THR C 262 8.58 44.52 -20.61
CA THR C 262 9.57 45.45 -21.07
C THR C 262 9.78 45.24 -22.55
N GLY C 263 9.51 44.02 -23.00
CA GLY C 263 9.66 43.68 -24.40
C GLY C 263 10.96 42.95 -24.71
N ALA C 264 11.67 42.53 -23.67
CA ALA C 264 12.93 41.84 -23.85
C ALA C 264 12.71 40.41 -24.29
N PHE C 265 13.63 39.90 -25.10
CA PHE C 265 13.55 38.52 -25.58
C PHE C 265 13.44 37.60 -24.36
N PHE C 266 12.90 36.40 -24.56
CA PHE C 266 12.75 35.43 -23.47
C PHE C 266 13.12 34.03 -23.93
N PHE C 267 14.18 33.50 -23.33
CA PHE C 267 14.65 32.18 -23.65
C PHE C 267 14.44 31.30 -22.42
N LEU C 268 13.60 30.28 -22.58
CA LEU C 268 13.26 29.39 -21.48
C LEU C 268 14.07 28.09 -21.47
N ILE C 269 14.43 27.61 -20.28
CA ILE C 269 15.18 26.37 -20.14
C ILE C 269 14.57 25.47 -19.06
N ASN C 270 14.34 24.19 -19.36
CA ASN C 270 13.75 23.27 -18.38
C ASN C 270 14.79 22.41 -17.71
N GLY C 271 14.61 22.26 -16.40
CA GLY C 271 15.56 21.50 -15.61
C GLY C 271 16.07 20.22 -16.21
N PRO C 272 15.20 19.24 -16.38
CA PRO C 272 15.66 17.99 -16.95
C PRO C 272 15.86 18.10 -18.46
N GLU C 273 15.31 19.17 -19.05
CA GLU C 273 15.43 19.40 -20.47
C GLU C 273 16.88 19.36 -20.94
N ILE C 274 17.78 19.90 -20.13
CA ILE C 274 19.20 19.94 -20.47
C ILE C 274 19.96 18.74 -19.95
N MET C 275 19.26 17.88 -19.22
CA MET C 275 19.89 16.68 -18.67
C MET C 275 19.56 15.48 -19.55
N SER C 276 18.39 15.54 -20.19
CA SER C 276 17.96 14.46 -21.07
C SER C 276 18.92 14.34 -22.24
N LYS C 277 19.18 15.48 -22.89
CA LYS C 277 20.07 15.53 -24.05
C LYS C 277 21.36 14.76 -23.77
N LEU C 278 21.89 14.14 -24.82
CA LEU C 278 23.12 13.37 -24.71
C LEU C 278 24.17 14.18 -23.96
N ALA C 279 25.00 13.50 -23.17
CA ALA C 279 26.05 14.17 -22.41
C ALA C 279 26.92 14.97 -23.38
N GLY C 280 27.70 15.90 -22.84
CA GLY C 280 28.55 16.72 -23.69
C GLY C 280 27.75 17.74 -24.46
N GLU C 281 26.68 17.29 -25.10
CA GLU C 281 25.83 18.19 -25.88
C GLU C 281 25.15 19.18 -24.95
N SER C 282 25.02 18.77 -23.69
CA SER C 282 24.40 19.63 -22.68
C SER C 282 25.17 20.95 -22.60
N GLU C 283 26.48 20.88 -22.81
CA GLU C 283 27.33 22.06 -22.76
C GLU C 283 27.12 22.90 -24.01
N SER C 284 26.79 22.23 -25.12
CA SER C 284 26.55 22.92 -26.38
C SER C 284 25.14 23.49 -26.35
N ASN C 285 24.21 22.75 -25.74
CA ASN C 285 22.83 23.21 -25.63
C ASN C 285 22.84 24.57 -24.97
N LEU C 286 23.55 24.66 -23.85
CA LEU C 286 23.65 25.91 -23.14
C LEU C 286 24.50 26.83 -23.99
N ARG C 287 25.55 26.26 -24.57
CA ARG C 287 26.46 27.01 -25.41
C ARG C 287 25.67 27.83 -26.43
N LYS C 288 24.72 27.19 -27.11
CA LYS C 288 23.88 27.86 -28.11
C LYS C 288 22.78 28.65 -27.43
N ALA C 289 22.41 28.20 -26.23
CA ALA C 289 21.37 28.85 -25.45
C ALA C 289 21.72 30.30 -25.19
N PHE C 290 22.68 30.50 -24.29
CA PHE C 290 23.12 31.83 -23.95
C PHE C 290 23.58 32.50 -25.24
N GLU C 291 23.91 31.70 -26.26
CA GLU C 291 24.37 32.27 -27.51
C GLU C 291 23.22 32.89 -28.28
N GLU C 292 22.24 32.06 -28.62
CA GLU C 292 21.11 32.53 -29.36
C GLU C 292 20.25 33.50 -28.57
N ALA C 293 20.44 33.51 -27.26
CA ALA C 293 19.67 34.39 -26.42
C ALA C 293 20.33 35.77 -26.34
N GLU C 294 21.64 35.83 -26.50
CA GLU C 294 22.35 37.10 -26.44
C GLU C 294 22.19 37.88 -27.73
N LYS C 295 21.82 37.20 -28.81
CA LYS C 295 21.61 37.86 -30.10
C LYS C 295 20.48 38.86 -29.99
N ASN C 296 19.37 38.42 -29.39
CA ASN C 296 18.19 39.25 -29.23
C ASN C 296 18.24 40.14 -27.99
N ALA C 297 19.39 40.17 -27.32
CA ALA C 297 19.56 41.00 -26.13
C ALA C 297 19.22 42.45 -26.43
N PRO C 298 18.74 43.21 -25.44
CA PRO C 298 18.51 42.80 -24.06
C PRO C 298 17.57 41.61 -24.01
N ALA C 299 17.91 40.64 -23.16
CA ALA C 299 17.10 39.44 -23.02
C ALA C 299 16.96 39.00 -21.57
N ILE C 300 16.25 37.90 -21.38
CA ILE C 300 16.00 37.34 -20.07
C ILE C 300 16.04 35.81 -20.14
N ILE C 301 17.21 35.23 -19.91
CA ILE C 301 17.38 33.77 -19.92
C ILE C 301 16.86 33.20 -18.61
N PHE C 302 15.73 32.53 -18.68
CA PHE C 302 15.14 31.95 -17.47
C PHE C 302 15.34 30.45 -17.43
N ILE C 303 15.61 29.93 -16.25
CA ILE C 303 15.80 28.50 -16.12
C ILE C 303 14.92 27.90 -15.04
N ASP C 304 13.90 27.19 -15.50
CA ASP C 304 12.95 26.52 -14.64
C ASP C 304 13.73 25.39 -13.96
N GLU C 305 13.50 25.21 -12.66
CA GLU C 305 14.13 24.15 -11.88
C GLU C 305 15.66 24.09 -11.88
N LEU C 306 16.31 25.13 -11.40
CA LEU C 306 17.78 25.13 -11.37
C LEU C 306 18.39 23.97 -10.59
N ASP C 307 17.88 23.72 -9.39
CA ASP C 307 18.42 22.65 -8.57
C ASP C 307 18.50 21.30 -9.29
N ALA C 308 17.82 21.19 -10.42
CA ALA C 308 17.83 19.94 -11.17
C ALA C 308 19.20 19.71 -11.77
N ILE C 309 19.91 20.80 -12.05
CA ILE C 309 21.23 20.71 -12.65
C ILE C 309 22.37 21.31 -11.83
N ALA C 310 22.06 22.28 -10.98
CA ALA C 310 23.09 22.92 -10.15
C ALA C 310 23.27 22.37 -8.74
N PRO C 311 22.90 21.10 -8.51
CA PRO C 311 23.10 20.61 -7.15
C PRO C 311 24.55 20.24 -6.96
N LYS C 312 25.44 21.22 -7.06
CA LYS C 312 26.87 20.97 -6.88
C LYS C 312 27.08 20.80 -5.39
N ARG C 313 25.97 20.79 -4.64
CA ARG C 313 26.04 20.64 -3.19
C ARG C 313 26.82 19.39 -2.79
N GLU C 314 26.19 18.23 -2.96
CA GLU C 314 26.83 16.97 -2.60
C GLU C 314 26.62 15.88 -3.64
N LYS C 315 25.40 15.81 -4.20
CA LYS C 315 25.02 14.81 -5.20
C LYS C 315 25.74 15.00 -6.52
N THR C 316 27.06 14.92 -6.46
CA THR C 316 27.88 15.06 -7.63
C THR C 316 28.70 13.77 -7.80
N HIS C 317 28.01 12.65 -8.11
CA HIS C 317 28.67 11.34 -8.29
C HIS C 317 29.14 11.03 -9.72
N GLY C 318 29.06 12.01 -10.63
CA GLY C 318 29.50 11.77 -12.00
C GLY C 318 30.20 12.95 -12.68
N GLU C 319 31.04 12.65 -13.68
CA GLU C 319 31.76 13.70 -14.42
C GLU C 319 30.74 14.55 -15.16
N VAL C 320 29.93 13.90 -16.00
CA VAL C 320 28.91 14.60 -16.78
C VAL C 320 28.10 15.46 -15.84
N GLU C 321 27.72 14.89 -14.70
CA GLU C 321 26.97 15.62 -13.72
C GLU C 321 27.72 16.91 -13.36
N ARG C 322 29.03 16.80 -13.17
CA ARG C 322 29.85 17.96 -12.80
C ARG C 322 30.13 18.87 -13.99
N ARG C 323 30.53 18.26 -15.10
CA ARG C 323 30.86 19.03 -16.29
C ARG C 323 29.77 20.02 -16.70
N ILE C 324 28.51 19.61 -16.57
CA ILE C 324 27.41 20.48 -16.93
C ILE C 324 27.45 21.74 -16.08
N VAL C 325 27.56 21.53 -14.77
CA VAL C 325 27.61 22.64 -13.82
C VAL C 325 28.63 23.68 -14.21
N SER C 326 29.84 23.23 -14.50
CA SER C 326 30.90 24.13 -14.89
C SER C 326 30.48 25.01 -16.06
N GLN C 327 29.99 24.40 -17.13
CA GLN C 327 29.56 25.14 -18.30
C GLN C 327 28.79 26.40 -17.91
N LEU C 328 27.80 26.27 -17.03
CA LEU C 328 27.03 27.43 -16.61
C LEU C 328 27.89 28.35 -15.76
N LEU C 329 28.45 27.78 -14.71
CA LEU C 329 29.29 28.54 -13.81
C LEU C 329 30.12 29.56 -14.61
N THR C 330 30.56 29.16 -15.80
CA THR C 330 31.39 30.05 -16.63
C THR C 330 30.56 31.05 -17.44
N LEU C 331 29.59 30.54 -18.19
CA LEU C 331 28.75 31.40 -19.01
C LEU C 331 28.19 32.53 -18.18
N MET C 332 28.03 32.29 -16.88
CA MET C 332 27.53 33.32 -15.99
C MET C 332 28.55 34.43 -15.87
N ASP C 333 29.80 34.09 -15.60
CA ASP C 333 30.83 35.11 -15.48
C ASP C 333 31.13 35.67 -16.87
N GLY C 334 30.29 35.28 -17.82
CA GLY C 334 30.43 35.76 -19.18
C GLY C 334 29.28 36.71 -19.48
N LEU C 335 28.52 37.04 -18.43
CA LEU C 335 27.41 37.96 -18.59
C LEU C 335 27.93 39.39 -18.49
N LYS C 336 29.25 39.50 -18.34
CA LYS C 336 29.87 40.82 -18.27
C LYS C 336 30.15 41.20 -19.72
N GLN C 337 29.61 40.40 -20.64
CA GLN C 337 29.75 40.68 -22.05
C GLN C 337 28.82 41.87 -22.11
N ARG C 338 29.19 42.91 -22.86
CA ARG C 338 28.38 44.13 -22.94
C ARG C 338 27.04 44.02 -23.66
N ALA C 339 26.29 42.96 -23.37
CA ALA C 339 24.99 42.79 -24.01
C ALA C 339 23.79 43.08 -23.10
N HIS C 340 24.05 43.25 -21.81
CA HIS C 340 22.98 43.53 -20.86
C HIS C 340 21.85 42.52 -20.87
N VAL C 341 22.16 41.30 -20.45
CA VAL C 341 21.18 40.23 -20.37
C VAL C 341 21.04 39.84 -18.91
N ILE C 342 19.86 39.39 -18.53
CA ILE C 342 19.59 39.03 -17.16
C ILE C 342 19.27 37.54 -17.01
N VAL C 343 20.05 36.83 -16.21
CA VAL C 343 19.82 35.40 -16.01
C VAL C 343 18.96 35.12 -14.77
N MET C 344 17.76 34.57 -14.97
CA MET C 344 16.86 34.26 -13.87
C MET C 344 16.76 32.77 -13.58
N ALA C 345 17.03 32.41 -12.33
CA ALA C 345 16.98 31.03 -11.91
C ALA C 345 16.02 30.87 -10.74
N ALA C 346 15.08 29.95 -10.86
CA ALA C 346 14.14 29.72 -9.79
C ALA C 346 14.41 28.31 -9.26
N THR C 347 14.08 28.07 -7.99
CA THR C 347 14.28 26.76 -7.37
C THR C 347 13.43 26.49 -6.14
N ASN C 348 13.53 25.27 -5.64
CA ASN C 348 12.79 24.84 -4.48
C ASN C 348 13.30 25.53 -3.24
N ARG C 349 14.61 25.45 -3.01
CA ARG C 349 15.18 26.07 -1.84
C ARG C 349 16.65 26.41 -1.97
N PRO C 350 17.16 27.30 -1.11
CA PRO C 350 18.56 27.73 -1.12
C PRO C 350 19.55 26.62 -0.79
N ASN C 351 19.07 25.52 -0.21
CA ASN C 351 19.97 24.43 0.16
C ASN C 351 20.20 23.45 -0.99
N SER C 352 19.23 23.35 -1.88
CA SER C 352 19.32 22.45 -3.01
C SER C 352 20.49 22.85 -3.91
N ILE C 353 20.56 24.14 -4.25
CA ILE C 353 21.61 24.66 -5.11
C ILE C 353 22.99 24.43 -4.52
N ASP C 354 23.99 25.11 -5.10
CA ASP C 354 25.38 25.05 -4.65
C ASP C 354 25.98 26.46 -4.57
N PRO C 355 26.57 26.82 -3.42
CA PRO C 355 27.18 28.15 -3.21
C PRO C 355 28.06 28.65 -4.34
N ALA C 356 28.46 27.76 -5.24
CA ALA C 356 29.30 28.14 -6.36
C ALA C 356 28.64 29.23 -7.21
N LEU C 357 27.33 29.35 -7.11
CA LEU C 357 26.60 30.36 -7.89
C LEU C 357 26.30 31.61 -7.06
N ARG C 358 26.76 31.61 -5.81
CA ARG C 358 26.54 32.76 -4.95
C ARG C 358 27.67 33.76 -5.13
N ARG C 359 28.53 33.49 -6.12
CA ARG C 359 29.64 34.39 -6.42
C ARG C 359 29.01 35.73 -6.72
N PHE C 360 29.50 36.75 -6.04
CA PHE C 360 28.97 38.09 -6.20
C PHE C 360 28.99 38.63 -7.62
N GLY C 361 29.19 37.76 -8.60
CA GLY C 361 29.20 38.20 -9.98
C GLY C 361 28.13 37.47 -10.76
N ARG C 362 27.70 36.34 -10.24
CA ARG C 362 26.71 35.53 -10.94
C ARG C 362 25.28 35.69 -10.46
N PHE C 363 24.91 34.99 -9.40
CA PHE C 363 23.55 35.08 -8.85
C PHE C 363 23.65 35.80 -7.52
N ASP C 364 24.20 37.00 -7.56
CA ASP C 364 24.38 37.81 -6.35
C ASP C 364 23.10 38.29 -5.67
N ARG C 365 22.04 38.46 -6.45
CA ARG C 365 20.78 38.92 -5.89
C ARG C 365 19.83 37.74 -5.66
N GLU C 366 19.02 37.83 -4.61
CA GLU C 366 18.07 36.77 -4.24
C GLU C 366 16.73 37.34 -3.79
N VAL C 367 15.66 36.61 -4.07
CA VAL C 367 14.32 37.03 -3.68
C VAL C 367 13.43 35.84 -3.43
N ASP C 368 12.84 35.80 -2.24
CA ASP C 368 11.97 34.70 -1.85
C ASP C 368 10.57 34.94 -2.42
N ILE C 369 9.86 33.85 -2.69
CA ILE C 369 8.52 33.90 -3.23
C ILE C 369 7.56 33.17 -2.29
N GLY C 370 7.36 33.74 -1.10
CA GLY C 370 6.48 33.12 -0.14
C GLY C 370 5.17 32.68 -0.76
N ILE C 371 4.52 31.73 -0.12
CA ILE C 371 3.24 31.20 -0.59
C ILE C 371 2.15 32.26 -0.45
N PRO C 372 1.07 32.14 -1.23
CA PRO C 372 -0.02 33.10 -1.17
C PRO C 372 -0.62 33.24 0.23
N ASP C 373 -1.08 34.44 0.59
CA ASP C 373 -1.69 34.70 1.90
C ASP C 373 -3.16 35.09 1.81
N ALA C 374 -3.65 35.76 2.85
CA ALA C 374 -5.04 36.18 2.91
C ALA C 374 -5.51 37.00 1.70
N THR C 375 -4.96 38.19 1.55
CA THR C 375 -5.34 39.05 0.43
C THR C 375 -4.85 38.49 -0.89
N GLY C 376 -3.73 37.78 -0.84
CA GLY C 376 -3.20 37.24 -2.06
C GLY C 376 -4.13 36.26 -2.76
N ARG C 377 -4.32 35.11 -2.14
CA ARG C 377 -5.18 34.07 -2.70
C ARG C 377 -6.45 34.63 -3.32
N LEU C 378 -7.25 35.29 -2.50
CA LEU C 378 -8.50 35.88 -2.96
C LEU C 378 -8.29 36.57 -4.29
N GLU C 379 -7.30 37.44 -4.34
CA GLU C 379 -7.00 38.19 -5.55
C GLU C 379 -6.62 37.26 -6.70
N ILE C 380 -5.90 36.20 -6.37
CA ILE C 380 -5.47 35.24 -7.36
C ILE C 380 -6.66 34.69 -8.13
N LEU C 381 -7.61 34.15 -7.39
CA LEU C 381 -8.81 33.59 -8.00
C LEU C 381 -9.45 34.54 -9.01
N GLN C 382 -9.47 35.82 -8.67
CA GLN C 382 -10.06 36.81 -9.55
C GLN C 382 -9.35 36.81 -10.87
N ILE C 383 -8.22 36.12 -10.93
CA ILE C 383 -7.46 36.09 -12.14
C ILE C 383 -7.76 34.87 -12.97
N HIS C 384 -8.29 33.82 -12.37
CA HIS C 384 -8.64 32.61 -13.12
C HIS C 384 -10.15 32.40 -13.25
N THR C 385 -10.94 33.29 -12.68
CA THR C 385 -12.38 33.17 -12.77
C THR C 385 -12.89 34.39 -13.50
N LYS C 386 -11.95 35.15 -14.06
CA LYS C 386 -12.28 36.37 -14.80
C LYS C 386 -12.78 36.09 -16.20
N ASN C 387 -13.27 34.87 -16.45
CA ASN C 387 -13.77 34.52 -17.78
C ASN C 387 -15.05 33.68 -17.69
N MET C 388 -15.29 33.10 -16.54
CA MET C 388 -16.47 32.29 -16.33
C MET C 388 -17.53 33.02 -15.50
N LYS C 389 -18.74 33.06 -16.03
CA LYS C 389 -19.87 33.71 -15.36
C LYS C 389 -20.10 33.06 -14.01
N LEU C 390 -19.96 33.82 -12.94
CA LEU C 390 -20.15 33.32 -11.58
C LEU C 390 -21.45 33.84 -10.99
N ALA C 391 -22.33 32.94 -10.53
CA ALA C 391 -23.60 33.38 -9.95
C ALA C 391 -23.38 34.27 -8.73
N ASP C 392 -24.42 34.99 -8.32
CA ASP C 392 -24.33 35.89 -7.18
C ASP C 392 -23.97 35.16 -5.89
N ASP C 393 -24.48 33.94 -5.74
CA ASP C 393 -24.21 33.15 -4.54
C ASP C 393 -22.74 32.76 -4.45
N VAL C 394 -22.00 32.96 -5.53
CA VAL C 394 -20.57 32.65 -5.54
C VAL C 394 -19.84 33.57 -4.56
N ASP C 395 -19.39 33.00 -3.45
CA ASP C 395 -18.67 33.77 -2.44
C ASP C 395 -17.16 33.57 -2.62
N LEU C 396 -16.61 34.18 -3.67
CA LEU C 396 -15.19 34.06 -3.94
C LEU C 396 -14.30 34.27 -2.71
N GLU C 397 -14.69 35.19 -1.85
CA GLU C 397 -13.93 35.46 -0.64
C GLU C 397 -13.72 34.21 0.20
N GLN C 398 -14.83 33.58 0.58
CA GLN C 398 -14.80 32.36 1.37
C GLN C 398 -13.65 31.43 0.99
N VAL C 399 -13.37 31.34 -0.31
CA VAL C 399 -12.31 30.44 -0.79
C VAL C 399 -10.99 30.69 -0.10
N ALA C 400 -10.39 31.82 -0.45
CA ALA C 400 -9.11 32.21 0.10
C ALA C 400 -9.19 32.27 1.61
N ASN C 401 -10.38 32.04 2.16
CA ASN C 401 -10.55 32.08 3.60
C ASN C 401 -10.47 30.70 4.24
N GLU C 402 -10.28 29.67 3.44
CA GLU C 402 -10.18 28.31 3.98
C GLU C 402 -8.99 27.54 3.45
N THR C 403 -8.37 28.05 2.39
CA THR C 403 -7.19 27.39 1.82
C THR C 403 -5.98 27.88 2.62
N HIS C 404 -5.65 27.16 3.69
CA HIS C 404 -4.55 27.54 4.58
C HIS C 404 -3.15 27.49 4.00
N GLY C 405 -2.74 26.35 3.42
CA GLY C 405 -1.40 26.27 2.85
C GLY C 405 -1.37 26.11 1.35
N HIS C 406 -2.20 26.90 0.64
CA HIS C 406 -2.29 26.85 -0.84
C HIS C 406 -1.37 27.81 -1.59
N VAL C 407 -1.01 27.37 -2.80
CA VAL C 407 -0.16 28.17 -3.68
C VAL C 407 -0.89 28.55 -4.96
N GLY C 408 -0.34 29.54 -5.67
CA GLY C 408 -0.95 30.01 -6.90
C GLY C 408 -1.29 28.87 -7.84
N ALA C 409 -0.55 27.78 -7.72
CA ALA C 409 -0.79 26.61 -8.55
C ALA C 409 -1.98 25.83 -8.01
N ASP C 410 -1.94 25.52 -6.72
CA ASP C 410 -3.04 24.79 -6.12
C ASP C 410 -4.36 25.44 -6.48
N LEU C 411 -4.51 26.71 -6.13
CA LEU C 411 -5.74 27.40 -6.41
C LEU C 411 -6.10 27.38 -7.89
N ALA C 412 -5.11 27.10 -8.73
CA ALA C 412 -5.33 27.07 -10.19
C ALA C 412 -6.35 26.03 -10.60
N ALA C 413 -5.92 24.77 -10.67
CA ALA C 413 -6.84 23.70 -11.06
C ALA C 413 -8.12 23.77 -10.23
N LEU C 414 -8.08 24.44 -9.08
CA LEU C 414 -9.25 24.55 -8.21
C LEU C 414 -10.40 25.05 -9.07
N CYS C 415 -10.14 26.11 -9.81
CA CYS C 415 -11.16 26.64 -10.69
C CYS C 415 -11.42 25.59 -11.76
N SER C 416 -10.32 25.06 -12.29
CA SER C 416 -10.40 24.04 -13.32
C SER C 416 -11.47 23.01 -13.01
N GLU C 417 -11.32 22.35 -11.87
CA GLU C 417 -12.28 21.34 -11.48
C GLU C 417 -13.63 21.97 -11.20
N ALA C 418 -13.62 23.14 -10.57
CA ALA C 418 -14.85 23.83 -10.23
C ALA C 418 -15.74 24.07 -11.45
N ALA C 419 -15.16 24.65 -12.49
CA ALA C 419 -15.93 24.92 -13.69
C ALA C 419 -16.39 23.62 -14.29
N LEU C 420 -15.48 22.66 -14.41
CA LEU C 420 -15.82 21.36 -14.99
C LEU C 420 -17.01 20.73 -14.25
N GLN C 421 -17.23 21.13 -13.00
CA GLN C 421 -18.33 20.59 -12.23
C GLN C 421 -19.63 21.17 -12.76
N ALA C 422 -19.66 22.49 -12.91
CA ALA C 422 -20.85 23.17 -13.41
C ALA C 422 -21.04 22.80 -14.87
N ILE C 423 -20.01 22.18 -15.44
CA ILE C 423 -20.03 21.77 -16.84
C ILE C 423 -20.65 20.39 -17.03
N ARG C 424 -20.07 19.37 -16.39
CA ARG C 424 -20.58 18.03 -16.57
C ARG C 424 -22.09 17.92 -16.31
N LYS C 425 -22.69 18.97 -15.78
CA LYS C 425 -24.12 18.93 -15.49
C LYS C 425 -25.06 19.57 -16.53
N LYS C 426 -24.79 20.82 -16.86
CA LYS C 426 -25.63 21.60 -17.78
C LYS C 426 -25.75 21.17 -19.28
N MET C 427 -24.72 21.48 -20.07
CA MET C 427 -24.70 21.15 -21.51
C MET C 427 -24.32 19.69 -21.74
N ASP C 428 -23.63 19.12 -20.75
CA ASP C 428 -23.21 17.74 -20.82
C ASP C 428 -24.45 16.88 -20.95
N LEU C 429 -25.24 16.80 -19.88
CA LEU C 429 -26.46 16.00 -19.92
C LEU C 429 -27.43 16.56 -20.95
N ILE C 430 -27.53 17.88 -21.05
CA ILE C 430 -28.47 18.44 -22.00
C ILE C 430 -28.00 18.42 -23.46
N ASP C 431 -26.98 17.60 -23.62
CA ASP C 431 -26.33 17.26 -24.89
C ASP C 431 -26.44 18.19 -26.08
N LEU C 432 -25.94 19.40 -25.91
CA LEU C 432 -25.91 20.38 -26.99
C LEU C 432 -24.46 20.35 -27.43
N GLU C 433 -23.69 19.54 -26.72
CA GLU C 433 -22.25 19.47 -26.91
C GLU C 433 -21.48 18.25 -27.47
N ASP C 434 -22.05 17.46 -28.36
CA ASP C 434 -21.30 16.34 -28.89
C ASP C 434 -20.38 16.83 -30.03
N GLU C 435 -20.90 17.83 -30.75
CA GLU C 435 -20.22 18.45 -31.90
C GLU C 435 -19.23 19.60 -31.61
N THR C 436 -19.73 20.74 -31.13
CA THR C 436 -18.89 21.91 -30.83
C THR C 436 -19.42 22.85 -29.75
N ILE C 437 -18.63 23.86 -29.43
CA ILE C 437 -19.01 24.81 -28.40
C ILE C 437 -19.69 26.05 -28.93
N ASP C 438 -21.01 26.04 -28.88
CA ASP C 438 -21.74 27.22 -29.33
C ASP C 438 -21.38 28.37 -28.40
N ALA C 439 -21.31 29.57 -28.96
CA ALA C 439 -20.98 30.76 -28.20
C ALA C 439 -22.03 31.05 -27.14
N GLU C 440 -23.27 31.24 -27.59
CA GLU C 440 -24.37 31.53 -26.68
C GLU C 440 -24.33 30.66 -25.43
N VAL C 441 -24.32 29.34 -25.62
CA VAL C 441 -24.30 28.39 -24.50
C VAL C 441 -23.31 28.80 -23.41
N MET C 442 -22.03 28.84 -23.77
CA MET C 442 -20.98 29.20 -22.82
C MET C 442 -21.35 30.42 -21.97
N ASN C 443 -21.57 31.56 -22.63
CA ASN C 443 -21.89 32.79 -21.92
C ASN C 443 -23.04 32.69 -20.91
N SER C 444 -23.95 31.74 -21.14
CA SER C 444 -25.08 31.57 -20.24
C SER C 444 -24.72 30.66 -19.07
N LEU C 445 -23.76 29.78 -19.30
CA LEU C 445 -23.31 28.84 -18.28
C LEU C 445 -23.08 29.58 -16.96
N ALA C 446 -23.42 28.92 -15.86
CA ALA C 446 -23.23 29.50 -14.55
C ALA C 446 -22.47 28.54 -13.64
N VAL C 447 -21.76 29.11 -12.67
CA VAL C 447 -20.99 28.32 -11.72
C VAL C 447 -21.18 28.86 -10.32
N THR C 448 -22.16 28.31 -9.61
CA THR C 448 -22.48 28.74 -8.25
C THR C 448 -21.37 28.35 -7.27
N MET C 449 -21.53 28.77 -6.01
CA MET C 449 -20.56 28.48 -4.98
C MET C 449 -20.55 27.00 -4.68
N ASP C 450 -21.72 26.38 -4.69
CA ASP C 450 -21.80 24.96 -4.40
C ASP C 450 -20.89 24.14 -5.30
N ASP C 451 -20.58 24.65 -6.48
CA ASP C 451 -19.70 23.96 -7.42
C ASP C 451 -18.30 23.87 -6.83
N PHE C 452 -17.74 25.03 -6.52
CA PHE C 452 -16.41 25.11 -5.95
C PHE C 452 -16.35 24.25 -4.67
N ARG C 453 -17.41 24.33 -3.86
CA ARG C 453 -17.48 23.58 -2.62
C ARG C 453 -17.02 22.16 -2.90
N TRP C 454 -17.45 21.66 -4.06
CA TRP C 454 -17.07 20.32 -4.48
C TRP C 454 -15.56 20.32 -4.67
N ALA C 455 -15.08 21.22 -5.50
CA ALA C 455 -13.65 21.32 -5.78
C ALA C 455 -12.79 21.22 -4.53
N LEU C 456 -13.13 22.00 -3.52
CA LEU C 456 -12.37 21.96 -2.28
C LEU C 456 -12.37 20.56 -1.70
N SER C 457 -13.57 20.04 -1.47
CA SER C 457 -13.74 18.71 -0.90
C SER C 457 -13.19 17.64 -1.86
N GLN C 458 -12.90 18.04 -3.09
CA GLN C 458 -12.40 17.14 -4.11
C GLN C 458 -10.94 16.77 -4.01
N SER C 459 -10.08 17.75 -4.29
CA SER C 459 -8.65 17.52 -4.24
C SER C 459 -8.02 18.46 -3.24
N ASN C 460 -7.60 17.89 -2.12
CA ASN C 460 -6.98 18.69 -1.10
C ASN C 460 -5.48 18.49 -1.05
N PRO C 461 -4.88 17.89 -2.10
CA PRO C 461 -3.43 17.68 -2.06
C PRO C 461 -2.64 18.97 -2.18
N SER C 462 -3.07 19.99 -1.42
CA SER C 462 -2.39 21.27 -1.44
C SER C 462 -0.88 21.08 -1.39
N ALA C 463 -0.19 22.03 -1.99
CA ALA C 463 1.24 21.96 -2.06
C ALA C 463 1.94 21.88 -0.70
N LEU C 464 2.00 22.98 0.06
CA LEU C 464 2.68 23.01 1.35
C LEU C 464 1.78 23.40 2.50
N ARG C 465 2.20 22.99 3.67
CA ARG C 465 1.49 23.30 4.88
C ARG C 465 2.62 23.20 5.85
N GLU C 466 3.83 23.32 5.33
CA GLU C 466 5.02 23.22 6.17
C GLU C 466 5.26 24.38 7.10
N THR C 467 5.43 25.58 6.55
CA THR C 467 5.65 26.76 7.38
C THR C 467 4.79 27.92 6.85
N VAL C 468 4.81 29.05 7.56
CA VAL C 468 4.02 30.22 7.18
C VAL C 468 4.59 31.58 7.59
N VAL C 469 4.59 32.54 6.68
CA VAL C 469 5.10 33.87 6.99
C VAL C 469 4.02 34.89 6.64
N GLU C 470 2.79 34.59 7.02
CA GLU C 470 1.67 35.48 6.71
C GLU C 470 1.53 36.62 7.70
N VAL C 471 0.52 37.46 7.48
CA VAL C 471 0.25 38.61 8.34
C VAL C 471 -1.07 38.35 9.08
N PRO C 472 -1.11 38.64 10.39
CA PRO C 472 -2.29 38.44 11.24
C PRO C 472 -3.57 39.06 10.71
N GLN C 473 -4.66 38.29 10.74
CA GLN C 473 -5.95 38.79 10.28
C GLN C 473 -6.81 39.12 11.49
N VAL C 474 -6.16 39.53 12.58
CA VAL C 474 -6.88 39.89 13.81
C VAL C 474 -6.32 41.14 14.48
N THR C 475 -7.20 42.10 14.73
CA THR C 475 -6.82 43.37 15.37
C THR C 475 -7.04 43.23 16.87
N TRP C 476 -7.19 44.36 17.56
CA TRP C 476 -7.41 44.33 19.01
C TRP C 476 -8.88 44.18 19.30
N GLU C 477 -9.68 43.94 18.25
CA GLU C 477 -11.13 43.78 18.40
C GLU C 477 -11.51 42.40 18.91
N ASP C 478 -10.53 41.54 19.11
CA ASP C 478 -10.79 40.19 19.59
C ASP C 478 -10.14 39.97 20.96
N ILE C 479 -9.22 40.85 21.32
CA ILE C 479 -8.53 40.75 22.60
C ILE C 479 -9.44 41.13 23.76
N GLY C 480 -9.87 42.39 23.77
CA GLY C 480 -10.78 42.85 24.81
C GLY C 480 -10.41 42.54 26.25
N GLY C 481 -9.11 42.50 26.55
CA GLY C 481 -8.69 42.22 27.91
C GLY C 481 -7.40 42.95 28.21
N LEU C 482 -7.23 43.40 29.44
CA LEU C 482 -6.02 44.10 29.83
C LEU C 482 -5.51 45.09 28.76
N GLU C 483 -6.25 46.17 28.56
CA GLU C 483 -5.87 47.19 27.59
C GLU C 483 -4.50 47.78 27.88
N ASP C 484 -4.17 47.91 29.16
CA ASP C 484 -2.89 48.48 29.59
C ASP C 484 -1.73 47.86 28.84
N VAL C 485 -1.70 46.54 28.80
CA VAL C 485 -0.63 45.83 28.13
C VAL C 485 -0.58 46.18 26.65
N LYS C 486 -1.74 46.38 26.05
CA LYS C 486 -1.81 46.71 24.63
C LYS C 486 -0.87 47.85 24.22
N ARG C 487 -1.00 49.01 24.88
CA ARG C 487 -0.18 50.15 24.54
C ARG C 487 1.28 49.94 24.95
N GLU C 488 1.50 49.55 26.19
CA GLU C 488 2.86 49.33 26.69
C GLU C 488 3.65 48.48 25.70
N LEU C 489 2.99 47.48 25.13
CA LEU C 489 3.66 46.61 24.18
C LEU C 489 4.12 47.47 23.01
N GLN C 490 3.23 48.34 22.57
CA GLN C 490 3.54 49.23 21.48
C GLN C 490 4.72 50.12 21.84
N GLU C 491 5.02 50.24 23.14
CA GLU C 491 6.13 51.06 23.58
C GLU C 491 7.49 50.46 23.24
N LEU C 492 7.49 49.21 22.80
CA LEU C 492 8.73 48.54 22.46
C LEU C 492 8.79 48.23 20.97
N VAL C 493 7.63 48.25 20.33
CA VAL C 493 7.54 47.92 18.91
C VAL C 493 7.16 49.07 17.98
N GLN C 494 6.12 49.82 18.34
CA GLN C 494 5.67 50.94 17.53
C GLN C 494 6.66 52.10 17.45
N TYR C 495 7.24 52.43 18.60
CA TYR C 495 8.18 53.53 18.70
C TYR C 495 9.50 53.28 17.94
N PRO C 496 10.12 52.12 18.12
CA PRO C 496 11.36 51.87 17.39
C PRO C 496 11.13 51.79 15.87
N VAL C 497 9.98 51.24 15.43
CA VAL C 497 9.66 51.12 14.00
C VAL C 497 9.42 52.42 13.27
N GLU C 498 8.64 53.29 13.89
CA GLU C 498 8.32 54.56 13.26
C GLU C 498 8.84 55.75 14.02
N HIS C 499 9.68 55.50 15.01
CA HIS C 499 10.27 56.59 15.77
C HIS C 499 11.70 56.26 16.22
N PRO C 500 12.60 55.98 15.24
CA PRO C 500 14.00 55.66 15.52
C PRO C 500 14.82 56.90 15.87
N ASP C 501 14.45 58.03 15.29
CA ASP C 501 15.16 59.27 15.57
C ASP C 501 15.11 59.60 17.07
N LYS C 502 13.94 59.96 17.58
CA LYS C 502 13.78 60.28 18.99
C LYS C 502 14.39 59.16 19.80
N PHE C 503 14.25 57.96 19.25
CA PHE C 503 14.78 56.80 19.90
C PHE C 503 16.30 56.89 20.03
N LEU C 504 16.98 57.15 18.92
CA LEU C 504 18.44 57.26 18.94
C LEU C 504 18.90 58.58 19.53
N LYS C 505 17.98 59.48 19.86
CA LYS C 505 18.32 60.80 20.43
C LYS C 505 18.94 60.69 21.80
N PHE C 506 19.00 59.47 22.31
CA PHE C 506 19.56 59.21 23.63
C PHE C 506 20.67 58.19 23.53
N GLY C 507 20.79 57.54 22.37
CA GLY C 507 21.83 56.55 22.16
C GLY C 507 21.53 55.16 22.66
N MET C 508 20.48 55.02 23.47
CA MET C 508 20.10 53.72 23.99
C MET C 508 19.59 52.90 22.82
N THR C 509 19.35 51.61 23.07
CA THR C 509 18.87 50.70 22.03
C THR C 509 17.53 50.04 22.45
N PRO C 510 16.63 49.70 21.47
CA PRO C 510 15.36 49.11 21.88
C PRO C 510 15.53 47.76 22.53
N SER C 511 14.41 47.08 22.72
CA SER C 511 14.45 45.77 23.33
C SER C 511 14.14 44.77 22.21
N LYS C 512 14.98 43.74 22.08
CA LYS C 512 14.79 42.74 21.04
C LYS C 512 13.43 42.06 21.11
N GLY C 513 12.90 41.91 22.32
CA GLY C 513 11.60 41.27 22.45
C GLY C 513 11.11 41.05 23.87
N VAL C 514 9.83 40.70 23.98
CA VAL C 514 9.19 40.47 25.26
C VAL C 514 8.93 38.99 25.45
N LEU C 515 8.68 38.60 26.70
CA LEU C 515 8.41 37.22 27.04
C LEU C 515 7.10 37.09 27.82
N PHE C 516 5.97 36.94 27.12
CA PHE C 516 4.66 36.81 27.79
C PHE C 516 4.57 35.54 28.64
N TYR C 517 4.04 35.68 29.84
CA TYR C 517 3.86 34.54 30.74
C TYR C 517 2.59 34.75 31.57
N GLY C 518 2.02 33.65 32.04
CA GLY C 518 0.78 33.72 32.80
C GLY C 518 0.09 32.38 32.69
N PRO C 519 -1.18 32.26 33.14
CA PRO C 519 -1.99 31.03 33.11
C PRO C 519 -2.78 30.82 31.82
N PRO C 520 -2.78 29.58 31.27
CA PRO C 520 -3.51 29.33 30.02
C PRO C 520 -4.94 29.85 30.00
N GLY C 521 -5.36 30.35 28.83
CA GLY C 521 -6.69 30.91 28.71
C GLY C 521 -6.61 32.41 28.56
N CYS C 522 -5.50 32.98 29.04
CA CYS C 522 -5.25 34.43 28.96
C CYS C 522 -5.53 34.86 27.54
N GLY C 523 -4.56 34.52 26.67
CA GLY C 523 -4.64 34.86 25.27
C GLY C 523 -3.32 35.42 24.78
N LYS C 524 -2.23 35.03 25.43
CA LYS C 524 -0.92 35.53 25.08
C LYS C 524 -0.73 35.77 23.61
N THR C 525 -0.95 34.73 22.83
CA THR C 525 -0.77 34.84 21.39
C THR C 525 -1.65 35.94 20.81
N LEU C 526 -2.87 36.08 21.33
CA LEU C 526 -3.76 37.11 20.80
C LEU C 526 -3.05 38.44 20.76
N LEU C 527 -2.02 38.58 21.58
CA LEU C 527 -1.24 39.81 21.62
C LEU C 527 -0.27 39.78 20.45
N ALA C 528 0.58 38.76 20.47
CA ALA C 528 1.57 38.60 19.42
C ALA C 528 0.88 38.76 18.07
N LYS C 529 -0.36 38.27 17.97
CA LYS C 529 -1.11 38.38 16.73
C LYS C 529 -1.49 39.84 16.47
N ALA C 530 -2.22 40.43 17.42
CA ALA C 530 -2.65 41.81 17.28
C ALA C 530 -1.50 42.76 16.97
N ILE C 531 -0.57 42.86 17.90
CA ILE C 531 0.56 43.74 17.73
C ILE C 531 1.19 43.62 16.35
N ALA C 532 1.10 42.42 15.77
CA ALA C 532 1.66 42.19 14.45
C ALA C 532 0.79 42.88 13.41
N ASN C 533 -0.52 42.69 13.48
CA ASN C 533 -1.45 43.32 12.54
C ASN C 533 -1.34 44.82 12.71
N GLU C 534 -1.08 45.25 13.95
CA GLU C 534 -0.94 46.66 14.25
C GLU C 534 0.15 47.18 13.32
N CYS C 535 1.31 46.51 13.33
CA CYS C 535 2.43 46.91 12.49
C CYS C 535 2.34 46.23 11.13
N GLN C 536 1.19 45.62 10.86
CA GLN C 536 0.92 44.92 9.61
C GLN C 536 2.13 44.14 9.15
N ALA C 537 2.86 43.62 10.12
CA ALA C 537 4.05 42.84 9.84
C ALA C 537 3.70 41.37 9.81
N ASN C 538 4.69 40.56 9.44
CA ASN C 538 4.50 39.12 9.37
C ASN C 538 4.48 38.53 10.77
N PHE C 539 3.79 37.39 10.90
CA PHE C 539 3.68 36.69 12.17
C PHE C 539 4.07 35.23 12.04
N ILE C 540 5.32 34.96 12.36
CA ILE C 540 5.86 33.62 12.31
C ILE C 540 5.54 32.95 13.65
N SER C 541 4.94 31.75 13.61
CA SER C 541 4.54 31.03 14.83
C SER C 541 5.08 29.59 15.02
N ILE C 542 6.14 29.42 15.81
CA ILE C 542 6.71 28.08 16.07
C ILE C 542 6.15 27.54 17.39
N LYS C 543 5.00 26.88 17.32
CA LYS C 543 4.38 26.33 18.52
C LYS C 543 5.26 25.30 19.20
N GLY C 544 5.09 25.16 20.50
CA GLY C 544 5.87 24.22 21.28
C GLY C 544 6.15 22.88 20.64
N PRO C 545 5.12 22.19 20.14
CA PRO C 545 5.31 20.89 19.50
C PRO C 545 6.45 20.84 18.47
N GLU C 546 6.48 21.82 17.56
CA GLU C 546 7.53 21.83 16.54
C GLU C 546 8.90 21.98 17.20
N LEU C 547 8.94 22.55 18.40
CA LEU C 547 10.18 22.71 19.13
C LEU C 547 10.64 21.34 19.60
N LEU C 548 9.73 20.66 20.27
CA LEU C 548 9.99 19.34 20.79
C LEU C 548 10.41 18.43 19.66
N THR C 549 9.69 18.54 18.54
CA THR C 549 10.01 17.73 17.37
C THR C 549 11.48 17.90 17.03
N MET C 550 12.02 19.10 17.26
CA MET C 550 13.43 19.34 16.98
C MET C 550 14.24 18.68 18.08
N TRP C 551 13.70 18.69 19.29
CA TRP C 551 14.38 18.12 20.44
C TRP C 551 14.53 16.61 20.34
N PHE C 552 13.44 15.91 20.10
CA PHE C 552 13.49 14.45 20.00
C PHE C 552 14.35 13.99 18.83
N GLY C 553 14.69 14.91 17.94
CA GLY C 553 15.52 14.57 16.80
C GLY C 553 16.86 15.25 16.84
N GLU C 554 17.14 15.95 17.94
CA GLU C 554 18.40 16.66 18.13
C GLU C 554 18.87 17.36 16.86
N SER C 555 17.93 17.95 16.13
CA SER C 555 18.26 18.64 14.89
C SER C 555 17.78 20.09 14.93
N GLU C 556 18.21 20.81 15.97
CA GLU C 556 17.82 22.20 16.11
C GLU C 556 18.47 23.03 15.01
N ALA C 557 19.11 22.36 14.06
CA ALA C 557 19.75 23.07 12.97
C ALA C 557 18.71 23.98 12.29
N ASN C 558 17.46 23.53 12.28
CA ASN C 558 16.38 24.30 11.66
C ASN C 558 16.28 25.65 12.30
N VAL C 559 16.68 25.72 13.56
CA VAL C 559 16.67 26.95 14.31
C VAL C 559 17.30 28.03 13.44
N ARG C 560 18.50 27.76 12.92
CA ARG C 560 19.19 28.71 12.07
C ARG C 560 18.41 28.94 10.77
N GLU C 561 17.66 27.93 10.35
CA GLU C 561 16.87 28.00 9.13
C GLU C 561 15.60 28.83 9.34
N ILE C 562 15.19 28.97 10.61
CA ILE C 562 13.99 29.72 10.95
C ILE C 562 14.24 31.21 11.23
N PHE C 563 15.15 31.53 12.14
CA PHE C 563 15.44 32.93 12.41
C PHE C 563 15.88 33.62 11.14
N ASP C 564 16.05 32.86 10.08
CA ASP C 564 16.45 33.44 8.81
C ASP C 564 15.22 33.79 7.97
N LYS C 565 14.21 32.94 7.94
CA LYS C 565 13.03 33.25 7.14
C LYS C 565 12.18 34.34 7.80
N ALA C 566 12.79 35.03 8.76
CA ALA C 566 12.14 36.12 9.47
C ALA C 566 12.82 37.40 9.02
N ARG C 567 14.09 37.27 8.63
CA ARG C 567 14.90 38.39 8.17
C ARG C 567 14.72 38.51 6.65
N GLN C 568 14.29 37.41 6.03
CA GLN C 568 14.06 37.37 4.60
C GLN C 568 12.67 37.96 4.34
N ALA C 569 12.02 38.43 5.39
CA ALA C 569 10.70 39.00 5.26
C ALA C 569 10.47 39.93 6.43
N ALA C 570 11.16 41.07 6.42
CA ALA C 570 11.05 42.06 7.48
C ALA C 570 10.19 43.23 7.04
N PRO C 571 9.40 43.83 7.97
CA PRO C 571 9.24 43.51 9.39
C PRO C 571 8.69 42.11 9.59
N CYS C 572 8.73 41.62 10.83
CA CYS C 572 8.25 40.29 11.14
C CYS C 572 8.39 40.00 12.62
N VAL C 573 7.45 39.24 13.16
CA VAL C 573 7.47 38.87 14.57
C VAL C 573 7.61 37.37 14.77
N LEU C 574 8.72 36.98 15.38
CA LEU C 574 9.01 35.58 15.64
C LEU C 574 8.35 35.19 16.96
N PHE C 575 7.52 34.15 16.93
CA PHE C 575 6.82 33.71 18.13
C PHE C 575 7.03 32.24 18.50
N PHE C 576 7.26 31.98 19.77
CA PHE C 576 7.48 30.61 20.22
C PHE C 576 6.50 30.17 21.28
N ASP C 577 5.31 29.78 20.84
CA ASP C 577 4.27 29.32 21.74
C ASP C 577 4.82 28.23 22.67
N GLU C 578 4.54 28.35 23.96
CA GLU C 578 4.98 27.39 24.95
C GLU C 578 6.48 27.14 24.89
N LEU C 579 7.25 28.19 25.14
CA LEU C 579 8.70 28.10 25.14
C LEU C 579 9.13 27.00 26.10
N ASP C 580 8.36 26.83 27.16
CA ASP C 580 8.68 25.82 28.15
C ASP C 580 8.40 24.44 27.60
N SER C 581 7.91 24.37 26.38
CA SER C 581 7.59 23.08 25.77
C SER C 581 8.72 22.07 25.95
N ILE C 582 9.95 22.56 25.98
CA ILE C 582 11.09 21.68 26.14
C ILE C 582 11.40 21.49 27.61
N ALA C 583 10.82 22.36 28.44
CA ALA C 583 11.04 22.27 29.88
C ALA C 583 10.32 21.08 30.51
N LYS C 584 8.99 21.17 30.63
CA LYS C 584 8.21 20.08 31.23
C LYS C 584 8.56 18.74 30.62
N ALA C 585 9.21 18.77 29.46
CA ALA C 585 9.58 17.55 28.76
C ALA C 585 10.72 16.82 29.44
N ARG C 586 11.89 17.46 29.49
CA ARG C 586 13.06 16.84 30.08
C ARG C 586 12.97 16.68 31.61
N GLY C 587 11.83 17.08 32.19
CA GLY C 587 11.68 16.96 33.64
C GLY C 587 10.90 18.12 34.22
N GLY C 588 11.16 19.31 33.68
CA GLY C 588 10.48 20.51 34.14
C GLY C 588 11.02 21.10 35.42
N ASN C 589 10.36 20.78 36.52
CA ASN C 589 10.75 21.31 37.82
C ASN C 589 12.06 20.70 38.37
N ILE C 590 12.00 19.46 38.83
CA ILE C 590 13.18 18.78 39.37
C ILE C 590 13.96 18.16 38.21
N GLY C 591 13.22 17.60 37.25
CA GLY C 591 13.83 16.97 36.09
C GLY C 591 15.02 16.11 36.44
N ASP C 592 16.15 16.38 35.81
CA ASP C 592 17.38 15.63 36.05
C ASP C 592 18.47 16.54 36.61
N GLY C 593 19.70 16.04 36.64
CA GLY C 593 20.84 16.79 37.16
C GLY C 593 21.15 18.00 36.27
N GLY C 594 20.45 18.08 35.15
CA GLY C 594 20.66 19.18 34.24
C GLY C 594 20.18 20.53 34.75
N GLY C 595 20.54 21.57 34.01
CA GLY C 595 20.15 22.93 34.34
C GLY C 595 19.35 23.44 33.17
N ALA C 596 18.91 24.69 33.21
CA ALA C 596 18.09 25.27 32.13
C ALA C 596 18.58 25.22 30.65
N ALA C 597 19.88 25.36 30.43
CA ALA C 597 20.42 25.37 29.07
C ALA C 597 20.14 24.06 28.30
N ASP C 598 19.02 24.03 27.59
CA ASP C 598 18.61 22.88 26.80
C ASP C 598 19.12 22.97 25.36
N ARG C 599 19.37 21.82 24.74
CA ARG C 599 19.88 21.75 23.37
C ARG C 599 19.25 22.77 22.42
N VAL C 600 17.92 22.75 22.30
CA VAL C 600 17.24 23.69 21.42
C VAL C 600 17.25 25.07 22.03
N ILE C 601 16.70 25.18 23.24
CA ILE C 601 16.64 26.45 23.95
C ILE C 601 17.94 27.25 23.77
N ASN C 602 19.08 26.65 24.09
CA ASN C 602 20.37 27.34 23.96
C ASN C 602 20.68 27.77 22.53
N GLN C 603 20.53 26.84 21.60
CA GLN C 603 20.80 27.12 20.20
C GLN C 603 20.03 28.36 19.75
N ILE C 604 18.86 28.56 20.33
CA ILE C 604 18.00 29.69 20.00
C ILE C 604 18.64 31.00 20.43
N LEU C 605 19.38 30.93 21.51
CA LEU C 605 20.06 32.09 22.04
C LEU C 605 21.09 32.51 21.01
N THR C 606 21.74 31.54 20.39
CA THR C 606 22.75 31.84 19.39
C THR C 606 22.16 32.67 18.26
N GLU C 607 21.17 32.12 17.55
CA GLU C 607 20.51 32.79 16.43
C GLU C 607 19.75 34.04 16.86
N MET C 608 19.83 34.35 18.14
CA MET C 608 19.17 35.52 18.65
C MET C 608 20.28 36.52 18.99
N ASP C 609 21.47 36.02 19.29
CA ASP C 609 22.62 36.86 19.61
C ASP C 609 23.16 37.50 18.35
N GLY C 610 23.34 36.67 17.34
CA GLY C 610 23.84 37.16 16.07
C GLY C 610 22.69 37.69 15.24
N MET C 611 21.52 37.82 15.86
CA MET C 611 20.37 38.33 15.12
C MET C 611 20.65 39.83 14.97
N SER C 612 20.54 40.33 13.76
CA SER C 612 20.83 41.75 13.51
C SER C 612 20.18 42.67 14.51
N THR C 613 21.01 43.30 15.33
CA THR C 613 20.53 44.22 16.34
C THR C 613 19.80 45.38 15.65
N LYS C 614 20.44 45.99 14.67
CA LYS C 614 19.85 47.13 13.98
C LYS C 614 18.95 46.72 12.79
N LYS C 615 18.30 45.57 12.93
CA LYS C 615 17.43 45.07 11.87
C LYS C 615 15.98 45.44 12.18
N ASN C 616 15.04 44.76 11.52
CA ASN C 616 13.62 45.00 11.74
C ASN C 616 12.91 43.70 12.10
N VAL C 617 13.17 43.19 13.30
CA VAL C 617 12.55 41.95 13.75
C VAL C 617 12.38 41.89 15.26
N PHE C 618 11.13 41.69 15.69
CA PHE C 618 10.80 41.62 17.11
C PHE C 618 10.61 40.18 17.52
N ILE C 619 11.27 39.79 18.60
CA ILE C 619 11.18 38.42 19.07
C ILE C 619 10.28 38.26 20.32
N ILE C 620 9.09 37.70 20.14
CA ILE C 620 8.16 37.49 21.26
C ILE C 620 8.05 36.01 21.59
N GLY C 621 7.77 35.71 22.86
CA GLY C 621 7.64 34.33 23.27
C GLY C 621 6.76 34.27 24.50
N ALA C 622 5.81 33.34 24.52
CA ALA C 622 4.92 33.23 25.67
C ALA C 622 5.01 31.85 26.28
N THR C 623 4.87 31.79 27.61
CA THR C 623 4.95 30.52 28.33
C THR C 623 4.05 30.40 29.55
N ASN C 624 3.26 29.33 29.63
CA ASN C 624 2.35 29.13 30.75
C ASN C 624 3.14 28.59 31.95
N ARG C 625 4.44 28.62 31.81
CA ARG C 625 5.36 28.11 32.81
C ARG C 625 6.56 29.02 32.99
N PRO C 626 6.38 30.21 33.60
CA PRO C 626 7.53 31.09 33.76
C PRO C 626 8.56 30.60 34.78
N ASP C 627 8.22 29.54 35.48
CA ASP C 627 9.11 29.01 36.50
C ASP C 627 10.22 28.10 35.98
N ILE C 628 10.08 27.64 34.75
CA ILE C 628 11.07 26.73 34.18
C ILE C 628 11.73 27.22 32.89
N ILE C 629 12.13 28.49 32.88
CA ILE C 629 12.76 29.11 31.71
C ILE C 629 14.24 29.37 31.95
N ASP C 630 15.07 29.13 30.92
CA ASP C 630 16.49 29.38 31.05
C ASP C 630 16.69 30.90 31.18
N PRO C 631 17.20 31.36 32.32
CA PRO C 631 17.46 32.78 32.58
C PRO C 631 18.24 33.53 31.50
N ALA C 632 18.90 32.78 30.63
CA ALA C 632 19.69 33.40 29.57
C ALA C 632 18.82 34.16 28.57
N ILE C 633 17.53 33.87 28.56
CA ILE C 633 16.60 34.51 27.63
C ILE C 633 16.14 35.86 28.13
N LEU C 634 16.14 36.01 29.45
CA LEU C 634 15.70 37.23 30.10
C LEU C 634 16.86 38.20 30.27
N ARG C 635 18.08 37.68 30.10
CA ARG C 635 19.27 38.49 30.22
C ARG C 635 19.16 39.67 29.24
N PRO C 636 19.37 40.89 29.74
CA PRO C 636 19.30 42.08 28.90
C PRO C 636 19.99 41.87 27.55
N GLY C 637 19.31 42.24 26.47
CA GLY C 637 19.91 42.08 25.15
C GLY C 637 19.09 41.13 24.29
N ARG C 638 18.29 40.28 24.93
CA ARG C 638 17.45 39.32 24.21
C ARG C 638 15.99 39.52 24.54
N LEU C 639 15.58 39.07 25.71
CA LEU C 639 14.20 39.25 26.15
C LEU C 639 14.20 39.96 27.48
N ASP C 640 14.92 41.07 27.53
CA ASP C 640 15.03 41.85 28.75
C ASP C 640 13.69 42.42 29.23
N GLN C 641 12.67 42.33 28.39
CA GLN C 641 11.35 42.83 28.74
C GLN C 641 10.42 41.67 29.06
N LEU C 642 9.80 41.73 30.23
CA LEU C 642 8.88 40.68 30.69
C LEU C 642 7.53 41.26 31.06
N ILE C 643 6.46 40.61 30.61
CA ILE C 643 5.11 41.09 30.89
C ILE C 643 4.18 40.02 31.36
N TYR C 644 3.40 40.34 32.39
CA TYR C 644 2.46 39.38 32.94
C TYR C 644 1.05 39.68 32.51
N ILE C 645 0.41 38.65 31.97
CA ILE C 645 -0.94 38.75 31.51
C ILE C 645 -1.81 37.94 32.49
N PRO C 646 -2.46 38.63 33.45
CA PRO C 646 -3.33 38.04 34.48
C PRO C 646 -4.71 37.68 33.93
N LEU C 647 -5.41 36.80 34.63
CA LEU C 647 -6.74 36.35 34.19
C LEU C 647 -7.70 37.49 33.86
N PRO C 648 -8.94 37.15 33.44
CA PRO C 648 -9.93 38.17 33.09
C PRO C 648 -10.54 38.91 34.26
N ASP C 649 -10.31 40.23 34.31
CA ASP C 649 -10.86 41.07 35.38
C ASP C 649 -12.37 41.25 35.19
N GLU C 650 -13.05 41.81 36.20
CA GLU C 650 -14.50 42.01 36.11
C GLU C 650 -14.86 42.61 34.76
N LYS C 651 -13.92 43.35 34.19
CA LYS C 651 -14.12 43.99 32.89
C LYS C 651 -13.93 42.97 31.77
N SER C 652 -12.69 42.53 31.59
CA SER C 652 -12.34 41.58 30.54
C SER C 652 -13.47 40.58 30.26
N ARG C 653 -13.85 39.82 31.29
CA ARG C 653 -14.88 38.82 31.14
C ARG C 653 -16.07 39.35 30.36
N VAL C 654 -16.33 40.65 30.52
CA VAL C 654 -17.44 41.25 29.81
C VAL C 654 -17.14 41.36 28.31
N ALA C 655 -16.26 42.30 27.94
CA ALA C 655 -15.90 42.52 26.54
C ALA C 655 -15.48 41.25 25.86
N ILE C 656 -14.78 40.40 26.60
CA ILE C 656 -14.34 39.15 26.05
C ILE C 656 -15.45 38.39 25.35
N LEU C 657 -16.60 38.23 26.00
CA LEU C 657 -17.70 37.53 25.34
C LEU C 657 -18.26 38.42 24.24
N LYS C 658 -18.61 39.66 24.61
CA LYS C 658 -19.16 40.64 23.67
C LYS C 658 -18.37 40.52 22.37
N ALA C 659 -17.11 40.14 22.50
CA ALA C 659 -16.25 39.97 21.35
C ALA C 659 -16.24 38.52 20.91
N ASN C 660 -15.98 37.59 21.84
CA ASN C 660 -15.92 36.16 21.51
C ASN C 660 -17.25 35.62 21.03
N LEU C 661 -18.20 36.51 20.74
CA LEU C 661 -19.50 36.11 20.24
C LEU C 661 -19.98 37.16 19.22
N ARG C 662 -19.02 37.90 18.68
CA ARG C 662 -19.27 38.96 17.68
C ARG C 662 -20.00 38.50 16.42
N LYS C 663 -19.43 37.53 15.70
CA LYS C 663 -20.07 37.01 14.49
C LYS C 663 -20.87 35.77 14.85
N SER C 664 -21.83 35.97 15.75
CA SER C 664 -22.67 34.87 16.21
C SER C 664 -24.08 35.34 16.52
N PRO C 665 -25.05 34.43 16.39
CA PRO C 665 -26.46 34.67 16.64
C PRO C 665 -26.86 34.86 18.12
N VAL C 666 -26.36 35.93 18.72
CA VAL C 666 -26.65 36.25 20.10
C VAL C 666 -28.00 36.95 20.16
N ALA C 667 -28.95 36.35 20.85
CA ALA C 667 -30.28 36.94 20.98
C ALA C 667 -30.21 38.23 21.78
N LYS C 668 -31.33 38.97 21.81
CA LYS C 668 -31.42 40.24 22.54
C LYS C 668 -31.49 40.05 24.06
N ASP C 669 -32.20 39.01 24.48
CA ASP C 669 -32.36 38.71 25.91
C ASP C 669 -31.02 38.27 26.48
N VAL C 670 -30.11 37.91 25.60
CA VAL C 670 -28.80 37.49 26.03
C VAL C 670 -28.23 38.64 26.86
N ASP C 671 -27.95 38.37 28.14
CA ASP C 671 -27.40 39.37 29.04
C ASP C 671 -26.05 38.90 29.57
N LEU C 672 -24.98 39.48 29.04
CA LEU C 672 -23.64 39.11 29.44
C LEU C 672 -23.18 39.73 30.74
N GLU C 673 -23.56 40.98 30.97
CA GLU C 673 -23.16 41.64 32.21
C GLU C 673 -23.45 40.72 33.39
N PHE C 674 -24.51 39.93 33.28
CA PHE C 674 -24.91 38.99 34.32
C PHE C 674 -23.82 37.95 34.54
N LEU C 675 -23.34 37.40 33.44
CA LEU C 675 -22.31 36.39 33.49
C LEU C 675 -20.98 37.03 33.89
N ALA C 676 -20.86 38.33 33.62
CA ALA C 676 -19.64 39.08 33.93
C ALA C 676 -19.33 39.02 35.41
N LYS C 677 -20.27 38.50 36.18
CA LYS C 677 -20.12 38.39 37.63
C LYS C 677 -20.20 36.94 38.06
N MET C 678 -20.57 36.07 37.12
CA MET C 678 -20.69 34.67 37.43
C MET C 678 -19.36 33.94 37.41
N THR C 679 -18.67 33.97 36.27
CA THR C 679 -17.39 33.29 36.16
C THR C 679 -16.25 34.21 36.54
N ASN C 680 -15.64 33.95 37.68
CA ASN C 680 -14.56 34.79 38.15
C ASN C 680 -13.15 34.20 37.98
N GLY C 681 -13.00 32.90 38.26
CA GLY C 681 -11.69 32.28 38.15
C GLY C 681 -11.36 31.82 36.75
N PHE C 682 -12.34 31.96 35.85
CA PHE C 682 -12.18 31.54 34.47
C PHE C 682 -11.24 32.45 33.68
N SER C 683 -10.98 32.06 32.43
CA SER C 683 -10.09 32.80 31.54
C SER C 683 -10.70 32.90 30.15
N GLY C 684 -10.08 33.73 29.30
CA GLY C 684 -10.57 33.91 27.95
C GLY C 684 -10.85 32.60 27.26
N ALA C 685 -10.14 31.56 27.67
CA ALA C 685 -10.31 30.24 27.09
C ALA C 685 -11.59 29.63 27.64
N ASP C 686 -11.64 29.48 28.95
CA ASP C 686 -12.81 28.89 29.60
C ASP C 686 -14.09 29.59 29.17
N LEU C 687 -14.03 30.91 29.11
CA LEU C 687 -15.20 31.68 28.71
C LEU C 687 -15.63 31.17 27.33
N THR C 688 -14.66 30.97 26.43
CA THR C 688 -14.97 30.48 25.09
C THR C 688 -15.58 29.08 25.17
N GLU C 689 -15.11 28.29 26.14
CA GLU C 689 -15.60 26.93 26.34
C GLU C 689 -17.11 26.99 26.48
N ILE C 690 -17.57 27.60 27.56
CA ILE C 690 -19.00 27.70 27.79
C ILE C 690 -19.73 28.24 26.56
N CYS C 691 -19.06 29.10 25.79
CA CYS C 691 -19.67 29.67 24.60
C CYS C 691 -20.07 28.60 23.59
N GLN C 692 -19.07 27.93 23.03
CA GLN C 692 -19.33 26.89 22.07
C GLN C 692 -20.33 25.89 22.61
N ARG C 693 -20.33 25.70 23.92
CA ARG C 693 -21.27 24.76 24.53
C ARG C 693 -22.70 25.24 24.31
N ALA C 694 -22.89 26.55 24.31
CA ALA C 694 -24.21 27.11 24.12
C ALA C 694 -24.69 26.81 22.71
N CYS C 695 -23.76 26.59 21.81
CA CYS C 695 -24.10 26.30 20.43
C CYS C 695 -24.27 24.81 20.18
N LYS C 696 -23.36 23.99 20.72
CA LYS C 696 -23.46 22.54 20.54
C LYS C 696 -24.73 22.02 21.20
N LEU C 697 -25.55 22.98 21.68
CA LEU C 697 -26.82 22.69 22.33
C LEU C 697 -27.88 23.43 21.53
N ALA C 698 -27.48 24.52 20.90
CA ALA C 698 -28.37 25.34 20.11
C ALA C 698 -28.63 24.66 18.77
N ILE C 699 -27.58 24.12 18.16
CA ILE C 699 -27.72 23.43 16.90
C ILE C 699 -28.52 22.15 17.13
N ARG C 700 -28.32 21.54 18.30
CA ARG C 700 -29.00 20.29 18.65
C ARG C 700 -30.51 20.48 18.62
N GLU C 701 -30.95 21.68 18.97
CA GLU C 701 -32.37 22.01 18.99
C GLU C 701 -32.86 22.07 17.53
N SER C 702 -32.11 22.77 16.70
CA SER C 702 -32.44 22.97 15.28
C SER C 702 -32.90 21.68 14.57
N ILE C 703 -31.92 20.83 14.31
CA ILE C 703 -32.12 19.56 13.64
C ILE C 703 -33.38 18.81 14.05
N GLU C 704 -33.46 18.49 15.34
CA GLU C 704 -34.60 17.77 15.89
C GLU C 704 -35.94 18.28 15.34
N SER C 705 -36.24 19.53 15.64
CA SER C 705 -37.48 20.14 15.19
C SER C 705 -37.70 19.89 13.70
N GLU C 706 -36.68 20.20 12.91
CA GLU C 706 -36.74 20.05 11.47
C GLU C 706 -37.43 18.77 10.99
N ILE C 707 -36.87 17.64 11.37
CA ILE C 707 -37.40 16.34 10.95
C ILE C 707 -38.84 16.08 11.44
N VAL C 728 -35.71 28.73 12.83
CA VAL C 728 -35.66 29.39 14.14
C VAL C 728 -34.33 29.14 14.88
N PRO C 729 -33.17 29.29 14.18
CA PRO C 729 -31.87 29.07 14.81
C PRO C 729 -31.15 30.31 15.38
N GLU C 730 -31.58 30.79 16.55
CA GLU C 730 -30.95 31.97 17.19
C GLU C 730 -30.59 31.74 18.65
N ILE C 731 -29.31 31.87 19.00
CA ILE C 731 -28.85 31.68 20.37
C ILE C 731 -29.76 32.41 21.35
N ARG C 732 -29.97 31.80 22.51
CA ARG C 732 -30.83 32.36 23.56
C ARG C 732 -30.25 32.10 24.96
N ARG C 733 -30.98 32.51 26.00
CA ARG C 733 -30.54 32.37 27.39
C ARG C 733 -30.47 30.94 27.91
N ASP C 734 -31.59 30.23 27.85
CA ASP C 734 -31.66 28.86 28.31
C ASP C 734 -30.44 28.05 27.85
N HIS C 735 -29.86 28.45 26.72
CA HIS C 735 -28.70 27.76 26.19
C HIS C 735 -27.49 28.13 27.05
N PHE C 736 -27.11 29.40 26.99
CA PHE C 736 -25.97 29.89 27.76
C PHE C 736 -26.03 29.35 29.18
N GLU C 737 -27.18 29.47 29.81
CA GLU C 737 -27.30 28.98 31.18
C GLU C 737 -27.14 27.46 31.22
N GLU C 738 -27.87 26.75 30.36
CA GLU C 738 -27.76 25.28 30.35
C GLU C 738 -26.33 24.90 30.02
N ALA C 739 -25.51 25.89 29.68
CA ALA C 739 -24.11 25.66 29.32
C ALA C 739 -23.17 25.77 30.51
N MET C 740 -23.43 26.72 31.40
CA MET C 740 -22.58 26.89 32.57
C MET C 740 -22.62 25.62 33.41
N ARG C 741 -23.57 24.74 33.11
CA ARG C 741 -23.72 23.48 33.83
C ARG C 741 -22.38 22.73 33.85
N PHE C 742 -21.73 22.71 32.69
CA PHE C 742 -20.45 22.04 32.54
C PHE C 742 -19.32 23.08 32.61
N ALA C 743 -19.42 23.98 33.58
CA ALA C 743 -18.42 25.03 33.75
C ALA C 743 -17.15 24.47 34.36
N ARG C 744 -16.01 24.93 33.84
CA ARG C 744 -14.72 24.48 34.32
C ARG C 744 -13.77 25.67 34.51
N ARG C 745 -13.02 25.67 35.60
CA ARG C 745 -12.07 26.73 35.90
C ARG C 745 -10.64 26.24 35.59
N SER C 746 -10.18 26.43 34.36
CA SER C 746 -8.85 25.97 33.98
C SER C 746 -7.79 26.39 35.00
N VAL C 747 -7.97 27.57 35.59
CA VAL C 747 -7.01 28.07 36.57
C VAL C 747 -7.45 27.88 38.01
N SER C 748 -6.84 26.90 38.68
CA SER C 748 -7.16 26.63 40.07
C SER C 748 -6.70 27.80 40.93
N ASP C 749 -7.26 27.89 42.13
CA ASP C 749 -6.89 28.96 43.06
C ASP C 749 -5.44 28.83 43.53
N ASN C 750 -4.96 27.60 43.72
CA ASN C 750 -3.58 27.38 44.16
C ASN C 750 -2.59 28.00 43.18
N ASP C 751 -2.81 27.71 41.90
CA ASP C 751 -1.95 28.24 40.85
C ASP C 751 -2.13 29.74 40.74
N ILE C 752 -3.38 30.21 40.82
CA ILE C 752 -3.64 31.64 40.74
C ILE C 752 -2.56 32.39 41.53
N ARG C 753 -2.16 31.83 42.67
CA ARG C 753 -1.14 32.44 43.52
C ARG C 753 0.28 32.17 43.06
N LYS C 754 0.55 30.95 42.59
CA LYS C 754 1.89 30.61 42.14
C LYS C 754 2.46 31.65 41.16
N TYR C 755 1.73 32.01 40.11
CA TYR C 755 2.20 32.99 39.13
C TYR C 755 2.44 34.34 39.73
N GLU C 756 1.72 34.61 40.80
CA GLU C 756 1.87 35.87 41.47
C GLU C 756 3.18 35.83 42.26
N MET C 757 3.39 34.74 42.99
CA MET C 757 4.59 34.54 43.79
C MET C 757 5.75 34.94 42.87
N PHE C 758 5.67 34.50 41.62
CA PHE C 758 6.67 34.79 40.59
C PHE C 758 6.52 36.23 40.12
N ALA C 759 5.29 36.59 39.78
CA ALA C 759 4.99 37.93 39.29
C ALA C 759 5.74 39.02 40.03
N GLN C 760 5.73 38.94 41.35
CA GLN C 760 6.38 39.91 42.21
C GLN C 760 7.85 40.16 41.86
N THR C 761 8.64 39.09 41.83
CA THR C 761 10.07 39.21 41.54
C THR C 761 10.40 39.27 40.05
N LEU C 762 9.72 38.43 39.27
CA LEU C 762 9.92 38.37 37.83
C LEU C 762 9.70 39.76 37.17
N GLN C 763 8.93 40.63 37.82
CA GLN C 763 8.68 41.98 37.28
C GLN C 763 9.46 43.03 38.06
PB ADP D . 22.28 -26.64 -3.68
O1B ADP D . 21.64 -26.24 -4.95
O2B ADP D . 21.24 -26.52 -2.48
O3B ADP D . 23.44 -25.79 -3.43
PA ADP D . 22.99 -28.99 -5.08
O1A ADP D . 21.74 -29.18 -5.79
O2A ADP D . 23.95 -28.34 -5.96
O3A ADP D . 22.75 -28.11 -3.83
O5' ADP D . 23.62 -30.37 -4.65
C5' ADP D . 23.92 -30.83 -3.34
C4' ADP D . 24.52 -32.25 -3.55
O4' ADP D . 24.38 -32.93 -2.31
C3' ADP D . 23.79 -33.12 -4.55
O3' ADP D . 24.50 -33.18 -5.78
C2' ADP D . 23.69 -34.47 -3.92
O2' ADP D . 24.73 -35.36 -4.31
C1' ADP D . 23.66 -34.16 -2.46
N9 ADP D . 22.29 -33.98 -1.89
C8 ADP D . 21.77 -32.84 -1.42
N7 ADP D . 20.55 -33.04 -0.98
C5 ADP D . 20.25 -34.29 -1.16
C6 ADP D . 19.14 -35.08 -0.90
N6 ADP D . 18.06 -34.55 -0.35
N1 ADP D . 19.15 -36.42 -1.22
C2 ADP D . 20.23 -37.01 -1.79
N3 ADP D . 21.33 -36.24 -2.04
C4 ADP D . 21.37 -34.91 -1.76
PB ADP E . 11.65 -27.37 31.25
O1B ADP E . 10.94 -27.87 30.06
O2B ADP E . 10.65 -27.37 32.51
O3B ADP E . 12.15 -26.00 30.98
PA ADP E . 13.77 -29.13 30.56
O1A ADP E . 13.00 -29.60 29.42
O2A ADP E . 14.85 -28.27 30.09
O3A ADP E . 12.86 -28.32 31.54
O5' ADP E . 14.42 -30.34 31.29
C5' ADP E . 14.33 -30.72 32.63
C4' ADP E . 15.19 -32.01 32.74
O4' ADP E . 14.37 -32.80 33.56
C3' ADP E . 15.32 -32.82 31.44
O3' ADP E . 16.56 -33.53 31.39
C2' ADP E . 14.16 -33.77 31.43
O2' ADP E . 14.43 -34.95 30.67
C1' ADP E . 13.90 -33.99 32.90
N9 ADP E . 12.46 -34.09 33.25
C8 ADP E . 11.69 -33.08 33.61
N7 ADP E . 10.47 -33.48 33.88
C5 ADP E . 10.48 -34.75 33.68
C6 ADP E . 9.52 -35.77 33.80
N6 ADP E . 8.30 -35.50 34.18
N1 ADP E . 9.86 -37.06 33.50
C2 ADP E . 11.09 -37.38 33.11
N3 ADP E . 12.00 -36.43 33.01
C4 ADP E . 11.75 -35.14 33.30
AL AF3 F . 10.44 -25.54 32.61
F1 AF3 F . 12.21 -25.51 33.12
F2 AF3 F . 9.94 -24.95 30.92
F3 AF3 F . 9.14 -26.16 33.78
PB ADP G . -0.98 -4.53 -10.32
O1B ADP G . -0.68 -3.54 -11.38
O2B ADP G . -1.64 -3.80 -9.07
O3B ADP G . 0.27 -5.20 -9.91
PA ADP G . -2.20 -5.96 -12.36
O1A ADP G . -2.86 -4.85 -13.01
O2A ADP G . -0.94 -6.22 -13.03
O3A ADP G . -1.93 -5.59 -10.89
O5' ADP G . -3.07 -7.29 -12.43
C5' ADP G . -3.58 -8.06 -11.35
C4' ADP G . -4.35 -9.26 -12.00
O4' ADP G . -5.14 -9.79 -10.97
C3' ADP G . -5.33 -8.89 -13.10
O3' ADP G . -4.83 -9.27 -14.38
C2' ADP G . -6.61 -9.60 -12.78
O2' ADP G . -6.75 -10.80 -13.54
C1' ADP G . -6.54 -9.79 -11.30
N9 ADP G . -7.22 -8.72 -10.47
C8 ADP G . -6.61 -7.89 -9.62
N7 ADP G . -7.47 -7.09 -9.05
C5 ADP G . -8.65 -7.38 -9.51
C6 ADP G . -9.94 -6.89 -9.29
N6 ADP G . -10.15 -5.91 -8.44
N1 ADP G . -11.00 -7.43 -9.97
C2 ADP G . -10.84 -8.44 -10.86
N3 ADP G . -9.58 -8.92 -11.07
C4 ADP G . -8.49 -8.43 -10.44
PB ADP H . -11.97 -2.54 24.14
O1B ADP H . -12.25 -1.16 23.70
O2B ADP H . -12.82 -2.86 25.46
O3B ADP H . -10.52 -2.69 24.41
PA ADP H . -13.79 -3.98 22.52
O1A ADP H . -14.79 -3.07 23.03
O2A ADP H . -13.86 -4.00 21.06
O3A ADP H . -12.38 -3.51 23.01
O5' ADP H . -14.05 -5.44 23.02
C5' ADP H . -13.21 -6.29 23.81
C4' ADP H . -14.04 -7.59 23.96
O4' ADP H . -15.10 -7.28 24.86
C3' ADP H . -14.70 -8.08 22.67
O3' ADP H . -14.60 -9.50 22.50
C2' ADP H . -16.16 -7.61 22.76
O2' ADP H . -17.06 -8.43 22.03
C1' ADP H . -16.39 -7.50 24.26
N9 ADP H . -17.27 -6.34 24.66
C8 ADP H . -16.84 -5.25 25.35
N7 ADP H . -17.86 -4.43 25.55
C5 ADP H . -18.91 -4.95 25.02
C6 ADP H . -20.26 -4.58 24.90
N6 ADP H . -20.66 -3.43 25.42
N1 ADP H . -21.16 -5.39 24.25
C2 ADP H . -20.79 -6.58 23.71
N3 ADP H . -19.48 -6.96 23.82
C4 ADP H . -18.54 -6.20 24.44
AL AF3 I . -11.69 -1.31 26.87
F1 AF3 I . -10.91 -2.97 26.56
F2 AF3 I . -11.20 -0.35 28.38
F3 AF3 I . -12.93 -0.61 25.69
PB ADP J . 6.34 27.31 -10.32
O1B ADP J . 7.47 27.48 -11.27
O2B ADP J . 6.68 28.04 -8.94
O3B ADP J . 6.10 25.88 -10.10
PA ADP J . 4.75 28.25 -12.43
O1A ADP J . 5.42 29.49 -12.77
O2A ADP J . 5.24 27.18 -13.28
O3A ADP J . 5.06 27.92 -10.95
O5' ADP J . 3.19 28.38 -12.65
C5' ADP J . 2.13 28.23 -11.71
C4' ADP J . 0.82 28.43 -12.52
O4' ADP J . -0.18 28.65 -11.53
C3' ADP J . 0.74 29.66 -13.43
O3' ADP J . 0.89 29.30 -14.79
C2' ADP J . -0.60 30.28 -13.16
O2' ADP J . -1.59 29.89 -14.11
C1' ADP J . -0.87 29.89 -11.74
N9 ADP J . -0.37 30.88 -10.71
C8 ADP J . 0.51 30.63 -9.75
N7 ADP J . 0.71 31.69 -9.04
C5 ADP J . -0.03 32.62 -9.52
C6 ADP J . -0.25 33.95 -9.20
N6 ADP J . 0.37 34.49 -8.19
N1 ADP J . -1.14 34.68 -9.94
C2 ADP J . -1.80 34.18 -10.98
N3 ADP J . -1.58 32.88 -11.28
C4 ADP J . -0.73 32.11 -10.60
PB ADP K . -3.34 31.63 24.51
O1B ADP K . -2.60 32.79 23.93
O2B ADP K . -3.82 32.01 25.98
O3B ADP K . -2.47 30.44 24.56
PA ADP K . -5.54 32.20 22.74
O1A ADP K . -5.39 33.59 23.07
O2A ADP K . -5.23 32.01 21.34
O3A ADP K . -4.58 31.30 23.62
O5' ADP K . -7.01 31.73 22.92
C5' ADP K . -7.55 30.66 23.70
C4' ADP K . -9.09 30.76 23.44
O4' ADP K . -9.53 31.72 24.39
C3' ADP K . -9.47 31.34 22.06
O3' ADP K . -10.57 30.63 21.47
C2' ADP K . -9.79 32.80 22.28
O2' ADP K . -10.80 33.29 21.39
C1' ADP K . -10.14 32.86 23.75
N9 ADP K . -9.59 34.07 24.46
C8 ADP K . -8.46 34.10 25.16
N7 ADP K . -8.27 35.29 25.65
C5 ADP K . -9.24 36.04 25.28
C6 ADP K . -9.57 37.37 25.47
N6 ADP K . -8.79 38.16 26.19
N1 ADP K . -10.73 37.87 24.92
C2 ADP K . -11.56 37.09 24.17
N3 ADP K . -11.23 35.80 23.98
C4 ADP K . -10.10 35.26 24.50
AL AF3 L . -2.34 31.36 26.68
F1 AF3 L . -2.77 29.57 26.45
F2 AF3 L . -1.10 32.20 25.60
F3 AF3 L . -3.14 32.32 28.03
#